data_1WFF
#
_entry.id   1WFF
#
loop_
_entity.id
_entity.type
_entity.pdbx_description
1 polymer 'RIKEN cDNA 2810002D23 protein'
2 non-polymer 'ZINC ION'
#
_entity_poly.entity_id   1
_entity_poly.type   'polypeptide(L)'
_entity_poly.pdbx_seq_one_letter_code
;GSSGSSGIHHLPPVKAPLQTKKKIMKHCFLCGKKTGLATSFECRCGNNFCASHRYAEAHGCNYDYKSAGRRYLEEANPVS
GPSSG
;
_entity_poly.pdbx_strand_id   A
#
loop_
_chem_comp.id
_chem_comp.type
_chem_comp.name
_chem_comp.formula
ZN non-polymer 'ZINC ION' 'Zn 2'
#
# COMPACT_ATOMS: atom_id res chain seq x y z
N GLY A 1 12.99 -77.66 -38.68
CA GLY A 1 12.89 -77.25 -37.29
C GLY A 1 13.51 -75.88 -37.04
N SER A 2 13.05 -75.22 -35.98
CA SER A 2 13.56 -73.90 -35.64
C SER A 2 12.98 -73.43 -34.31
N SER A 3 13.44 -72.27 -33.85
CA SER A 3 12.96 -71.69 -32.59
C SER A 3 13.50 -70.28 -32.39
N GLY A 4 12.95 -69.58 -31.41
CA GLY A 4 13.39 -68.22 -31.13
C GLY A 4 12.45 -67.49 -30.21
N SER A 5 12.93 -66.39 -29.64
CA SER A 5 12.12 -65.59 -28.71
C SER A 5 12.74 -64.21 -28.50
N SER A 6 12.02 -63.35 -27.78
CA SER A 6 12.50 -62.00 -27.51
C SER A 6 11.67 -61.35 -26.41
N GLY A 7 12.08 -60.14 -26.00
CA GLY A 7 11.37 -59.43 -24.96
C GLY A 7 11.16 -57.97 -25.29
N ILE A 8 10.23 -57.33 -24.59
CA ILE A 8 9.94 -55.91 -24.82
C ILE A 8 9.79 -55.17 -23.50
N HIS A 9 9.70 -53.84 -23.58
CA HIS A 9 9.56 -53.01 -22.40
C HIS A 9 8.62 -51.83 -22.67
N HIS A 10 8.38 -51.03 -21.64
CA HIS A 10 7.49 -49.87 -21.77
C HIS A 10 7.85 -48.80 -20.73
N LEU A 11 7.26 -47.63 -20.88
CA LEU A 11 7.50 -46.52 -19.95
C LEU A 11 6.36 -45.51 -19.99
N PRO A 12 5.86 -45.16 -18.80
CA PRO A 12 4.75 -44.21 -18.66
C PRO A 12 5.17 -42.79 -19.01
N PRO A 13 4.21 -42.00 -19.52
CA PRO A 13 4.46 -40.60 -19.92
C PRO A 13 4.69 -39.70 -18.70
N VAL A 14 5.41 -38.61 -18.92
CA VAL A 14 5.70 -37.65 -17.86
C VAL A 14 5.14 -36.28 -18.18
N LYS A 15 4.51 -35.66 -17.19
CA LYS A 15 3.93 -34.33 -17.37
C LYS A 15 3.36 -33.81 -16.05
N ALA A 16 3.48 -32.51 -15.84
CA ALA A 16 2.98 -31.88 -14.63
C ALA A 16 2.28 -30.55 -14.94
N PRO A 17 1.11 -30.34 -14.33
CA PRO A 17 0.32 -29.11 -14.52
C PRO A 17 0.98 -27.89 -13.89
N LEU A 18 1.85 -27.24 -14.65
CA LEU A 18 2.55 -26.05 -14.16
C LEU A 18 1.62 -24.84 -14.17
N GLN A 19 1.04 -24.54 -13.02
CA GLN A 19 0.14 -23.40 -12.90
C GLN A 19 0.85 -22.20 -12.27
N THR A 20 0.27 -21.02 -12.44
CA THR A 20 0.86 -19.79 -11.89
C THR A 20 -0.22 -18.76 -11.58
N LYS A 21 -0.09 -18.10 -10.43
CA LYS A 21 -1.05 -17.09 -10.01
C LYS A 21 -0.36 -15.97 -9.25
N LYS A 22 -0.84 -14.75 -9.44
CA LYS A 22 -0.26 -13.59 -8.76
C LYS A 22 -1.14 -12.35 -8.96
N LYS A 23 -1.66 -11.82 -7.86
CA LYS A 23 -2.51 -10.64 -7.91
C LYS A 23 -2.02 -9.57 -6.94
N ILE A 24 -2.11 -8.31 -7.35
CA ILE A 24 -1.69 -7.20 -6.51
C ILE A 24 -2.55 -7.09 -5.27
N MET A 25 -1.91 -6.81 -4.13
CA MET A 25 -2.63 -6.66 -2.87
C MET A 25 -2.34 -5.32 -2.22
N LYS A 26 -3.10 -4.30 -2.59
CA LYS A 26 -2.92 -2.97 -2.05
C LYS A 26 -3.76 -2.77 -0.78
N HIS A 27 -3.46 -1.70 -0.06
CA HIS A 27 -4.19 -1.40 1.18
C HIS A 27 -3.81 -0.03 1.72
N CYS A 28 -4.82 0.75 2.10
CA CYS A 28 -4.58 2.09 2.64
C CYS A 28 -3.26 2.14 3.40
N PHE A 29 -2.54 3.25 3.25
CA PHE A 29 -1.26 3.43 3.93
C PHE A 29 -1.45 4.09 5.29
N LEU A 30 -2.61 4.72 5.47
CA LEU A 30 -2.93 5.40 6.73
C LEU A 30 -3.38 4.40 7.78
N CYS A 31 -4.56 3.84 7.60
CA CYS A 31 -5.11 2.86 8.53
C CYS A 31 -4.64 1.46 8.19
N GLY A 32 -4.76 1.08 6.93
CA GLY A 32 -4.34 -0.23 6.49
C GLY A 32 -5.50 -1.08 6.01
N LYS A 33 -6.56 -0.43 5.55
CA LYS A 33 -7.74 -1.13 5.06
C LYS A 33 -7.57 -1.53 3.60
N LYS A 34 -7.98 -2.76 3.28
CA LYS A 34 -7.87 -3.26 1.91
C LYS A 34 -8.48 -2.28 0.91
N THR A 35 -7.75 -2.01 -0.16
CA THR A 35 -8.21 -1.08 -1.18
C THR A 35 -8.01 -1.66 -2.58
N GLY A 36 -6.85 -2.28 -2.81
CA GLY A 36 -6.56 -2.87 -4.10
C GLY A 36 -7.79 -3.46 -4.76
N LEU A 37 -8.16 -4.66 -4.34
CA LEU A 37 -9.32 -5.34 -4.90
C LEU A 37 -10.41 -4.34 -5.28
N ALA A 38 -10.77 -3.49 -4.34
CA ALA A 38 -11.79 -2.47 -4.58
C ALA A 38 -11.68 -1.33 -3.56
N THR A 39 -12.17 -0.16 -3.96
CA THR A 39 -12.12 1.01 -3.09
C THR A 39 -10.69 1.54 -2.97
N SER A 40 -10.07 1.81 -4.10
CA SER A 40 -8.70 2.33 -4.12
C SER A 40 -8.63 3.70 -4.78
N PHE A 41 -7.84 4.59 -4.20
CA PHE A 41 -7.69 5.94 -4.74
C PHE A 41 -6.24 6.42 -4.63
N GLU A 42 -5.90 7.45 -5.39
CA GLU A 42 -4.55 7.99 -5.39
C GLU A 42 -4.55 9.43 -4.88
N CYS A 43 -3.53 9.77 -4.10
CA CYS A 43 -3.41 11.12 -3.55
C CYS A 43 -2.29 11.89 -4.24
N ARG A 44 -2.31 13.21 -4.08
CA ARG A 44 -1.30 14.06 -4.69
C ARG A 44 0.11 13.55 -4.39
N CYS A 45 0.27 12.97 -3.20
CA CYS A 45 1.57 12.43 -2.78
C CYS A 45 1.85 11.10 -3.46
N GLY A 46 0.79 10.34 -3.72
CA GLY A 46 0.94 9.04 -4.37
C GLY A 46 0.46 7.90 -3.49
N ASN A 47 0.73 8.00 -2.20
CA ASN A 47 0.32 6.97 -1.26
C ASN A 47 -1.13 6.56 -1.48
N ASN A 48 -1.39 5.26 -1.42
CA ASN A 48 -2.74 4.74 -1.64
C ASN A 48 -3.50 4.68 -0.32
N PHE A 49 -4.67 5.30 -0.30
CA PHE A 49 -5.51 5.33 0.91
C PHE A 49 -6.89 4.76 0.62
N CYS A 50 -7.70 4.64 1.66
CA CYS A 50 -9.06 4.11 1.52
C CYS A 50 -10.04 5.21 1.16
N ALA A 51 -11.22 4.82 0.67
CA ALA A 51 -12.24 5.77 0.29
C ALA A 51 -12.52 6.77 1.42
N SER A 52 -12.18 6.37 2.64
CA SER A 52 -12.39 7.22 3.81
C SER A 52 -11.23 8.21 3.98
N HIS A 53 -10.03 7.77 3.63
CA HIS A 53 -8.85 8.61 3.74
C HIS A 53 -8.24 8.87 2.37
N ARG A 54 -9.05 8.75 1.33
CA ARG A 54 -8.59 8.97 -0.04
C ARG A 54 -8.18 10.42 -0.24
N TYR A 55 -8.80 11.32 0.53
CA TYR A 55 -8.51 12.74 0.43
C TYR A 55 -7.20 13.08 1.15
N ALA A 56 -6.47 14.05 0.59
CA ALA A 56 -5.20 14.47 1.19
C ALA A 56 -5.37 14.83 2.66
N GLU A 57 -6.26 15.79 2.92
CA GLU A 57 -6.51 16.23 4.29
C GLU A 57 -6.81 15.04 5.20
N ALA A 58 -7.60 14.10 4.69
CA ALA A 58 -7.97 12.91 5.46
C ALA A 58 -6.75 12.32 6.16
N HIS A 59 -5.60 12.37 5.50
CA HIS A 59 -4.37 11.83 6.06
C HIS A 59 -3.29 12.91 6.11
N GLY A 60 -3.68 14.13 6.47
CA GLY A 60 -2.73 15.22 6.54
C GLY A 60 -1.65 15.12 5.48
N CYS A 61 -2.06 15.04 4.23
CA CYS A 61 -1.11 14.93 3.12
C CYS A 61 0.09 15.85 3.34
N ASN A 62 1.23 15.47 2.79
CA ASN A 62 2.45 16.26 2.93
C ASN A 62 2.78 16.98 1.61
N TYR A 63 2.63 16.28 0.51
CA TYR A 63 2.91 16.85 -0.81
C TYR A 63 2.46 18.30 -0.87
N ASP A 64 3.34 19.17 -1.37
CA ASP A 64 3.03 20.59 -1.49
C ASP A 64 2.20 20.86 -2.73
N TYR A 65 0.88 20.88 -2.56
CA TYR A 65 -0.03 21.13 -3.66
C TYR A 65 -0.63 22.54 -3.58
N LYS A 66 0.21 23.51 -3.24
CA LYS A 66 -0.23 24.89 -3.12
C LYS A 66 -0.19 25.59 -4.47
N SER A 67 0.87 25.33 -5.23
CA SER A 67 1.02 25.93 -6.55
C SER A 67 -0.06 25.44 -7.51
N ALA A 68 -0.14 24.12 -7.69
CA ALA A 68 -1.14 23.53 -8.57
C ALA A 68 -2.35 23.04 -7.78
N GLY A 69 -3.27 23.96 -7.49
CA GLY A 69 -4.46 23.60 -6.74
C GLY A 69 -4.53 24.29 -5.39
N ARG A 70 -5.68 24.88 -5.09
CA ARG A 70 -5.87 25.58 -3.82
C ARG A 70 -7.34 25.64 -3.45
N ARG A 71 -7.62 26.11 -2.24
CA ARG A 71 -9.00 26.21 -1.76
C ARG A 71 -9.25 27.58 -1.14
N TYR A 72 -8.46 27.92 -0.12
CA TYR A 72 -8.61 29.20 0.56
C TYR A 72 -8.02 30.33 -0.27
N LEU A 73 -8.82 31.36 -0.51
CA LEU A 73 -8.37 32.51 -1.29
C LEU A 73 -8.63 33.82 -0.54
N GLU A 74 -7.83 34.83 -0.83
CA GLU A 74 -7.98 36.13 -0.19
C GLU A 74 -7.78 37.26 -1.19
N GLU A 75 -8.38 38.41 -0.90
CA GLU A 75 -8.27 39.57 -1.79
C GLU A 75 -6.98 40.34 -1.51
N ALA A 76 -6.20 40.55 -2.57
CA ALA A 76 -4.94 41.27 -2.46
C ALA A 76 -5.18 42.76 -2.25
N ASN A 77 -4.33 43.38 -1.44
CA ASN A 77 -4.44 44.80 -1.16
C ASN A 77 -4.71 45.60 -2.43
N PRO A 78 -5.32 46.78 -2.28
CA PRO A 78 -5.64 47.66 -3.41
C PRO A 78 -4.39 48.27 -4.04
N VAL A 79 -4.07 47.85 -5.26
CA VAL A 79 -2.91 48.36 -5.97
C VAL A 79 -3.32 49.09 -7.24
N SER A 80 -2.55 50.11 -7.61
CA SER A 80 -2.83 50.90 -8.80
C SER A 80 -2.43 50.13 -10.06
N GLY A 81 -1.23 49.53 -10.03
CA GLY A 81 -0.76 48.79 -11.17
C GLY A 81 -0.99 49.50 -12.48
N PRO A 82 0.01 50.31 -12.89
CA PRO A 82 -0.07 51.08 -14.14
C PRO A 82 0.00 50.18 -15.37
N SER A 83 0.27 48.91 -15.15
CA SER A 83 0.38 47.95 -16.25
C SER A 83 -0.76 48.15 -17.26
N SER A 84 -1.98 48.24 -16.76
CA SER A 84 -3.15 48.42 -17.62
C SER A 84 -3.28 49.89 -18.03
N GLY A 85 -3.92 50.11 -19.18
CA GLY A 85 -4.09 51.46 -19.67
C GLY A 85 -5.56 51.86 -19.73
ZN ZN B . -7.58 4.37 5.47
ZN ZN C . -1.29 12.48 0.23
N GLY A 1 40.68 -28.98 24.21
CA GLY A 1 40.96 -29.31 22.82
C GLY A 1 39.90 -30.19 22.20
N SER A 2 39.62 -29.97 20.92
CA SER A 2 38.62 -30.76 20.21
C SER A 2 38.92 -30.80 18.71
N SER A 3 38.22 -31.67 17.99
CA SER A 3 38.40 -31.80 16.55
C SER A 3 37.33 -31.04 15.79
N GLY A 4 36.09 -31.20 16.23
CA GLY A 4 34.98 -30.52 15.57
C GLY A 4 34.67 -31.10 14.21
N SER A 5 33.41 -31.02 13.80
CA SER A 5 32.98 -31.55 12.51
C SER A 5 31.67 -30.91 12.07
N SER A 6 31.49 -30.78 10.76
CA SER A 6 30.29 -30.18 10.20
C SER A 6 30.24 -30.35 8.68
N GLY A 7 29.03 -30.46 8.14
CA GLY A 7 28.87 -30.63 6.70
C GLY A 7 27.44 -30.45 6.26
N ILE A 8 27.23 -30.42 4.95
CA ILE A 8 25.89 -30.27 4.39
C ILE A 8 25.86 -30.63 2.91
N HIS A 9 24.77 -31.26 2.48
CA HIS A 9 24.62 -31.65 1.09
C HIS A 9 23.23 -32.21 0.83
N HIS A 10 22.56 -31.67 -0.19
CA HIS A 10 21.22 -32.12 -0.55
C HIS A 10 20.73 -31.43 -1.82
N LEU A 11 19.66 -31.95 -2.39
CA LEU A 11 19.09 -31.39 -3.61
C LEU A 11 17.59 -31.14 -3.46
N PRO A 12 17.18 -29.89 -3.73
CA PRO A 12 15.76 -29.49 -3.63
C PRO A 12 14.91 -30.13 -4.72
N PRO A 13 13.71 -30.61 -4.32
CA PRO A 13 12.77 -31.25 -5.24
C PRO A 13 12.15 -30.25 -6.23
N VAL A 14 11.35 -30.77 -7.15
CA VAL A 14 10.70 -29.92 -8.15
C VAL A 14 9.31 -30.45 -8.49
N LYS A 15 8.29 -29.70 -8.12
CA LYS A 15 6.90 -30.08 -8.39
C LYS A 15 5.94 -28.95 -8.05
N ALA A 16 5.38 -28.33 -9.08
CA ALA A 16 4.44 -27.24 -8.89
C ALA A 16 3.52 -27.08 -10.10
N PRO A 17 2.23 -26.87 -9.84
CA PRO A 17 1.21 -26.70 -10.89
C PRO A 17 1.39 -25.39 -11.64
N LEU A 18 0.91 -25.35 -12.88
CA LEU A 18 1.00 -24.16 -13.70
C LEU A 18 -0.14 -23.20 -13.40
N GLN A 19 -0.03 -22.48 -12.29
CA GLN A 19 -1.06 -21.52 -11.90
C GLN A 19 -0.44 -20.33 -11.17
N THR A 20 -1.27 -19.34 -10.85
CA THR A 20 -0.81 -18.15 -10.16
C THR A 20 -0.42 -18.47 -8.71
N LYS A 21 0.53 -17.70 -8.18
CA LYS A 21 0.99 -17.90 -6.81
C LYS A 21 0.54 -16.76 -5.91
N LYS A 22 0.92 -15.54 -6.27
CA LYS A 22 0.55 -14.36 -5.49
C LYS A 22 0.11 -13.22 -6.41
N LYS A 23 -0.92 -12.49 -5.98
CA LYS A 23 -1.44 -11.38 -6.76
C LYS A 23 -1.23 -10.05 -6.02
N ILE A 24 -0.72 -9.05 -6.73
CA ILE A 24 -0.49 -7.74 -6.15
C ILE A 24 -1.54 -7.41 -5.10
N MET A 25 -1.08 -7.07 -3.89
CA MET A 25 -1.99 -6.73 -2.81
C MET A 25 -1.78 -5.29 -2.36
N LYS A 26 -2.84 -4.50 -2.43
CA LYS A 26 -2.78 -3.09 -2.03
C LYS A 26 -3.74 -2.80 -0.88
N HIS A 27 -3.43 -1.78 -0.10
CA HIS A 27 -4.27 -1.40 1.03
C HIS A 27 -3.89 -0.01 1.55
N CYS A 28 -4.87 0.71 2.10
CA CYS A 28 -4.64 2.04 2.62
C CYS A 28 -3.30 2.11 3.34
N PHE A 29 -2.69 3.29 3.34
CA PHE A 29 -1.41 3.51 3.99
C PHE A 29 -1.59 4.11 5.37
N LEU A 30 -2.68 4.83 5.56
CA LEU A 30 -2.97 5.47 6.84
C LEU A 30 -3.39 4.44 7.87
N CYS A 31 -4.56 3.85 7.69
CA CYS A 31 -5.07 2.85 8.61
C CYS A 31 -4.60 1.46 8.21
N GLY A 32 -4.73 1.14 6.93
CA GLY A 32 -4.32 -0.17 6.43
C GLY A 32 -5.48 -1.01 5.98
N LYS A 33 -6.58 -0.36 5.63
CA LYS A 33 -7.78 -1.07 5.18
C LYS A 33 -7.60 -1.58 3.75
N LYS A 34 -8.28 -2.67 3.43
CA LYS A 34 -8.19 -3.28 2.11
C LYS A 34 -8.79 -2.34 1.05
N THR A 35 -8.17 -2.31 -0.12
CA THR A 35 -8.63 -1.46 -1.21
C THR A 35 -8.55 -2.19 -2.55
N GLY A 36 -9.70 -2.38 -3.19
CA GLY A 36 -9.74 -3.07 -4.47
C GLY A 36 -9.27 -2.18 -5.60
N LEU A 37 -9.48 -2.65 -6.83
CA LEU A 37 -9.07 -1.89 -8.01
C LEU A 37 -9.70 -0.50 -8.02
N ALA A 38 -10.97 -0.43 -7.63
CA ALA A 38 -11.69 0.83 -7.59
C ALA A 38 -11.42 1.57 -6.27
N THR A 39 -11.90 0.99 -5.18
CA THR A 39 -11.71 1.59 -3.86
C THR A 39 -10.37 2.29 -3.75
N SER A 40 -9.35 1.70 -4.39
CA SER A 40 -8.01 2.26 -4.36
C SER A 40 -7.97 3.63 -5.03
N PHE A 41 -7.60 4.65 -4.26
CA PHE A 41 -7.53 6.02 -4.78
C PHE A 41 -6.09 6.49 -4.88
N GLU A 42 -5.88 7.62 -5.53
CA GLU A 42 -4.55 8.19 -5.69
C GLU A 42 -4.49 9.63 -5.20
N CYS A 43 -3.59 9.89 -4.26
CA CYS A 43 -3.44 11.22 -3.69
C CYS A 43 -2.29 11.97 -4.37
N ARG A 44 -2.30 13.29 -4.24
CA ARG A 44 -1.26 14.12 -4.84
C ARG A 44 0.12 13.55 -4.54
N CYS A 45 0.28 12.97 -3.36
CA CYS A 45 1.55 12.38 -2.96
C CYS A 45 1.78 11.04 -3.64
N GLY A 46 0.69 10.29 -3.84
CA GLY A 46 0.78 9.00 -4.49
C GLY A 46 0.30 7.87 -3.59
N ASN A 47 0.57 7.98 -2.30
CA ASN A 47 0.16 6.97 -1.33
C ASN A 47 -1.29 6.54 -1.58
N ASN A 48 -1.55 5.25 -1.42
CA ASN A 48 -2.89 4.71 -1.62
C ASN A 48 -3.65 4.63 -0.30
N PHE A 49 -4.78 5.32 -0.23
CA PHE A 49 -5.61 5.32 0.98
C PHE A 49 -7.01 4.79 0.68
N CYS A 50 -7.76 4.51 1.73
CA CYS A 50 -9.12 4.00 1.60
C CYS A 50 -10.08 5.12 1.22
N ALA A 51 -11.25 4.74 0.70
CA ALA A 51 -12.26 5.70 0.29
C ALA A 51 -12.55 6.70 1.41
N SER A 52 -12.25 6.30 2.64
CA SER A 52 -12.48 7.15 3.80
C SER A 52 -11.31 8.11 4.01
N HIS A 53 -10.11 7.64 3.68
CA HIS A 53 -8.91 8.46 3.84
C HIS A 53 -8.30 8.78 2.48
N ARG A 54 -9.10 8.67 1.43
CA ARG A 54 -8.63 8.93 0.07
C ARG A 54 -8.26 10.39 -0.10
N TYR A 55 -8.93 11.27 0.65
CA TYR A 55 -8.66 12.70 0.59
C TYR A 55 -7.36 13.04 1.31
N ALA A 56 -6.63 14.00 0.74
CA ALA A 56 -5.36 14.41 1.33
C ALA A 56 -5.53 14.81 2.79
N GLU A 57 -6.36 15.82 3.04
CA GLU A 57 -6.61 16.29 4.39
C GLU A 57 -6.91 15.13 5.32
N ALA A 58 -7.51 14.07 4.77
CA ALA A 58 -7.85 12.89 5.56
C ALA A 58 -6.62 12.31 6.24
N HIS A 59 -5.49 12.32 5.52
CA HIS A 59 -4.24 11.79 6.06
C HIS A 59 -3.18 12.89 6.15
N GLY A 60 -3.62 14.11 6.39
CA GLY A 60 -2.69 15.23 6.48
C GLY A 60 -1.56 15.13 5.48
N CYS A 61 -1.92 15.09 4.20
CA CYS A 61 -0.92 14.99 3.13
C CYS A 61 0.23 15.96 3.38
N ASN A 62 1.41 15.63 2.84
CA ASN A 62 2.58 16.47 3.00
C ASN A 62 2.97 17.11 1.68
N TYR A 63 2.85 16.36 0.60
CA TYR A 63 3.19 16.85 -0.74
C TYR A 63 2.73 18.30 -0.91
N ASP A 64 3.41 19.02 -1.79
CA ASP A 64 3.07 20.42 -2.06
C ASP A 64 2.15 20.52 -3.27
N TYR A 65 0.86 20.74 -3.02
CA TYR A 65 -0.12 20.86 -4.09
C TYR A 65 -0.73 22.27 -4.11
N LYS A 66 0.11 23.27 -3.88
CA LYS A 66 -0.35 24.66 -3.88
C LYS A 66 -0.56 25.16 -5.29
N SER A 67 0.39 24.88 -6.18
CA SER A 67 0.31 25.31 -7.57
C SER A 67 -0.47 24.29 -8.40
N ALA A 68 -1.64 23.90 -7.90
CA ALA A 68 -2.49 22.94 -8.60
C ALA A 68 -3.89 22.90 -7.98
N GLY A 69 -4.89 23.25 -8.77
CA GLY A 69 -6.26 23.24 -8.30
C GLY A 69 -6.48 24.24 -7.17
N ARG A 70 -7.66 24.85 -7.15
CA ARG A 70 -7.99 25.83 -6.12
C ARG A 70 -8.89 25.22 -5.06
N ARG A 71 -8.32 24.90 -3.91
CA ARG A 71 -9.08 24.31 -2.81
C ARG A 71 -8.44 24.64 -1.46
N TYR A 72 -9.06 25.55 -0.72
CA TYR A 72 -8.57 25.96 0.57
C TYR A 72 -9.71 26.26 1.54
N LEU A 73 -9.62 25.71 2.75
CA LEU A 73 -10.65 25.92 3.75
C LEU A 73 -10.09 26.69 4.95
N GLU A 74 -10.82 27.72 5.38
CA GLU A 74 -10.39 28.53 6.52
C GLU A 74 -11.53 28.67 7.53
N GLU A 75 -12.16 27.55 7.87
CA GLU A 75 -13.25 27.55 8.84
C GLU A 75 -14.04 28.85 8.75
N ALA A 76 -14.52 29.18 7.55
CA ALA A 76 -15.30 30.39 7.34
C ALA A 76 -16.47 30.13 6.40
N ASN A 77 -17.61 30.73 6.72
CA ASN A 77 -18.81 30.56 5.91
C ASN A 77 -19.94 31.47 6.41
N PRO A 78 -20.61 32.14 5.46
CA PRO A 78 -21.71 33.06 5.77
C PRO A 78 -22.95 32.32 6.28
N VAL A 79 -23.13 32.31 7.59
CA VAL A 79 -24.27 31.64 8.21
C VAL A 79 -24.94 32.54 9.25
N SER A 80 -26.16 32.96 8.97
CA SER A 80 -26.90 33.82 9.89
C SER A 80 -27.86 33.00 10.75
N GLY A 81 -27.47 32.77 12.01
CA GLY A 81 -28.30 32.00 12.91
C GLY A 81 -28.75 32.82 14.11
N PRO A 82 -29.74 33.70 13.89
CA PRO A 82 -30.29 34.56 14.94
C PRO A 82 -31.09 33.77 15.97
N SER A 83 -30.42 33.32 17.03
CA SER A 83 -31.08 32.56 18.08
C SER A 83 -31.63 33.47 19.17
N SER A 84 -32.88 33.25 19.55
CA SER A 84 -33.53 34.07 20.58
C SER A 84 -34.75 33.35 21.14
N GLY A 85 -34.64 32.88 22.38
CA GLY A 85 -35.74 32.19 23.01
C GLY A 85 -35.31 31.40 24.23
ZN ZN B . -7.60 4.23 5.55
ZN ZN C . -1.29 12.51 0.08
N GLY A 1 2.68 -18.46 57.46
CA GLY A 1 3.44 -18.66 56.24
C GLY A 1 2.93 -19.82 55.42
N SER A 2 3.29 -19.86 54.14
CA SER A 2 2.86 -20.93 53.25
C SER A 2 3.50 -20.78 51.88
N SER A 3 3.53 -21.88 51.13
CA SER A 3 4.12 -21.88 49.79
C SER A 3 3.77 -23.15 49.04
N GLY A 4 4.14 -23.20 47.76
CA GLY A 4 3.84 -24.36 46.95
C GLY A 4 3.32 -24.00 45.58
N SER A 5 3.58 -24.86 44.60
CA SER A 5 3.14 -24.62 43.23
C SER A 5 3.46 -25.81 42.33
N SER A 6 3.07 -25.73 41.07
CA SER A 6 3.31 -26.80 40.12
C SER A 6 2.96 -26.36 38.70
N GLY A 7 3.20 -27.24 37.73
CA GLY A 7 2.89 -26.92 36.35
C GLY A 7 3.02 -28.12 35.43
N ILE A 8 1.89 -28.67 35.01
CA ILE A 8 1.88 -29.82 34.13
C ILE A 8 1.01 -29.58 32.90
N HIS A 9 1.53 -29.92 31.73
CA HIS A 9 0.80 -29.73 30.48
C HIS A 9 1.38 -30.61 29.37
N HIS A 10 0.56 -30.94 28.39
CA HIS A 10 0.99 -31.77 27.28
C HIS A 10 0.05 -31.63 26.08
N LEU A 11 0.61 -31.32 24.93
CA LEU A 11 -0.18 -31.15 23.71
C LEU A 11 0.71 -31.01 22.49
N PRO A 12 0.36 -31.71 21.41
CA PRO A 12 1.11 -31.68 20.15
C PRO A 12 0.99 -30.34 19.44
N PRO A 13 1.95 -30.06 18.54
CA PRO A 13 1.97 -28.81 17.77
C PRO A 13 0.83 -28.75 16.74
N VAL A 14 0.52 -27.53 16.29
CA VAL A 14 -0.54 -27.34 15.30
C VAL A 14 -0.03 -26.55 14.10
N LYS A 15 -0.29 -27.07 12.91
CA LYS A 15 0.13 -26.41 11.68
C LYS A 15 -0.98 -26.46 10.62
N ALA A 16 -0.75 -25.79 9.50
CA ALA A 16 -1.72 -25.75 8.42
C ALA A 16 -1.03 -25.54 7.07
N PRO A 17 -1.68 -26.02 6.00
CA PRO A 17 -1.15 -25.88 4.64
C PRO A 17 -1.19 -24.44 4.14
N LEU A 18 -0.20 -24.08 3.33
CA LEU A 18 -0.11 -22.73 2.78
C LEU A 18 0.57 -22.73 1.41
N GLN A 19 -0.22 -22.52 0.37
CA GLN A 19 0.31 -22.50 -1.00
C GLN A 19 0.41 -21.07 -1.52
N THR A 20 0.87 -20.16 -0.67
CA THR A 20 1.01 -18.76 -1.04
C THR A 20 2.30 -18.16 -0.49
N LYS A 21 3.15 -17.67 -1.38
CA LYS A 21 4.42 -17.07 -0.99
C LYS A 21 4.33 -15.54 -1.02
N LYS A 22 4.36 -14.98 -2.22
CA LYS A 22 4.29 -13.54 -2.39
C LYS A 22 3.43 -13.17 -3.60
N LYS A 23 2.60 -12.15 -3.43
CA LYS A 23 1.73 -11.70 -4.51
C LYS A 23 1.49 -10.20 -4.44
N ILE A 24 0.87 -9.64 -5.47
CA ILE A 24 0.58 -8.21 -5.51
C ILE A 24 -0.70 -7.88 -4.77
N MET A 25 -0.62 -6.96 -3.82
CA MET A 25 -1.77 -6.55 -3.03
C MET A 25 -1.67 -5.09 -2.62
N LYS A 26 -2.80 -4.41 -2.56
CA LYS A 26 -2.84 -3.00 -2.17
C LYS A 26 -3.67 -2.80 -0.91
N HIS A 27 -3.32 -1.80 -0.12
CA HIS A 27 -4.05 -1.49 1.10
C HIS A 27 -3.67 -0.11 1.63
N CYS A 28 -4.69 0.66 2.03
CA CYS A 28 -4.46 2.01 2.55
C CYS A 28 -3.16 2.07 3.34
N PHE A 29 -2.55 3.26 3.36
CA PHE A 29 -1.29 3.46 4.07
C PHE A 29 -1.55 4.05 5.46
N LEU A 30 -2.65 4.77 5.60
CA LEU A 30 -3.01 5.40 6.87
C LEU A 30 -3.45 4.34 7.88
N CYS A 31 -4.60 3.72 7.61
CA CYS A 31 -5.15 2.70 8.50
C CYS A 31 -4.72 1.30 8.04
N GLY A 32 -4.88 1.04 6.74
CA GLY A 32 -4.51 -0.25 6.19
C GLY A 32 -5.70 -1.02 5.65
N LYS A 33 -6.76 -0.29 5.31
CA LYS A 33 -7.97 -0.91 4.77
C LYS A 33 -7.65 -1.72 3.52
N LYS A 34 -8.40 -2.80 3.33
CA LYS A 34 -8.22 -3.67 2.17
C LYS A 34 -8.66 -2.97 0.88
N THR A 35 -7.73 -2.23 0.27
CA THR A 35 -8.04 -1.51 -0.97
C THR A 35 -7.60 -2.32 -2.18
N GLY A 36 -8.49 -3.16 -2.68
CA GLY A 36 -8.16 -3.97 -3.85
C GLY A 36 -7.97 -3.15 -5.10
N LEU A 37 -9.00 -3.06 -5.93
CA LEU A 37 -8.93 -2.30 -7.17
C LEU A 37 -9.93 -1.14 -7.14
N ALA A 38 -11.22 -1.48 -7.08
CA ALA A 38 -12.27 -0.48 -7.05
C ALA A 38 -12.21 0.35 -5.77
N THR A 39 -12.07 -0.33 -4.64
CA THR A 39 -11.99 0.34 -3.35
C THR A 39 -10.59 0.88 -3.09
N SER A 40 -10.05 1.61 -4.06
CA SER A 40 -8.72 2.19 -3.94
C SER A 40 -8.66 3.55 -4.62
N PHE A 41 -7.90 4.47 -4.01
CA PHE A 41 -7.75 5.82 -4.56
C PHE A 41 -6.30 6.27 -4.50
N GLU A 42 -5.98 7.32 -5.25
CA GLU A 42 -4.62 7.85 -5.28
C GLU A 42 -4.59 9.30 -4.79
N CYS A 43 -3.50 9.67 -4.13
CA CYS A 43 -3.35 11.02 -3.61
C CYS A 43 -2.26 11.77 -4.36
N ARG A 44 -2.29 13.10 -4.26
CA ARG A 44 -1.31 13.95 -4.94
C ARG A 44 0.11 13.47 -4.62
N CYS A 45 0.31 13.00 -3.40
CA CYS A 45 1.62 12.52 -2.96
C CYS A 45 1.96 11.20 -3.64
N GLY A 46 0.97 10.34 -3.80
CA GLY A 46 1.18 9.05 -4.43
C GLY A 46 0.70 7.89 -3.57
N ASN A 47 0.86 8.03 -2.27
CA ASN A 47 0.44 6.98 -1.34
C ASN A 47 -1.02 6.60 -1.56
N ASN A 48 -1.32 5.32 -1.43
CA ASN A 48 -2.68 4.83 -1.62
C ASN A 48 -3.43 4.78 -0.29
N PHE A 49 -4.63 5.36 -0.27
CA PHE A 49 -5.45 5.38 0.93
C PHE A 49 -6.86 4.85 0.64
N CYS A 50 -7.64 4.67 1.70
CA CYS A 50 -9.00 4.17 1.57
C CYS A 50 -9.95 5.29 1.15
N ALA A 51 -11.17 4.91 0.78
CA ALA A 51 -12.18 5.88 0.37
C ALA A 51 -12.38 6.96 1.43
N SER A 52 -12.22 6.57 2.70
CA SER A 52 -12.38 7.50 3.81
C SER A 52 -11.14 8.35 3.99
N HIS A 53 -9.99 7.79 3.65
CA HIS A 53 -8.73 8.50 3.78
C HIS A 53 -8.12 8.79 2.41
N ARG A 54 -8.96 8.80 1.38
CA ARG A 54 -8.52 9.06 0.02
C ARG A 54 -8.17 10.54 -0.15
N TYR A 55 -8.85 11.40 0.60
CA TYR A 55 -8.60 12.83 0.51
C TYR A 55 -7.32 13.22 1.25
N ALA A 56 -6.52 14.08 0.64
CA ALA A 56 -5.28 14.53 1.24
C ALA A 56 -5.46 14.85 2.71
N GLU A 57 -6.27 15.87 2.99
CA GLU A 57 -6.53 16.29 4.37
C GLU A 57 -6.81 15.07 5.26
N ALA A 58 -7.60 14.15 4.75
CA ALA A 58 -7.95 12.94 5.49
C ALA A 58 -6.73 12.37 6.20
N HIS A 59 -5.58 12.41 5.52
CA HIS A 59 -4.34 11.89 6.09
C HIS A 59 -3.27 12.98 6.14
N GLY A 60 -3.69 14.19 6.49
CA GLY A 60 -2.75 15.31 6.56
C GLY A 60 -1.67 15.23 5.51
N CYS A 61 -2.09 15.08 4.25
CA CYS A 61 -1.15 14.99 3.14
C CYS A 61 0.05 15.90 3.37
N ASN A 62 1.19 15.52 2.81
CA ASN A 62 2.41 16.30 2.94
C ASN A 62 2.72 17.07 1.67
N TYR A 63 2.56 16.40 0.53
CA TYR A 63 2.81 17.02 -0.77
C TYR A 63 2.32 18.46 -0.79
N ASP A 64 3.25 19.39 -0.92
CA ASP A 64 2.91 20.81 -0.96
C ASP A 64 2.15 21.15 -2.24
N TYR A 65 0.83 20.98 -2.20
CA TYR A 65 -0.01 21.26 -3.36
C TYR A 65 -0.40 22.73 -3.40
N LYS A 66 0.60 23.61 -3.29
CA LYS A 66 0.35 25.05 -3.32
C LYS A 66 -0.56 25.43 -4.47
N SER A 67 -0.93 26.70 -4.54
CA SER A 67 -1.80 27.19 -5.60
C SER A 67 -1.53 26.46 -6.91
N ALA A 68 -0.25 26.26 -7.22
CA ALA A 68 0.14 25.57 -8.45
C ALA A 68 -0.70 26.04 -9.64
N GLY A 69 -0.93 27.35 -9.71
CA GLY A 69 -1.71 27.90 -10.80
C GLY A 69 -3.13 27.34 -10.83
N ARG A 70 -3.98 27.87 -9.95
CA ARG A 70 -5.37 27.42 -9.88
C ARG A 70 -6.28 28.57 -9.47
N ARG A 71 -7.53 28.52 -9.92
CA ARG A 71 -8.50 29.56 -9.60
C ARG A 71 -9.40 29.13 -8.45
N TYR A 72 -9.31 29.83 -7.33
CA TYR A 72 -10.12 29.51 -6.16
C TYR A 72 -11.58 29.28 -6.55
N LEU A 73 -12.13 28.17 -6.08
CA LEU A 73 -13.53 27.84 -6.37
C LEU A 73 -14.45 28.98 -5.97
N GLU A 74 -15.75 28.79 -6.22
CA GLU A 74 -16.74 29.80 -5.89
C GLU A 74 -17.78 29.26 -4.90
N GLU A 75 -17.66 29.67 -3.65
CA GLU A 75 -18.59 29.22 -2.61
C GLU A 75 -18.54 30.14 -1.40
N ALA A 76 -19.70 30.42 -0.82
CA ALA A 76 -19.80 31.29 0.34
C ALA A 76 -21.13 31.10 1.06
N ASN A 77 -21.05 30.87 2.37
CA ASN A 77 -22.24 30.67 3.18
C ASN A 77 -22.11 31.36 4.53
N PRO A 78 -23.25 31.79 5.10
CA PRO A 78 -23.28 32.46 6.40
C PRO A 78 -22.95 31.52 7.55
N VAL A 79 -23.01 32.04 8.78
CA VAL A 79 -22.71 31.25 9.96
C VAL A 79 -23.19 31.95 11.22
N SER A 80 -23.72 31.17 12.16
CA SER A 80 -24.22 31.71 13.42
C SER A 80 -23.09 32.34 14.22
N GLY A 81 -23.46 33.17 15.20
CA GLY A 81 -22.46 33.82 16.04
C GLY A 81 -23.09 34.62 17.16
N PRO A 82 -22.47 34.56 18.35
CA PRO A 82 -22.94 35.28 19.54
C PRO A 82 -22.77 36.78 19.41
N SER A 83 -23.19 37.51 20.44
CA SER A 83 -23.09 38.96 20.45
C SER A 83 -21.63 39.41 20.41
N SER A 84 -20.83 38.82 21.30
CA SER A 84 -19.41 39.16 21.38
C SER A 84 -18.69 38.79 20.09
N GLY A 85 -17.56 39.44 19.84
CA GLY A 85 -16.79 39.17 18.64
C GLY A 85 -16.21 40.42 18.02
ZN ZN B . -7.45 4.22 5.43
ZN ZN C . -1.29 12.59 0.21
N GLY A 1 49.88 -61.51 8.76
CA GLY A 1 49.36 -60.18 8.50
C GLY A 1 48.95 -59.47 9.78
N SER A 2 47.80 -59.85 10.33
CA SER A 2 47.31 -59.22 11.55
C SER A 2 46.99 -57.75 11.32
N SER A 3 46.31 -57.46 10.21
CA SER A 3 45.94 -56.10 9.87
C SER A 3 44.50 -56.03 9.41
N GLY A 4 43.90 -54.85 9.53
CA GLY A 4 42.51 -54.66 9.13
C GLY A 4 42.00 -53.27 9.43
N SER A 5 40.82 -52.95 8.92
CA SER A 5 40.21 -51.64 9.14
C SER A 5 38.78 -51.60 8.61
N SER A 6 38.06 -50.54 8.93
CA SER A 6 36.68 -50.38 8.50
C SER A 6 36.14 -49.01 8.90
N GLY A 7 35.07 -48.59 8.23
CA GLY A 7 34.47 -47.31 8.53
C GLY A 7 33.88 -46.65 7.30
N ILE A 8 32.65 -46.16 7.41
CA ILE A 8 31.98 -45.49 6.31
C ILE A 8 31.06 -44.38 6.80
N HIS A 9 30.99 -43.30 6.03
CA HIS A 9 30.14 -42.16 6.39
C HIS A 9 29.67 -41.43 5.14
N HIS A 10 28.38 -41.14 5.09
CA HIS A 10 27.78 -40.45 3.95
C HIS A 10 26.50 -39.73 4.36
N LEU A 11 26.45 -38.43 4.09
CA LEU A 11 25.28 -37.62 4.43
C LEU A 11 24.57 -37.13 3.17
N PRO A 12 23.23 -37.15 3.21
CA PRO A 12 22.40 -36.71 2.08
C PRO A 12 22.48 -35.21 1.85
N PRO A 13 22.63 -34.81 0.57
CA PRO A 13 22.73 -33.41 0.19
C PRO A 13 21.41 -32.66 0.36
N VAL A 14 21.48 -31.34 0.41
CA VAL A 14 20.28 -30.51 0.57
C VAL A 14 20.36 -29.25 -0.29
N LYS A 15 19.48 -29.17 -1.27
CA LYS A 15 19.44 -28.02 -2.17
C LYS A 15 18.02 -27.79 -2.69
N ALA A 16 17.72 -26.53 -3.03
CA ALA A 16 16.42 -26.18 -3.56
C ALA A 16 16.41 -24.77 -4.14
N PRO A 17 15.76 -24.60 -5.29
CA PRO A 17 15.66 -23.31 -5.98
C PRO A 17 14.80 -22.31 -5.23
N LEU A 18 15.24 -21.06 -5.20
CA LEU A 18 14.49 -20.01 -4.51
C LEU A 18 13.50 -19.34 -5.44
N GLN A 19 12.28 -19.90 -5.51
CA GLN A 19 11.24 -19.35 -6.37
C GLN A 19 10.00 -18.99 -5.55
N THR A 20 9.49 -17.79 -5.76
CA THR A 20 8.31 -17.33 -5.05
C THR A 20 7.35 -16.58 -5.99
N LYS A 21 6.06 -16.78 -5.77
CA LYS A 21 5.05 -16.13 -6.60
C LYS A 21 4.36 -15.01 -5.82
N LYS A 22 4.25 -13.85 -6.44
CA LYS A 22 3.61 -12.69 -5.82
C LYS A 22 2.66 -12.00 -6.79
N LYS A 23 1.63 -11.37 -6.25
CA LYS A 23 0.65 -10.66 -7.08
C LYS A 23 0.41 -9.25 -6.56
N ILE A 24 0.14 -8.32 -7.46
CA ILE A 24 -0.11 -6.93 -7.09
C ILE A 24 -0.91 -6.84 -5.80
N MET A 25 -0.57 -5.86 -4.96
CA MET A 25 -1.26 -5.67 -3.69
C MET A 25 -1.42 -4.19 -3.39
N LYS A 26 -2.62 -3.80 -2.95
CA LYS A 26 -2.91 -2.41 -2.62
C LYS A 26 -3.74 -2.32 -1.34
N HIS A 27 -3.40 -1.36 -0.49
CA HIS A 27 -4.12 -1.16 0.77
C HIS A 27 -3.79 0.20 1.37
N CYS A 28 -4.80 0.87 1.91
CA CYS A 28 -4.62 2.18 2.51
C CYS A 28 -3.32 2.24 3.31
N PHE A 29 -2.74 3.43 3.38
CA PHE A 29 -1.48 3.62 4.10
C PHE A 29 -1.74 4.20 5.48
N LEU A 30 -2.87 4.89 5.64
CA LEU A 30 -3.23 5.50 6.91
C LEU A 30 -3.66 4.44 7.91
N CYS A 31 -4.76 3.77 7.62
CA CYS A 31 -5.28 2.73 8.50
C CYS A 31 -4.77 1.35 8.07
N GLY A 32 -4.88 1.07 6.77
CA GLY A 32 -4.43 -0.21 6.26
C GLY A 32 -5.57 -1.04 5.71
N LYS A 33 -6.66 -0.38 5.33
CA LYS A 33 -7.83 -1.07 4.78
C LYS A 33 -7.46 -1.84 3.51
N LYS A 34 -8.02 -3.03 3.37
CA LYS A 34 -7.74 -3.87 2.21
C LYS A 34 -8.40 -3.28 0.96
N THR A 35 -7.70 -2.35 0.31
CA THR A 35 -8.20 -1.71 -0.90
C THR A 35 -7.68 -2.41 -2.15
N GLY A 36 -8.33 -3.50 -2.54
CA GLY A 36 -7.91 -4.24 -3.71
C GLY A 36 -8.34 -3.57 -5.00
N LEU A 37 -9.33 -4.15 -5.67
CA LEU A 37 -9.84 -3.59 -6.92
C LEU A 37 -10.68 -2.36 -6.67
N ALA A 38 -11.67 -2.49 -5.79
CA ALA A 38 -12.55 -1.38 -5.46
C ALA A 38 -12.08 -0.67 -4.19
N THR A 39 -12.78 0.41 -3.82
CA THR A 39 -12.44 1.17 -2.63
C THR A 39 -10.96 1.54 -2.62
N SER A 40 -10.43 1.87 -3.80
CA SER A 40 -9.03 2.24 -3.93
C SER A 40 -8.88 3.61 -4.60
N PHE A 41 -7.93 4.39 -4.12
CA PHE A 41 -7.69 5.73 -4.68
C PHE A 41 -6.21 6.08 -4.59
N GLU A 42 -5.84 7.17 -5.26
CA GLU A 42 -4.45 7.63 -5.26
C GLU A 42 -4.36 9.11 -4.92
N CYS A 43 -3.25 9.51 -4.30
CA CYS A 43 -3.04 10.91 -3.93
C CYS A 43 -1.85 11.50 -4.68
N ARG A 44 -1.74 12.82 -4.64
CA ARG A 44 -0.65 13.51 -5.32
C ARG A 44 0.69 13.20 -4.66
N CYS A 45 0.66 12.97 -3.35
CA CYS A 45 1.87 12.65 -2.60
C CYS A 45 2.45 11.31 -3.04
N GLY A 46 1.56 10.33 -3.23
CA GLY A 46 1.99 9.01 -3.64
C GLY A 46 1.68 7.94 -2.61
N ASN A 47 0.60 8.16 -1.85
CA ASN A 47 0.19 7.22 -0.82
C ASN A 47 -1.25 6.75 -1.05
N ASN A 48 -1.43 5.45 -1.16
CA ASN A 48 -2.75 4.88 -1.39
C ASN A 48 -3.56 4.87 -0.09
N PHE A 49 -4.79 5.37 -0.18
CA PHE A 49 -5.68 5.43 0.98
C PHE A 49 -7.06 4.91 0.63
N CYS A 50 -7.85 4.60 1.66
CA CYS A 50 -9.20 4.09 1.47
C CYS A 50 -10.15 5.22 1.06
N ALA A 51 -11.40 4.85 0.81
CA ALA A 51 -12.41 5.83 0.42
C ALA A 51 -12.63 6.86 1.52
N SER A 52 -12.53 6.42 2.77
CA SER A 52 -12.73 7.30 3.90
C SER A 52 -11.50 8.20 4.12
N HIS A 53 -10.33 7.68 3.77
CA HIS A 53 -9.09 8.43 3.92
C HIS A 53 -8.48 8.75 2.56
N ARG A 54 -9.33 8.78 1.53
CA ARG A 54 -8.88 9.07 0.17
C ARG A 54 -8.51 10.54 0.03
N TYR A 55 -9.09 11.39 0.87
CA TYR A 55 -8.82 12.82 0.84
C TYR A 55 -7.43 13.11 1.39
N ALA A 56 -6.85 14.22 0.94
CA ALA A 56 -5.52 14.63 1.38
C ALA A 56 -5.49 14.87 2.88
N GLU A 57 -6.23 15.89 3.32
CA GLU A 57 -6.28 16.23 4.74
C GLU A 57 -6.55 14.99 5.59
N ALA A 58 -7.44 14.13 5.10
CA ALA A 58 -7.78 12.91 5.81
C ALA A 58 -6.53 12.16 6.26
N HIS A 59 -5.52 12.15 5.40
CA HIS A 59 -4.26 11.47 5.71
C HIS A 59 -3.11 12.46 5.76
N GLY A 60 -3.41 13.69 6.16
CA GLY A 60 -2.39 14.72 6.25
C GLY A 60 -1.43 14.69 5.08
N CYS A 61 -1.91 15.08 3.91
CA CYS A 61 -1.10 15.08 2.70
C CYS A 61 0.14 15.97 2.90
N ASN A 62 1.24 15.58 2.26
CA ASN A 62 2.48 16.33 2.36
C ASN A 62 2.93 16.82 0.98
N TYR A 63 1.97 17.14 0.13
CA TYR A 63 2.26 17.61 -1.22
C TYR A 63 2.32 19.14 -1.25
N ASP A 64 1.63 19.77 -0.33
CA ASP A 64 1.61 21.24 -0.25
C ASP A 64 1.01 21.84 -1.52
N TYR A 65 -0.17 21.33 -1.92
CA TYR A 65 -0.84 21.81 -3.11
C TYR A 65 -0.67 23.33 -3.26
N LYS A 66 0.17 23.71 -4.22
CA LYS A 66 0.43 25.13 -4.48
C LYS A 66 -0.40 25.62 -5.67
N SER A 67 -0.85 26.86 -5.59
CA SER A 67 -1.65 27.46 -6.67
C SER A 67 -2.75 26.51 -7.11
N ALA A 68 -3.37 25.85 -6.13
CA ALA A 68 -4.45 24.90 -6.42
C ALA A 68 -5.69 25.22 -5.59
N GLY A 69 -5.49 25.32 -4.28
CA GLY A 69 -6.60 25.60 -3.38
C GLY A 69 -6.31 25.22 -1.95
N ARG A 70 -5.51 26.03 -1.27
CA ARG A 70 -5.15 25.77 0.12
C ARG A 70 -5.19 27.04 0.95
N ARG A 71 -5.36 26.89 2.26
CA ARG A 71 -5.42 28.04 3.16
C ARG A 71 -4.21 28.06 4.09
N TYR A 72 -4.08 27.01 4.90
CA TYR A 72 -2.98 26.91 5.85
C TYR A 72 -1.69 27.41 5.23
N LEU A 73 -0.88 28.10 6.04
CA LEU A 73 0.40 28.63 5.56
C LEU A 73 1.54 27.72 5.97
N GLU A 74 2.44 27.43 5.02
CA GLU A 74 3.59 26.58 5.28
C GLU A 74 4.88 27.27 4.85
N GLU A 75 5.90 27.19 5.71
CA GLU A 75 7.19 27.81 5.42
C GLU A 75 8.14 26.79 4.80
N ALA A 76 8.17 26.73 3.48
CA ALA A 76 9.04 25.81 2.77
C ALA A 76 9.36 26.30 1.36
N ASN A 77 10.63 26.26 0.99
CA ASN A 77 11.05 26.70 -0.34
C ASN A 77 10.23 26.04 -1.43
N PRO A 78 9.53 26.86 -2.22
CA PRO A 78 8.68 26.38 -3.32
C PRO A 78 9.50 25.80 -4.47
N VAL A 79 8.82 25.35 -5.51
CA VAL A 79 9.48 24.77 -6.68
C VAL A 79 9.12 25.54 -7.95
N SER A 80 9.90 25.32 -9.00
CA SER A 80 9.67 25.98 -10.27
C SER A 80 8.44 25.40 -10.97
N GLY A 81 7.32 26.12 -10.89
CA GLY A 81 6.10 25.66 -11.51
C GLY A 81 5.62 26.61 -12.60
N PRO A 82 4.58 26.19 -13.33
CA PRO A 82 4.00 27.00 -14.42
C PRO A 82 3.27 28.23 -13.91
N SER A 83 2.85 29.08 -14.82
CA SER A 83 2.13 30.30 -14.46
C SER A 83 1.32 30.82 -15.64
N SER A 84 0.47 31.82 -15.38
CA SER A 84 -0.37 32.40 -16.42
C SER A 84 -0.79 33.82 -16.03
N GLY A 85 -0.83 34.71 -17.03
CA GLY A 85 -1.21 36.09 -16.77
C GLY A 85 -2.43 36.51 -17.58
ZN ZN B . -7.71 4.21 5.44
ZN ZN C . -1.49 12.76 -0.03
N GLY A 1 30.67 -65.52 26.30
CA GLY A 1 29.95 -64.31 26.69
C GLY A 1 28.90 -63.90 25.68
N SER A 2 28.22 -62.79 25.94
CA SER A 2 27.18 -62.30 25.05
C SER A 2 26.82 -60.86 25.38
N SER A 3 25.97 -60.26 24.55
CA SER A 3 25.55 -58.88 24.74
C SER A 3 24.40 -58.53 23.82
N GLY A 4 23.86 -57.31 23.98
CA GLY A 4 22.75 -56.88 23.15
C GLY A 4 22.50 -55.38 23.26
N SER A 5 21.73 -54.85 22.32
CA SER A 5 21.41 -53.42 22.31
C SER A 5 20.24 -53.13 21.39
N SER A 6 19.81 -51.87 21.37
CA SER A 6 18.70 -51.46 20.53
C SER A 6 18.62 -49.94 20.43
N GLY A 7 17.66 -49.45 19.66
CA GLY A 7 17.49 -48.02 19.49
C GLY A 7 16.19 -47.65 18.81
N ILE A 8 15.37 -46.86 19.49
CA ILE A 8 14.09 -46.44 18.95
C ILE A 8 14.18 -45.05 18.32
N HIS A 9 13.48 -44.86 17.21
CA HIS A 9 13.48 -43.58 16.51
C HIS A 9 12.05 -43.10 16.25
N HIS A 10 11.89 -41.80 16.07
CA HIS A 10 10.58 -41.22 15.81
C HIS A 10 10.71 -39.95 14.97
N LEU A 11 9.62 -39.55 14.34
CA LEU A 11 9.60 -38.35 13.50
C LEU A 11 8.25 -37.66 13.55
N PRO A 12 8.24 -36.40 14.02
CA PRO A 12 7.02 -35.61 14.13
C PRO A 12 6.46 -35.22 12.77
N PRO A 13 5.16 -35.51 12.56
CA PRO A 13 4.47 -35.19 11.31
C PRO A 13 4.26 -33.70 11.12
N VAL A 14 3.73 -33.32 9.96
CA VAL A 14 3.47 -31.92 9.66
C VAL A 14 2.37 -31.77 8.62
N LYS A 15 1.65 -30.65 8.67
CA LYS A 15 0.56 -30.39 7.73
C LYS A 15 0.30 -28.89 7.62
N ALA A 16 -0.14 -28.46 6.44
CA ALA A 16 -0.43 -27.05 6.20
C ALA A 16 -1.55 -26.90 5.17
N PRO A 17 -2.31 -25.80 5.29
CA PRO A 17 -3.41 -25.51 4.37
C PRO A 17 -2.93 -25.14 2.97
N LEU A 18 -3.67 -25.60 1.96
CA LEU A 18 -3.30 -25.32 0.57
C LEU A 18 -4.15 -24.18 0.01
N GLN A 19 -3.48 -23.12 -0.44
CA GLN A 19 -4.16 -21.96 -1.00
C GLN A 19 -3.52 -21.53 -2.31
N THR A 20 -4.35 -21.14 -3.28
CA THR A 20 -3.85 -20.72 -4.58
C THR A 20 -4.82 -19.71 -5.22
N LYS A 21 -4.40 -18.44 -5.26
CA LYS A 21 -5.22 -17.39 -5.85
C LYS A 21 -4.45 -16.08 -5.91
N LYS A 22 -5.02 -15.09 -6.59
CA LYS A 22 -4.38 -13.78 -6.73
C LYS A 22 -4.89 -12.82 -5.66
N LYS A 23 -3.95 -12.22 -4.92
CA LYS A 23 -4.30 -11.28 -3.87
C LYS A 23 -3.70 -9.91 -4.15
N ILE A 24 -4.47 -9.05 -4.81
CA ILE A 24 -4.02 -7.71 -5.13
C ILE A 24 -3.21 -7.10 -3.99
N MET A 25 -2.00 -6.64 -4.30
CA MET A 25 -1.14 -6.05 -3.29
C MET A 25 -1.41 -4.55 -3.16
N LYS A 26 -2.48 -4.20 -2.46
CA LYS A 26 -2.84 -2.80 -2.25
C LYS A 26 -3.71 -2.64 -1.01
N HIS A 27 -3.44 -1.58 -0.25
CA HIS A 27 -4.19 -1.32 0.98
C HIS A 27 -3.84 0.06 1.54
N CYS A 28 -4.85 0.77 2.03
CA CYS A 28 -4.64 2.09 2.61
C CYS A 28 -3.32 2.16 3.37
N PHE A 29 -2.67 3.31 3.34
CA PHE A 29 -1.40 3.49 4.03
C PHE A 29 -1.62 4.11 5.41
N LEU A 30 -2.73 4.82 5.56
CA LEU A 30 -3.06 5.47 6.83
C LEU A 30 -3.52 4.44 7.86
N CYS A 31 -4.67 3.83 7.61
CA CYS A 31 -5.22 2.83 8.52
C CYS A 31 -4.69 1.45 8.18
N GLY A 32 -4.76 1.09 6.90
CA GLY A 32 -4.28 -0.20 6.46
C GLY A 32 -5.40 -1.10 5.97
N LYS A 33 -6.50 -0.49 5.56
CA LYS A 33 -7.66 -1.23 5.07
C LYS A 33 -7.43 -1.72 3.63
N LYS A 34 -7.99 -2.88 3.31
CA LYS A 34 -7.85 -3.45 1.97
C LYS A 34 -8.62 -2.62 0.95
N THR A 35 -7.92 -2.17 -0.08
CA THR A 35 -8.53 -1.36 -1.13
C THR A 35 -8.45 -2.08 -2.47
N GLY A 36 -9.61 -2.50 -2.99
CA GLY A 36 -9.65 -3.19 -4.26
C GLY A 36 -9.31 -2.29 -5.42
N LEU A 37 -10.21 -2.19 -6.39
CA LEU A 37 -9.98 -1.36 -7.56
C LEU A 37 -10.52 0.05 -7.34
N ALA A 38 -11.81 0.15 -7.02
CA ALA A 38 -12.44 1.43 -6.78
C ALA A 38 -11.93 2.06 -5.48
N THR A 39 -12.31 1.44 -4.35
CA THR A 39 -11.90 1.94 -3.04
C THR A 39 -10.49 2.53 -3.09
N SER A 40 -9.59 1.83 -3.76
CA SER A 40 -8.20 2.28 -3.88
C SER A 40 -8.13 3.57 -4.70
N PHE A 41 -7.72 4.65 -4.03
CA PHE A 41 -7.60 5.95 -4.70
C PHE A 41 -6.15 6.43 -4.71
N GLU A 42 -5.87 7.42 -5.54
CA GLU A 42 -4.52 7.97 -5.66
C GLU A 42 -4.49 9.42 -5.20
N CYS A 43 -3.56 9.72 -4.29
CA CYS A 43 -3.42 11.09 -3.77
C CYS A 43 -2.25 11.80 -4.44
N ARG A 44 -2.25 13.12 -4.34
CA ARG A 44 -1.19 13.94 -4.93
C ARG A 44 0.19 13.38 -4.57
N CYS A 45 0.32 12.90 -3.33
CA CYS A 45 1.57 12.35 -2.84
C CYS A 45 1.88 11.02 -3.52
N GLY A 46 0.83 10.24 -3.79
CA GLY A 46 1.01 8.96 -4.44
C GLY A 46 0.52 7.80 -3.59
N ASN A 47 0.62 7.97 -2.27
CA ASN A 47 0.20 6.93 -1.34
C ASN A 47 -1.27 6.56 -1.57
N ASN A 48 -1.56 5.26 -1.52
CA ASN A 48 -2.92 4.78 -1.73
C ASN A 48 -3.67 4.68 -0.42
N PHE A 49 -4.80 5.37 -0.33
CA PHE A 49 -5.62 5.36 0.88
C PHE A 49 -7.01 4.82 0.59
N CYS A 50 -7.79 4.61 1.65
CA CYS A 50 -9.15 4.09 1.51
C CYS A 50 -10.12 5.20 1.12
N ALA A 51 -11.35 4.82 0.79
CA ALA A 51 -12.36 5.78 0.39
C ALA A 51 -12.62 6.80 1.50
N SER A 52 -12.27 6.43 2.73
CA SER A 52 -12.46 7.31 3.88
C SER A 52 -11.27 8.24 4.05
N HIS A 53 -10.09 7.75 3.68
CA HIS A 53 -8.87 8.55 3.80
C HIS A 53 -8.28 8.84 2.42
N ARG A 54 -9.11 8.72 1.38
CA ARG A 54 -8.66 8.97 0.01
C ARG A 54 -8.25 10.43 -0.16
N TYR A 55 -8.85 11.31 0.62
CA TYR A 55 -8.55 12.74 0.54
C TYR A 55 -7.18 13.03 1.15
N ALA A 56 -6.63 14.20 0.84
CA ALA A 56 -5.34 14.61 1.36
C ALA A 56 -5.44 15.01 2.83
N GLU A 57 -6.35 15.94 3.12
CA GLU A 57 -6.56 16.42 4.48
C GLU A 57 -6.85 15.26 5.42
N ALA A 58 -7.58 14.27 4.92
CA ALA A 58 -7.94 13.10 5.72
C ALA A 58 -6.69 12.45 6.32
N HIS A 59 -5.63 12.38 5.53
CA HIS A 59 -4.38 11.78 5.99
C HIS A 59 -3.27 12.82 6.05
N GLY A 60 -3.65 14.06 6.33
CA GLY A 60 -2.67 15.13 6.41
C GLY A 60 -1.60 15.03 5.34
N CYS A 61 -2.02 15.11 4.07
CA CYS A 61 -1.09 15.02 2.95
C CYS A 61 0.08 15.97 3.14
N ASN A 62 1.30 15.46 2.95
CA ASN A 62 2.50 16.27 3.10
C ASN A 62 2.86 16.95 1.78
N TYR A 63 2.75 16.21 0.68
CA TYR A 63 3.07 16.74 -0.64
C TYR A 63 2.53 18.15 -0.79
N ASP A 64 3.22 18.97 -1.59
CA ASP A 64 2.81 20.34 -1.83
C ASP A 64 2.02 20.45 -3.14
N TYR A 65 0.70 20.54 -3.01
CA TYR A 65 -0.17 20.65 -4.17
C TYR A 65 -0.91 21.98 -4.18
N LYS A 66 -0.26 23.01 -3.66
CA LYS A 66 -0.86 24.35 -3.60
C LYS A 66 -0.65 25.09 -4.92
N SER A 67 -1.74 25.27 -5.67
CA SER A 67 -1.68 25.97 -6.95
C SER A 67 -0.50 25.47 -7.78
N ALA A 68 -0.31 24.15 -7.79
CA ALA A 68 0.78 23.54 -8.55
C ALA A 68 0.59 23.76 -10.05
N GLY A 69 1.65 24.19 -10.72
CA GLY A 69 1.58 24.43 -12.15
C GLY A 69 2.23 25.73 -12.55
N ARG A 70 3.55 25.82 -12.37
CA ARG A 70 4.29 27.02 -12.72
C ARG A 70 4.81 26.96 -14.16
N ARG A 71 5.30 28.08 -14.65
CA ARG A 71 5.83 28.15 -16.02
C ARG A 71 6.99 27.18 -16.20
N TYR A 72 7.19 26.75 -17.43
CA TYR A 72 8.28 25.81 -17.75
C TYR A 72 9.53 26.14 -16.95
N LEU A 73 10.32 25.13 -16.65
CA LEU A 73 11.56 25.31 -15.89
C LEU A 73 12.59 24.26 -16.27
N GLU A 74 13.76 24.32 -15.63
CA GLU A 74 14.83 23.37 -15.90
C GLU A 74 15.02 22.42 -14.72
N GLU A 75 15.73 21.32 -14.96
CA GLU A 75 15.98 20.33 -13.91
C GLU A 75 14.68 19.72 -13.41
N ALA A 76 13.80 19.36 -14.36
CA ALA A 76 12.52 18.76 -14.01
C ALA A 76 11.79 18.28 -15.26
N ASN A 77 10.64 17.65 -15.07
CA ASN A 77 9.84 17.14 -16.17
C ASN A 77 10.54 15.98 -16.86
N PRO A 78 10.91 14.96 -16.06
CA PRO A 78 11.58 13.76 -16.57
C PRO A 78 10.67 12.89 -17.42
N VAL A 79 11.23 11.82 -17.98
CA VAL A 79 10.47 10.90 -18.82
C VAL A 79 10.94 9.47 -18.63
N SER A 80 10.03 8.52 -18.87
CA SER A 80 10.35 7.11 -18.73
C SER A 80 10.25 6.38 -20.07
N GLY A 81 10.64 5.12 -20.09
CA GLY A 81 10.59 4.34 -21.31
C GLY A 81 9.52 3.26 -21.27
N PRO A 82 8.52 3.37 -22.17
CA PRO A 82 7.42 2.42 -22.24
C PRO A 82 7.87 1.06 -22.77
N SER A 83 6.91 0.17 -22.98
CA SER A 83 7.21 -1.18 -23.48
C SER A 83 6.18 -1.60 -24.53
N SER A 84 6.61 -2.47 -25.44
CA SER A 84 5.74 -2.96 -26.50
C SER A 84 5.75 -4.49 -26.55
N GLY A 85 4.89 -5.05 -27.40
CA GLY A 85 4.81 -6.50 -27.53
C GLY A 85 5.12 -6.97 -28.93
ZN ZN B . -7.63 4.36 5.49
ZN ZN C . -1.44 12.53 0.02
N GLY A 1 22.56 -77.58 10.42
CA GLY A 1 22.27 -76.15 10.60
C GLY A 1 21.09 -75.70 9.77
N SER A 2 20.80 -74.40 9.82
CA SER A 2 19.68 -73.84 9.07
C SER A 2 19.68 -72.32 9.15
N SER A 3 18.76 -71.69 8.43
CA SER A 3 18.66 -70.23 8.42
C SER A 3 17.36 -69.78 7.77
N GLY A 4 17.12 -68.47 7.77
CA GLY A 4 15.91 -67.94 7.18
C GLY A 4 16.13 -66.58 6.54
N SER A 5 15.08 -65.74 6.57
CA SER A 5 15.17 -64.41 5.99
C SER A 5 13.89 -63.62 6.28
N SER A 6 14.06 -62.32 6.50
CA SER A 6 12.92 -61.45 6.80
C SER A 6 13.23 -60.01 6.39
N GLY A 7 12.31 -59.41 5.63
CA GLY A 7 12.50 -58.05 5.19
C GLY A 7 11.20 -57.27 5.13
N ILE A 8 11.30 -55.95 5.09
CA ILE A 8 10.13 -55.09 5.04
C ILE A 8 10.34 -53.92 4.08
N HIS A 9 9.24 -53.36 3.57
CA HIS A 9 9.31 -52.24 2.65
C HIS A 9 8.40 -51.11 3.11
N HIS A 10 8.89 -49.88 2.99
CA HIS A 10 8.12 -48.70 3.40
C HIS A 10 8.83 -47.42 2.99
N LEU A 11 8.07 -46.46 2.50
CA LEU A 11 8.62 -45.17 2.07
C LEU A 11 7.52 -44.17 1.80
N PRO A 12 7.54 -43.05 2.53
CA PRO A 12 6.56 -41.98 2.39
C PRO A 12 6.69 -41.23 1.06
N PRO A 13 5.66 -41.34 0.21
CA PRO A 13 5.64 -40.68 -1.10
C PRO A 13 5.52 -39.16 -0.99
N VAL A 14 6.28 -38.45 -1.81
CA VAL A 14 6.25 -36.99 -1.80
C VAL A 14 5.65 -36.44 -3.09
N LYS A 15 4.55 -35.72 -2.96
CA LYS A 15 3.87 -35.13 -4.12
C LYS A 15 2.99 -33.96 -3.70
N ALA A 16 3.08 -32.87 -4.44
CA ALA A 16 2.29 -31.68 -4.16
C ALA A 16 2.16 -30.79 -5.38
N PRO A 17 0.98 -30.17 -5.55
CA PRO A 17 0.71 -29.28 -6.69
C PRO A 17 1.49 -27.97 -6.59
N LEU A 18 1.93 -27.46 -7.73
CA LEU A 18 2.69 -26.22 -7.78
C LEU A 18 2.07 -25.24 -8.78
N GLN A 19 1.44 -24.20 -8.26
CA GLN A 19 0.80 -23.19 -9.11
C GLN A 19 1.12 -21.78 -8.62
N THR A 20 1.38 -20.88 -9.55
CA THR A 20 1.70 -19.50 -9.21
C THR A 20 0.63 -18.53 -9.74
N LYS A 21 -0.06 -17.86 -8.83
CA LYS A 21 -1.10 -16.91 -9.21
C LYS A 21 -0.76 -15.51 -8.72
N LYS A 22 -0.73 -14.56 -9.65
CA LYS A 22 -0.42 -13.17 -9.32
C LYS A 22 -1.66 -12.45 -8.78
N LYS A 23 -1.55 -11.94 -7.55
CA LYS A 23 -2.65 -11.23 -6.92
C LYS A 23 -2.19 -9.88 -6.39
N ILE A 24 -2.31 -8.84 -7.22
CA ILE A 24 -1.91 -7.50 -6.82
C ILE A 24 -2.45 -7.15 -5.45
N MET A 25 -1.55 -6.78 -4.54
CA MET A 25 -1.94 -6.41 -3.19
C MET A 25 -1.82 -4.90 -2.98
N LYS A 26 -2.91 -4.29 -2.50
CA LYS A 26 -2.93 -2.86 -2.25
C LYS A 26 -3.91 -2.51 -1.14
N HIS A 27 -3.42 -1.80 -0.13
CA HIS A 27 -4.25 -1.39 1.00
C HIS A 27 -3.87 0.00 1.50
N CYS A 28 -4.85 0.73 2.01
CA CYS A 28 -4.61 2.08 2.52
C CYS A 28 -3.28 2.16 3.25
N PHE A 29 -2.70 3.35 3.29
CA PHE A 29 -1.42 3.56 3.96
C PHE A 29 -1.63 4.14 5.36
N LEU A 30 -2.70 4.92 5.52
CA LEU A 30 -3.01 5.54 6.81
C LEU A 30 -3.40 4.48 7.83
N CYS A 31 -4.55 3.87 7.64
CA CYS A 31 -5.04 2.84 8.55
C CYS A 31 -4.61 1.45 8.08
N GLY A 32 -4.82 1.17 6.79
CA GLY A 32 -4.45 -0.12 6.25
C GLY A 32 -5.64 -0.92 5.78
N LYS A 33 -6.74 -0.22 5.48
CA LYS A 33 -7.96 -0.88 5.02
C LYS A 33 -7.77 -1.46 3.62
N LYS A 34 -8.29 -2.67 3.42
CA LYS A 34 -8.17 -3.34 2.13
C LYS A 34 -8.87 -2.53 1.04
N THR A 35 -8.11 -2.15 0.02
CA THR A 35 -8.66 -1.37 -1.09
C THR A 35 -8.45 -2.09 -2.41
N GLY A 36 -9.54 -2.64 -2.96
CA GLY A 36 -9.46 -3.35 -4.22
C GLY A 36 -8.93 -2.48 -5.34
N LEU A 37 -9.10 -2.95 -6.58
CA LEU A 37 -8.63 -2.20 -7.74
C LEU A 37 -9.30 -0.84 -7.83
N ALA A 38 -10.64 -0.84 -7.77
CA ALA A 38 -11.40 0.40 -7.85
C ALA A 38 -11.29 1.18 -6.54
N THR A 39 -11.50 0.50 -5.42
CA THR A 39 -11.43 1.13 -4.11
C THR A 39 -10.12 1.91 -3.95
N SER A 40 -9.02 1.28 -4.33
CA SER A 40 -7.71 1.91 -4.22
C SER A 40 -7.70 3.28 -4.90
N PHE A 41 -7.41 4.32 -4.13
CA PHE A 41 -7.38 5.68 -4.64
C PHE A 41 -5.97 6.26 -4.58
N GLU A 42 -5.67 7.17 -5.49
CA GLU A 42 -4.35 7.79 -5.54
C GLU A 42 -4.42 9.25 -5.09
N CYS A 43 -3.49 9.65 -4.23
CA CYS A 43 -3.45 11.01 -3.72
C CYS A 43 -2.37 11.82 -4.44
N ARG A 44 -2.48 13.15 -4.33
CA ARG A 44 -1.52 14.04 -4.97
C ARG A 44 -0.08 13.63 -4.63
N CYS A 45 0.08 13.01 -3.47
CA CYS A 45 1.41 12.57 -3.03
C CYS A 45 1.79 11.24 -3.67
N GLY A 46 0.79 10.38 -3.87
CA GLY A 46 1.04 9.08 -4.47
C GLY A 46 0.54 7.93 -3.62
N ASN A 47 0.71 8.06 -2.31
CA ASN A 47 0.28 7.02 -1.38
C ASN A 47 -1.18 6.65 -1.62
N ASN A 48 -1.50 5.38 -1.40
CA ASN A 48 -2.87 4.89 -1.59
C ASN A 48 -3.61 4.84 -0.26
N PHE A 49 -4.80 5.45 -0.23
CA PHE A 49 -5.61 5.47 0.99
C PHE A 49 -7.00 4.92 0.71
N CYS A 50 -7.75 4.67 1.78
CA CYS A 50 -9.10 4.14 1.65
C CYS A 50 -10.09 5.24 1.28
N ALA A 51 -11.28 4.83 0.82
CA ALA A 51 -12.31 5.78 0.43
C ALA A 51 -12.54 6.83 1.52
N SER A 52 -12.23 6.46 2.76
CA SER A 52 -12.41 7.35 3.89
C SER A 52 -11.20 8.28 4.05
N HIS A 53 -10.02 7.76 3.72
CA HIS A 53 -8.79 8.54 3.82
C HIS A 53 -8.24 8.86 2.44
N ARG A 54 -9.09 8.77 1.42
CA ARG A 54 -8.69 9.05 0.05
C ARG A 54 -8.35 10.53 -0.12
N TYR A 55 -8.90 11.36 0.74
CA TYR A 55 -8.67 12.80 0.69
C TYR A 55 -7.36 13.16 1.39
N ALA A 56 -6.59 14.05 0.78
CA ALA A 56 -5.32 14.49 1.34
C ALA A 56 -5.47 14.82 2.82
N GLU A 57 -6.29 15.83 3.11
CA GLU A 57 -6.53 16.24 4.50
C GLU A 57 -6.77 15.04 5.40
N ALA A 58 -7.59 14.11 4.91
CA ALA A 58 -7.91 12.90 5.68
C ALA A 58 -6.65 12.31 6.31
N HIS A 59 -5.56 12.31 5.56
CA HIS A 59 -4.30 11.78 6.06
C HIS A 59 -3.22 12.86 6.09
N GLY A 60 -3.62 14.08 6.44
CA GLY A 60 -2.68 15.18 6.51
C GLY A 60 -1.61 15.10 5.44
N CYS A 61 -2.03 15.02 4.19
CA CYS A 61 -1.10 14.93 3.07
C CYS A 61 0.13 15.79 3.31
N ASN A 62 1.27 15.34 2.81
CA ASN A 62 2.53 16.07 2.97
C ASN A 62 2.87 16.85 1.71
N TYR A 63 2.73 16.20 0.56
CA TYR A 63 3.04 16.83 -0.72
C TYR A 63 2.64 18.30 -0.70
N ASP A 64 3.50 19.14 -1.27
CA ASP A 64 3.24 20.58 -1.33
C ASP A 64 2.38 20.92 -2.54
N TYR A 65 1.08 21.10 -2.31
CA TYR A 65 0.15 21.44 -3.38
C TYR A 65 -0.36 22.87 -3.24
N LYS A 66 0.37 23.68 -2.47
CA LYS A 66 0.00 25.07 -2.25
C LYS A 66 0.02 25.85 -3.55
N SER A 67 1.18 25.88 -4.21
CA SER A 67 1.33 26.59 -5.46
C SER A 67 1.75 25.64 -6.58
N ALA A 68 0.78 25.25 -7.40
CA ALA A 68 1.04 24.34 -8.51
C ALA A 68 0.40 24.85 -9.80
N GLY A 69 1.15 25.65 -10.55
CA GLY A 69 0.64 26.19 -11.80
C GLY A 69 1.65 27.08 -12.50
N ARG A 70 2.11 28.11 -11.79
CA ARG A 70 3.08 29.05 -12.36
C ARG A 70 4.37 29.05 -11.54
N ARG A 71 5.49 29.33 -12.20
CA ARG A 71 6.78 29.37 -11.55
C ARG A 71 6.87 30.57 -10.59
N TYR A 72 7.19 30.29 -9.34
CA TYR A 72 7.30 31.34 -8.33
C TYR A 72 8.17 30.88 -7.16
N LEU A 73 9.03 31.77 -6.69
CA LEU A 73 9.93 31.47 -5.58
C LEU A 73 10.08 32.67 -4.66
N GLU A 74 10.23 32.40 -3.37
CA GLU A 74 10.40 33.47 -2.39
C GLU A 74 11.75 33.37 -1.69
N GLU A 75 12.39 34.52 -1.49
CA GLU A 75 13.70 34.57 -0.84
C GLU A 75 13.62 35.32 0.48
N ALA A 76 14.42 34.87 1.46
CA ALA A 76 14.44 35.50 2.77
C ALA A 76 15.86 35.87 3.17
N ASN A 77 16.00 36.47 4.35
CA ASN A 77 17.31 36.88 4.85
C ASN A 77 17.50 36.45 6.30
N PRO A 78 18.31 35.42 6.52
CA PRO A 78 18.59 34.89 7.86
C PRO A 78 19.43 35.85 8.69
N VAL A 79 19.75 35.44 9.92
CA VAL A 79 20.56 36.26 10.81
C VAL A 79 21.76 35.49 11.34
N SER A 80 22.93 36.11 11.27
CA SER A 80 24.16 35.48 11.73
C SER A 80 25.02 36.47 12.51
N GLY A 81 26.00 35.94 13.24
CA GLY A 81 26.88 36.79 14.02
C GLY A 81 28.30 36.78 13.50
N PRO A 82 29.00 37.93 13.65
CA PRO A 82 30.38 38.08 13.19
C PRO A 82 31.36 37.26 14.03
N SER A 83 32.63 37.33 13.67
CA SER A 83 33.67 36.60 14.39
C SER A 83 35.03 37.27 14.22
N SER A 84 36.01 36.80 14.98
CA SER A 84 37.36 37.35 14.92
C SER A 84 38.39 36.33 15.41
N GLY A 85 39.66 36.57 15.06
CA GLY A 85 40.71 35.67 15.48
C GLY A 85 41.91 35.73 14.55
ZN ZN B . -7.40 4.35 5.57
ZN ZN C . -1.41 12.60 0.07
N GLY A 1 38.22 -21.04 -30.55
CA GLY A 1 37.05 -21.89 -30.68
C GLY A 1 36.06 -21.70 -29.55
N SER A 2 35.00 -22.49 -29.54
CA SER A 2 33.98 -22.40 -28.51
C SER A 2 34.12 -23.54 -27.49
N SER A 3 33.70 -23.28 -26.26
CA SER A 3 33.80 -24.27 -25.21
C SER A 3 32.49 -24.35 -24.41
N GLY A 4 31.95 -25.54 -24.28
CA GLY A 4 30.71 -25.73 -23.55
C GLY A 4 29.49 -25.36 -24.37
N SER A 5 29.19 -26.18 -25.38
CA SER A 5 28.04 -25.94 -26.25
C SER A 5 26.86 -26.83 -25.87
N SER A 6 26.07 -26.37 -24.90
CA SER A 6 24.91 -27.13 -24.44
C SER A 6 24.08 -26.31 -23.46
N GLY A 7 22.95 -26.87 -23.04
CA GLY A 7 22.09 -26.18 -22.09
C GLY A 7 22.58 -26.30 -20.67
N ILE A 8 21.73 -25.88 -19.72
CA ILE A 8 22.09 -25.94 -18.31
C ILE A 8 21.36 -27.08 -17.61
N HIS A 9 22.10 -27.83 -16.81
CA HIS A 9 21.54 -28.96 -16.07
C HIS A 9 20.74 -28.47 -14.86
N HIS A 10 19.41 -28.45 -15.01
CA HIS A 10 18.54 -28.00 -13.92
C HIS A 10 17.82 -29.19 -13.29
N LEU A 11 17.59 -29.10 -11.99
CA LEU A 11 16.90 -30.17 -11.27
C LEU A 11 15.38 -30.06 -11.44
N PRO A 12 14.69 -31.20 -11.32
CA PRO A 12 13.23 -31.24 -11.45
C PRO A 12 12.51 -30.57 -10.29
N PRO A 13 11.78 -29.49 -10.59
CA PRO A 13 11.03 -28.72 -9.59
C PRO A 13 9.84 -29.50 -9.04
N VAL A 14 9.08 -28.86 -8.15
CA VAL A 14 7.90 -29.50 -7.56
C VAL A 14 6.69 -28.58 -7.65
N LYS A 15 5.54 -29.17 -7.97
CA LYS A 15 4.30 -28.41 -8.10
C LYS A 15 4.11 -27.49 -6.89
N ALA A 16 3.12 -26.61 -6.97
CA ALA A 16 2.82 -25.68 -5.89
C ALA A 16 1.32 -25.60 -5.64
N PRO A 17 0.95 -25.45 -4.35
CA PRO A 17 -0.46 -25.35 -3.95
C PRO A 17 -1.11 -24.04 -4.39
N LEU A 18 -1.76 -24.07 -5.55
CA LEU A 18 -2.43 -22.89 -6.08
C LEU A 18 -3.89 -23.18 -6.39
N GLN A 19 -4.78 -22.36 -5.82
CA GLN A 19 -6.21 -22.53 -6.04
C GLN A 19 -6.86 -21.21 -6.42
N THR A 20 -8.01 -21.28 -7.08
CA THR A 20 -8.74 -20.10 -7.51
C THR A 20 -9.02 -19.17 -6.33
N LYS A 21 -8.05 -18.35 -5.97
CA LYS A 21 -8.20 -17.42 -4.86
C LYS A 21 -7.04 -16.42 -4.82
N LYS A 22 -7.34 -15.17 -5.17
CA LYS A 22 -6.33 -14.13 -5.18
C LYS A 22 -6.96 -12.76 -4.91
N LYS A 23 -6.11 -11.78 -4.59
CA LYS A 23 -6.59 -10.43 -4.30
C LYS A 23 -5.60 -9.38 -4.80
N ILE A 24 -6.07 -8.16 -4.98
CA ILE A 24 -5.21 -7.07 -5.44
C ILE A 24 -4.21 -6.67 -4.38
N MET A 25 -2.93 -6.64 -4.76
CA MET A 25 -1.86 -6.28 -3.84
C MET A 25 -1.88 -4.77 -3.57
N LYS A 26 -2.68 -4.36 -2.60
CA LYS A 26 -2.77 -2.95 -2.24
C LYS A 26 -3.65 -2.76 -1.00
N HIS A 27 -3.42 -1.67 -0.28
CA HIS A 27 -4.20 -1.38 0.92
C HIS A 27 -3.82 -0.01 1.49
N CYS A 28 -4.83 0.74 1.93
CA CYS A 28 -4.61 2.06 2.50
C CYS A 28 -3.28 2.11 3.26
N PHE A 29 -2.62 3.26 3.20
CA PHE A 29 -1.33 3.44 3.87
C PHE A 29 -1.53 4.05 5.26
N LEU A 30 -2.67 4.72 5.45
CA LEU A 30 -2.99 5.35 6.72
C LEU A 30 -3.40 4.31 7.76
N CYS A 31 -4.56 3.68 7.54
CA CYS A 31 -5.07 2.67 8.44
C CYS A 31 -4.57 1.27 8.04
N GLY A 32 -4.71 0.96 6.75
CA GLY A 32 -4.28 -0.34 6.27
C GLY A 32 -5.43 -1.18 5.76
N LYS A 33 -6.52 -0.53 5.39
CA LYS A 33 -7.70 -1.23 4.89
C LYS A 33 -7.40 -1.93 3.58
N LYS A 34 -8.17 -2.98 3.27
CA LYS A 34 -7.98 -3.74 2.04
C LYS A 34 -8.77 -3.11 0.89
N THR A 35 -8.47 -1.84 0.60
CA THR A 35 -9.14 -1.13 -0.48
C THR A 35 -9.20 -1.98 -1.74
N GLY A 36 -10.41 -2.13 -2.29
CA GLY A 36 -10.58 -2.92 -3.50
C GLY A 36 -10.18 -2.16 -4.75
N LEU A 37 -11.07 -2.14 -5.73
CA LEU A 37 -10.82 -1.44 -6.98
C LEU A 37 -11.18 0.03 -6.87
N ALA A 38 -12.45 0.31 -6.59
CA ALA A 38 -12.92 1.68 -6.45
C ALA A 38 -12.47 2.29 -5.12
N THR A 39 -12.73 1.58 -4.03
CA THR A 39 -12.34 2.05 -2.71
C THR A 39 -10.94 2.65 -2.72
N SER A 40 -10.03 1.98 -3.41
CA SER A 40 -8.64 2.44 -3.50
C SER A 40 -8.56 3.74 -4.30
N PHE A 41 -7.78 4.69 -3.79
CA PHE A 41 -7.62 5.98 -4.45
C PHE A 41 -6.16 6.44 -4.37
N GLU A 42 -5.77 7.32 -5.30
CA GLU A 42 -4.42 7.84 -5.33
C GLU A 42 -4.39 9.31 -4.92
N CYS A 43 -3.45 9.64 -4.03
CA CYS A 43 -3.32 11.01 -3.56
C CYS A 43 -2.19 11.74 -4.29
N ARG A 44 -2.18 13.06 -4.18
CA ARG A 44 -1.16 13.88 -4.83
C ARG A 44 0.24 13.40 -4.45
N CYS A 45 0.39 12.95 -3.21
CA CYS A 45 1.68 12.47 -2.73
C CYS A 45 2.07 11.17 -3.42
N GLY A 46 1.10 10.30 -3.65
CA GLY A 46 1.36 9.04 -4.30
C GLY A 46 1.13 7.85 -3.38
N ASN A 47 0.41 8.08 -2.29
CA ASN A 47 0.12 7.02 -1.34
C ASN A 47 -1.30 6.51 -1.50
N ASN A 48 -1.46 5.19 -1.50
CA ASN A 48 -2.78 4.57 -1.65
C ASN A 48 -3.54 4.57 -0.33
N PHE A 49 -4.70 5.22 -0.32
CA PHE A 49 -5.52 5.30 0.87
C PHE A 49 -6.93 4.78 0.61
N CYS A 50 -7.73 4.68 1.66
CA CYS A 50 -9.10 4.19 1.54
C CYS A 50 -10.04 5.31 1.12
N ALA A 51 -11.28 4.95 0.80
CA ALA A 51 -12.27 5.93 0.39
C ALA A 51 -12.49 6.99 1.46
N SER A 52 -12.29 6.59 2.72
CA SER A 52 -12.47 7.50 3.85
C SER A 52 -11.24 8.37 4.04
N HIS A 53 -10.08 7.84 3.69
CA HIS A 53 -8.82 8.57 3.82
C HIS A 53 -8.24 8.90 2.45
N ARG A 54 -9.08 8.83 1.42
CA ARG A 54 -8.64 9.13 0.06
C ARG A 54 -8.28 10.60 -0.08
N TYR A 55 -8.99 11.46 0.62
CA TYR A 55 -8.74 12.89 0.57
C TYR A 55 -7.41 13.24 1.24
N ALA A 56 -6.63 14.08 0.57
CA ALA A 56 -5.33 14.50 1.08
C ALA A 56 -5.44 14.93 2.54
N GLU A 57 -6.37 15.84 2.82
CA GLU A 57 -6.57 16.33 4.19
C GLU A 57 -6.87 15.18 5.14
N ALA A 58 -7.67 14.22 4.68
CA ALA A 58 -8.03 13.07 5.49
C ALA A 58 -6.80 12.49 6.20
N HIS A 59 -5.67 12.49 5.50
CA HIS A 59 -4.43 11.96 6.06
C HIS A 59 -3.35 13.04 6.09
N GLY A 60 -3.75 14.27 6.40
CA GLY A 60 -2.81 15.36 6.45
C GLY A 60 -1.70 15.23 5.41
N CYS A 61 -2.10 15.16 4.14
CA CYS A 61 -1.14 15.03 3.05
C CYS A 61 0.08 15.91 3.29
N ASN A 62 1.23 15.49 2.76
CA ASN A 62 2.47 16.23 2.93
C ASN A 62 2.83 16.97 1.64
N TYR A 63 2.62 16.32 0.51
CA TYR A 63 2.93 16.92 -0.79
C TYR A 63 2.24 18.27 -0.93
N ASP A 64 3.01 19.28 -1.33
CA ASP A 64 2.49 20.62 -1.52
C ASP A 64 1.70 20.73 -2.82
N TYR A 65 0.45 21.14 -2.71
CA TYR A 65 -0.42 21.28 -3.88
C TYR A 65 -0.99 22.69 -3.97
N LYS A 66 -0.11 23.66 -4.19
CA LYS A 66 -0.52 25.05 -4.29
C LYS A 66 -0.66 25.47 -5.76
N SER A 67 0.16 24.87 -6.62
CA SER A 67 0.12 25.18 -8.04
C SER A 67 0.05 23.90 -8.87
N ALA A 68 -0.73 22.94 -8.40
CA ALA A 68 -0.90 21.67 -9.10
C ALA A 68 -2.37 21.38 -9.38
N GLY A 69 -2.63 20.69 -10.49
CA GLY A 69 -4.00 20.36 -10.85
C GLY A 69 -4.34 20.77 -12.27
N ARG A 70 -5.48 20.31 -12.76
CA ARG A 70 -5.91 20.62 -14.11
C ARG A 70 -5.86 22.13 -14.36
N ARG A 71 -5.94 22.90 -13.28
CA ARG A 71 -5.90 24.36 -13.38
C ARG A 71 -4.61 24.82 -14.05
N TYR A 72 -4.73 25.26 -15.30
CA TYR A 72 -3.57 25.72 -16.06
C TYR A 72 -3.08 27.06 -15.54
N LEU A 73 -1.84 27.41 -15.87
CA LEU A 73 -1.25 28.67 -15.43
C LEU A 73 -1.23 29.69 -16.56
N GLU A 74 -1.24 30.97 -16.21
CA GLU A 74 -1.23 32.04 -17.20
C GLU A 74 -0.04 32.97 -16.96
N GLU A 75 0.63 33.35 -18.05
CA GLU A 75 1.78 34.25 -17.96
C GLU A 75 1.63 35.43 -18.91
N ALA A 76 1.99 36.61 -18.43
CA ALA A 76 1.90 37.82 -19.24
C ALA A 76 3.07 37.92 -20.22
N ASN A 77 3.38 36.82 -20.88
CA ASN A 77 4.48 36.78 -21.84
C ASN A 77 3.94 36.70 -23.27
N PRO A 78 4.78 37.08 -24.24
CA PRO A 78 4.42 37.07 -25.66
C PRO A 78 4.27 35.65 -26.20
N VAL A 79 3.89 35.54 -27.47
CA VAL A 79 3.72 34.24 -28.11
C VAL A 79 4.56 34.14 -29.37
N SER A 80 5.20 32.99 -29.56
CA SER A 80 6.05 32.76 -30.73
C SER A 80 6.09 31.27 -31.08
N GLY A 81 6.82 30.95 -32.15
CA GLY A 81 6.92 29.57 -32.57
C GLY A 81 8.24 28.94 -32.18
N PRO A 82 8.23 28.20 -31.05
CA PRO A 82 9.44 27.53 -30.54
C PRO A 82 9.86 26.36 -31.42
N SER A 83 11.07 25.86 -31.17
CA SER A 83 11.60 24.75 -31.94
C SER A 83 11.31 23.41 -31.25
N SER A 84 11.36 22.33 -32.01
CA SER A 84 11.09 21.00 -31.48
C SER A 84 12.34 20.43 -30.79
N GLY A 85 13.01 21.27 -30.01
CA GLY A 85 14.20 20.85 -29.32
C GLY A 85 13.91 19.80 -28.26
ZN ZN B . -7.45 4.31 5.55
ZN ZN C . -1.31 12.55 0.24
N GLY A 1 26.24 -63.75 33.03
CA GLY A 1 25.65 -63.70 31.70
C GLY A 1 24.98 -62.36 31.42
N SER A 2 24.36 -62.25 30.26
CA SER A 2 23.69 -61.01 29.87
C SER A 2 22.25 -61.30 29.44
N SER A 3 21.39 -60.29 29.58
CA SER A 3 19.98 -60.42 29.21
C SER A 3 19.67 -59.61 27.96
N GLY A 4 20.08 -58.35 27.96
CA GLY A 4 19.83 -57.49 26.81
C GLY A 4 18.89 -56.35 27.13
N SER A 5 18.52 -55.58 26.11
CA SER A 5 17.61 -54.45 26.29
C SER A 5 17.20 -53.86 24.95
N SER A 6 16.00 -53.31 24.90
CA SER A 6 15.48 -52.72 23.67
C SER A 6 14.69 -51.44 23.97
N GLY A 7 14.28 -50.75 22.92
CA GLY A 7 13.52 -49.52 23.09
C GLY A 7 12.81 -49.09 21.82
N ILE A 8 11.86 -48.19 21.96
CA ILE A 8 11.10 -47.70 20.81
C ILE A 8 10.82 -46.20 20.93
N HIS A 9 10.94 -45.49 19.82
CA HIS A 9 10.70 -44.05 19.80
C HIS A 9 9.94 -43.63 18.54
N HIS A 10 9.58 -42.35 18.47
CA HIS A 10 8.85 -41.84 17.32
C HIS A 10 8.76 -40.32 17.38
N LEU A 11 8.46 -39.70 16.23
CA LEU A 11 8.34 -38.25 16.17
C LEU A 11 7.36 -37.84 15.07
N PRO A 12 6.46 -36.89 15.39
CA PRO A 12 5.45 -36.40 14.45
C PRO A 12 6.07 -35.57 13.34
N PRO A 13 5.75 -35.92 12.08
CA PRO A 13 6.26 -35.21 10.90
C PRO A 13 5.67 -33.81 10.77
N VAL A 14 6.06 -33.10 9.70
CA VAL A 14 5.57 -31.76 9.47
C VAL A 14 4.78 -31.68 8.16
N LYS A 15 3.64 -31.02 8.21
CA LYS A 15 2.78 -30.87 7.04
C LYS A 15 2.34 -29.42 6.87
N ALA A 16 2.18 -29.00 5.62
CA ALA A 16 1.76 -27.63 5.31
C ALA A 16 0.92 -27.58 4.05
N PRO A 17 -0.12 -26.74 4.05
CA PRO A 17 -1.01 -26.58 2.90
C PRO A 17 -0.33 -25.90 1.72
N LEU A 18 -0.94 -26.02 0.54
CA LEU A 18 -0.38 -25.40 -0.66
C LEU A 18 -1.50 -24.83 -1.54
N GLN A 19 -1.51 -23.50 -1.66
CA GLN A 19 -2.52 -22.83 -2.48
C GLN A 19 -1.92 -21.66 -3.22
N THR A 20 -2.49 -21.35 -4.39
CA THR A 20 -2.01 -20.24 -5.20
C THR A 20 -3.16 -19.35 -5.66
N LYS A 21 -2.98 -18.04 -5.52
CA LYS A 21 -4.00 -17.08 -5.92
C LYS A 21 -3.37 -15.81 -6.45
N LYS A 22 -4.15 -15.04 -7.21
CA LYS A 22 -3.66 -13.79 -7.79
C LYS A 22 -4.71 -12.69 -7.65
N LYS A 23 -4.26 -11.49 -7.30
CA LYS A 23 -5.16 -10.34 -7.13
C LYS A 23 -4.37 -9.07 -6.86
N ILE A 24 -5.06 -7.94 -6.90
CA ILE A 24 -4.43 -6.65 -6.66
C ILE A 24 -4.01 -6.50 -5.21
N MET A 25 -2.72 -6.29 -4.98
CA MET A 25 -2.19 -6.13 -3.63
C MET A 25 -2.04 -4.65 -3.28
N LYS A 26 -3.10 -4.05 -2.76
CA LYS A 26 -3.07 -2.64 -2.38
C LYS A 26 -3.93 -2.40 -1.14
N HIS A 27 -3.34 -1.76 -0.13
CA HIS A 27 -4.04 -1.46 1.10
C HIS A 27 -3.67 -0.08 1.62
N CYS A 28 -4.68 0.67 2.06
CA CYS A 28 -4.46 2.02 2.58
C CYS A 28 -3.15 2.10 3.36
N PHE A 29 -2.55 3.28 3.37
CA PHE A 29 -1.29 3.48 4.09
C PHE A 29 -1.54 4.09 5.46
N LEU A 30 -2.62 4.85 5.58
CA LEU A 30 -2.98 5.48 6.85
C LEU A 30 -3.39 4.45 7.88
N CYS A 31 -4.54 3.82 7.64
CA CYS A 31 -5.06 2.81 8.55
C CYS A 31 -4.61 1.41 8.13
N GLY A 32 -4.76 1.11 6.84
CA GLY A 32 -4.37 -0.19 6.34
C GLY A 32 -5.54 -1.01 5.87
N LYS A 33 -6.62 -0.34 5.49
CA LYS A 33 -7.82 -1.02 5.03
C LYS A 33 -7.66 -1.52 3.60
N LYS A 34 -7.93 -2.80 3.38
CA LYS A 34 -7.80 -3.40 2.05
C LYS A 34 -8.36 -2.46 0.99
N THR A 35 -7.51 -2.07 0.05
CA THR A 35 -7.91 -1.18 -1.04
C THR A 35 -7.67 -1.82 -2.40
N GLY A 36 -8.74 -2.25 -3.04
CA GLY A 36 -8.62 -2.87 -4.36
C GLY A 36 -8.42 -1.86 -5.46
N LEU A 37 -9.44 -1.70 -6.30
CA LEU A 37 -9.38 -0.76 -7.42
C LEU A 37 -10.41 0.35 -7.25
N ALA A 38 -11.66 -0.04 -7.07
CA ALA A 38 -12.75 0.92 -6.89
C ALA A 38 -12.58 1.69 -5.59
N THR A 39 -12.43 0.97 -4.49
CA THR A 39 -12.27 1.58 -3.18
C THR A 39 -10.88 2.19 -3.02
N SER A 40 -10.00 1.89 -3.98
CA SER A 40 -8.63 2.40 -3.94
C SER A 40 -8.53 3.72 -4.69
N PHE A 41 -7.85 4.69 -4.08
CA PHE A 41 -7.68 6.00 -4.69
C PHE A 41 -6.23 6.46 -4.60
N GLU A 42 -5.85 7.37 -5.48
CA GLU A 42 -4.48 7.89 -5.50
C GLU A 42 -4.44 9.35 -5.03
N CYS A 43 -3.53 9.65 -4.11
CA CYS A 43 -3.40 11.00 -3.59
C CYS A 43 -2.28 11.76 -4.30
N ARG A 44 -2.28 13.08 -4.17
CA ARG A 44 -1.26 13.91 -4.80
C ARG A 44 0.13 13.40 -4.48
N CYS A 45 0.32 12.91 -3.26
CA CYS A 45 1.61 12.40 -2.83
C CYS A 45 1.92 11.05 -3.51
N GLY A 46 0.87 10.29 -3.79
CA GLY A 46 1.05 9.00 -4.44
C GLY A 46 0.57 7.85 -3.58
N ASN A 47 0.72 8.00 -2.27
CA ASN A 47 0.29 6.96 -1.33
C ASN A 47 -1.17 6.59 -1.55
N ASN A 48 -1.46 5.29 -1.48
CA ASN A 48 -2.82 4.79 -1.67
C ASN A 48 -3.57 4.72 -0.35
N PHE A 49 -4.71 5.40 -0.28
CA PHE A 49 -5.52 5.41 0.94
C PHE A 49 -6.91 4.85 0.66
N CYS A 50 -7.66 4.60 1.73
CA CYS A 50 -9.01 4.07 1.61
C CYS A 50 -10.00 5.16 1.21
N ALA A 51 -11.20 4.76 0.81
CA ALA A 51 -12.23 5.70 0.41
C ALA A 51 -12.46 6.75 1.49
N SER A 52 -12.19 6.38 2.74
CA SER A 52 -12.38 7.28 3.87
C SER A 52 -11.19 8.22 4.01
N HIS A 53 -10.00 7.72 3.69
CA HIS A 53 -8.78 8.51 3.78
C HIS A 53 -8.21 8.79 2.40
N ARG A 54 -9.06 8.73 1.39
CA ARG A 54 -8.63 8.97 0.01
C ARG A 54 -8.28 10.45 -0.18
N TYR A 55 -8.93 11.31 0.58
CA TYR A 55 -8.68 12.74 0.48
C TYR A 55 -7.38 13.13 1.17
N ALA A 56 -6.68 14.10 0.60
CA ALA A 56 -5.40 14.55 1.16
C ALA A 56 -5.55 14.91 2.63
N GLU A 57 -6.43 15.87 2.91
CA GLU A 57 -6.67 16.30 4.29
C GLU A 57 -6.94 15.11 5.20
N ALA A 58 -7.66 14.12 4.67
CA ALA A 58 -8.00 12.92 5.43
C ALA A 58 -6.78 12.37 6.15
N HIS A 59 -5.63 12.36 5.45
CA HIS A 59 -4.40 11.86 6.03
C HIS A 59 -3.34 12.95 6.08
N GLY A 60 -3.78 14.18 6.35
CA GLY A 60 -2.85 15.30 6.43
C GLY A 60 -1.72 15.18 5.42
N CYS A 61 -2.07 15.06 4.15
CA CYS A 61 -1.09 14.94 3.08
C CYS A 61 0.09 15.88 3.33
N ASN A 62 1.27 15.45 2.90
CA ASN A 62 2.48 16.26 3.08
C ASN A 62 2.91 16.90 1.76
N TYR A 63 2.79 16.15 0.67
CA TYR A 63 3.17 16.65 -0.65
C TYR A 63 2.76 18.10 -0.81
N ASP A 64 3.62 18.88 -1.47
CA ASP A 64 3.35 20.29 -1.70
C ASP A 64 2.56 20.49 -3.00
N TYR A 65 1.24 20.44 -2.89
CA TYR A 65 0.37 20.61 -4.05
C TYR A 65 -0.21 22.03 -4.09
N LYS A 66 0.58 23.00 -3.62
CA LYS A 66 0.16 24.39 -3.61
C LYS A 66 -0.09 24.89 -5.03
N SER A 67 -1.05 25.80 -5.17
CA SER A 67 -1.39 26.37 -6.47
C SER A 67 -1.65 25.26 -7.49
N ALA A 68 -2.37 24.23 -7.06
CA ALA A 68 -2.70 23.10 -7.93
C ALA A 68 -4.14 22.67 -7.75
N GLY A 69 -4.99 22.99 -8.72
CA GLY A 69 -6.39 22.63 -8.64
C GLY A 69 -7.10 23.31 -7.50
N ARG A 70 -7.46 24.58 -7.69
CA ARG A 70 -8.16 25.35 -6.66
C ARG A 70 -8.60 26.69 -7.21
N ARG A 71 -9.69 27.22 -6.66
CA ARG A 71 -10.23 28.50 -7.08
C ARG A 71 -10.10 29.55 -5.99
N TYR A 72 -10.43 29.15 -4.76
CA TYR A 72 -10.35 30.06 -3.61
C TYR A 72 -9.32 29.57 -2.62
N LEU A 73 -8.78 30.50 -1.83
CA LEU A 73 -7.77 30.17 -0.82
C LEU A 73 -8.43 29.67 0.45
N GLU A 74 -8.05 28.46 0.86
CA GLU A 74 -8.60 27.87 2.08
C GLU A 74 -8.27 28.71 3.30
N GLU A 75 -9.23 28.83 4.21
CA GLU A 75 -9.05 29.60 5.42
C GLU A 75 -8.44 28.75 6.54
N ALA A 76 -7.40 29.28 7.17
CA ALA A 76 -6.72 28.56 8.26
C ALA A 76 -5.71 29.47 8.96
N ASN A 77 -5.58 29.29 10.27
CA ASN A 77 -4.65 30.08 11.06
C ASN A 77 -3.86 29.20 12.01
N PRO A 78 -2.54 29.14 11.80
CA PRO A 78 -1.63 28.34 12.64
C PRO A 78 -1.48 28.91 14.05
N VAL A 79 -0.69 28.24 14.87
CA VAL A 79 -0.46 28.67 16.23
C VAL A 79 1.02 28.53 16.62
N SER A 80 1.50 29.45 17.45
CA SER A 80 2.88 29.43 17.89
C SER A 80 2.98 29.72 19.39
N GLY A 81 3.69 28.84 20.10
CA GLY A 81 3.85 29.01 21.54
C GLY A 81 4.66 27.89 22.17
N PRO A 82 5.98 28.09 22.24
CA PRO A 82 6.89 27.10 22.82
C PRO A 82 6.73 26.97 24.33
N SER A 83 7.48 26.05 24.93
CA SER A 83 7.41 25.82 26.36
C SER A 83 8.57 24.95 26.84
N SER A 84 8.92 25.09 28.11
CA SER A 84 10.02 24.31 28.68
C SER A 84 10.14 24.57 30.18
N GLY A 85 11.02 23.81 30.83
CA GLY A 85 11.21 23.97 32.26
C GLY A 85 11.67 22.68 32.92
ZN ZN B . -7.42 4.23 5.51
ZN ZN C . -1.26 12.45 0.16
N GLY A 1 63.85 -20.81 13.58
CA GLY A 1 62.51 -20.78 14.13
C GLY A 1 61.46 -20.48 13.07
N SER A 2 60.20 -20.47 13.48
CA SER A 2 59.09 -20.21 12.56
C SER A 2 57.77 -20.14 13.31
N SER A 3 56.72 -19.75 12.60
CA SER A 3 55.38 -19.63 13.19
C SER A 3 54.33 -19.37 12.12
N GLY A 4 53.08 -19.31 12.55
CA GLY A 4 51.99 -19.06 11.61
C GLY A 4 50.66 -18.83 12.31
N SER A 5 49.63 -18.52 11.53
CA SER A 5 48.31 -18.27 12.09
C SER A 5 47.28 -18.08 10.97
N SER A 6 46.06 -18.57 11.21
CA SER A 6 44.99 -18.46 10.22
C SER A 6 43.65 -18.33 10.90
N GLY A 7 42.61 -18.06 10.11
CA GLY A 7 41.27 -17.91 10.66
C GLY A 7 40.20 -18.43 9.73
N ILE A 8 39.09 -18.87 10.30
CA ILE A 8 37.98 -19.41 9.51
C ILE A 8 36.64 -18.88 10.01
N HIS A 9 35.68 -18.73 9.10
CA HIS A 9 34.36 -18.24 9.46
C HIS A 9 33.42 -18.31 8.25
N HIS A 10 32.13 -18.50 8.53
CA HIS A 10 31.13 -18.58 7.47
C HIS A 10 29.73 -18.68 8.06
N LEU A 11 28.72 -18.62 7.19
CA LEU A 11 27.33 -18.70 7.62
C LEU A 11 26.48 -19.40 6.57
N PRO A 12 25.63 -20.34 7.01
CA PRO A 12 24.75 -21.10 6.11
C PRO A 12 23.63 -20.23 5.55
N PRO A 13 23.53 -20.18 4.21
CA PRO A 13 22.50 -19.39 3.52
C PRO A 13 21.10 -19.97 3.71
N VAL A 14 20.09 -19.14 3.52
CA VAL A 14 18.71 -19.55 3.67
C VAL A 14 17.85 -19.05 2.52
N LYS A 15 17.63 -19.91 1.53
CA LYS A 15 16.82 -19.54 0.37
C LYS A 15 15.55 -20.40 0.30
N ALA A 16 14.41 -19.72 0.24
CA ALA A 16 13.13 -20.42 0.16
C ALA A 16 12.59 -20.43 -1.27
N PRO A 17 12.15 -21.62 -1.72
CA PRO A 17 11.61 -21.80 -3.07
C PRO A 17 10.26 -21.10 -3.25
N LEU A 18 10.12 -20.35 -4.33
CA LEU A 18 8.88 -19.64 -4.63
C LEU A 18 8.53 -19.75 -6.10
N GLN A 19 7.35 -19.25 -6.46
CA GLN A 19 6.89 -19.28 -7.85
C GLN A 19 6.90 -17.89 -8.45
N THR A 20 6.76 -17.83 -9.78
CA THR A 20 6.76 -16.55 -10.49
C THR A 20 5.33 -16.04 -10.70
N LYS A 21 4.49 -16.22 -9.68
CA LYS A 21 3.11 -15.78 -9.76
C LYS A 21 2.71 -15.02 -8.49
N LYS A 22 1.86 -14.00 -8.65
CA LYS A 22 1.40 -13.21 -7.52
C LYS A 22 0.11 -12.48 -7.86
N LYS A 23 -0.81 -12.42 -6.90
CA LYS A 23 -2.09 -11.75 -7.10
C LYS A 23 -2.03 -10.32 -6.59
N ILE A 24 -2.08 -9.36 -7.52
CA ILE A 24 -2.03 -7.95 -7.16
C ILE A 24 -2.92 -7.66 -5.95
N MET A 25 -2.38 -6.89 -5.01
CA MET A 25 -3.14 -6.53 -3.80
C MET A 25 -2.71 -5.16 -3.29
N LYS A 26 -3.66 -4.42 -2.74
CA LYS A 26 -3.39 -3.09 -2.21
C LYS A 26 -4.22 -2.83 -0.95
N HIS A 27 -3.88 -1.76 -0.24
CA HIS A 27 -4.59 -1.40 0.98
C HIS A 27 -4.14 -0.03 1.48
N CYS A 28 -5.08 0.72 2.06
CA CYS A 28 -4.78 2.04 2.59
C CYS A 28 -3.41 2.07 3.28
N PHE A 29 -2.69 3.17 3.13
CA PHE A 29 -1.38 3.32 3.74
C PHE A 29 -1.48 3.94 5.13
N LEU A 30 -2.60 4.62 5.38
CA LEU A 30 -2.83 5.27 6.66
C LEU A 30 -3.27 4.25 7.71
N CYS A 31 -4.50 3.77 7.57
CA CYS A 31 -5.05 2.79 8.51
C CYS A 31 -4.56 1.38 8.16
N GLY A 32 -4.67 1.02 6.89
CA GLY A 32 -4.24 -0.30 6.45
C GLY A 32 -5.40 -1.17 6.02
N LYS A 33 -6.50 -0.54 5.62
CA LYS A 33 -7.68 -1.26 5.17
C LYS A 33 -7.55 -1.68 3.71
N LYS A 34 -8.08 -2.85 3.38
CA LYS A 34 -8.02 -3.36 2.02
C LYS A 34 -8.61 -2.36 1.03
N THR A 35 -8.10 -2.37 -0.19
CA THR A 35 -8.58 -1.46 -1.23
C THR A 35 -8.52 -2.11 -2.60
N GLY A 36 -9.67 -2.21 -3.26
CA GLY A 36 -9.74 -2.81 -4.58
C GLY A 36 -10.97 -2.40 -5.34
N LEU A 37 -12.13 -2.83 -4.87
CA LEU A 37 -13.40 -2.51 -5.53
C LEU A 37 -13.78 -1.05 -5.27
N ALA A 38 -13.46 -0.18 -6.22
CA ALA A 38 -13.78 1.23 -6.09
C ALA A 38 -13.48 1.75 -4.69
N THR A 39 -12.32 1.35 -4.15
CA THR A 39 -11.92 1.77 -2.82
C THR A 39 -10.51 2.34 -2.82
N SER A 40 -9.68 1.84 -3.73
CA SER A 40 -8.30 2.30 -3.83
C SER A 40 -8.22 3.61 -4.61
N PHE A 41 -7.49 4.57 -4.07
CA PHE A 41 -7.34 5.87 -4.71
C PHE A 41 -5.88 6.35 -4.64
N GLU A 42 -5.50 7.18 -5.60
CA GLU A 42 -4.13 7.70 -5.65
C GLU A 42 -4.11 9.18 -5.30
N CYS A 43 -3.17 9.57 -4.46
CA CYS A 43 -3.02 10.97 -4.04
C CYS A 43 -1.84 11.63 -4.71
N ARG A 44 -1.81 12.96 -4.70
CA ARG A 44 -0.72 13.71 -5.32
C ARG A 44 0.63 13.27 -4.76
N CYS A 45 0.64 12.90 -3.49
CA CYS A 45 1.87 12.45 -2.83
C CYS A 45 2.33 11.10 -3.38
N GLY A 46 1.36 10.22 -3.61
CA GLY A 46 1.68 8.90 -4.13
C GLY A 46 1.39 7.80 -3.13
N ASN A 47 0.39 8.01 -2.29
CA ASN A 47 0.01 7.03 -1.29
C ASN A 47 -1.42 6.57 -1.48
N ASN A 48 -1.62 5.26 -1.55
CA ASN A 48 -2.95 4.69 -1.74
C ASN A 48 -3.70 4.60 -0.41
N PHE A 49 -4.81 5.32 -0.32
CA PHE A 49 -5.62 5.32 0.89
C PHE A 49 -7.02 4.77 0.61
N CYS A 50 -7.81 4.62 1.68
CA CYS A 50 -9.17 4.10 1.55
C CYS A 50 -10.15 5.24 1.22
N ALA A 51 -11.32 4.86 0.73
CA ALA A 51 -12.34 5.84 0.38
C ALA A 51 -12.62 6.79 1.53
N SER A 52 -12.24 6.38 2.74
CA SER A 52 -12.45 7.19 3.92
C SER A 52 -11.28 8.15 4.14
N HIS A 53 -10.09 7.71 3.75
CA HIS A 53 -8.89 8.53 3.89
C HIS A 53 -8.30 8.87 2.53
N ARG A 54 -9.09 8.73 1.49
CA ARG A 54 -8.65 9.03 0.14
C ARG A 54 -8.28 10.50 -0.01
N TYR A 55 -9.02 11.36 0.68
CA TYR A 55 -8.77 12.80 0.64
C TYR A 55 -7.43 13.14 1.26
N ALA A 56 -6.90 14.30 0.91
CA ALA A 56 -5.61 14.75 1.45
C ALA A 56 -5.70 15.01 2.94
N GLU A 57 -6.42 16.05 3.32
CA GLU A 57 -6.58 16.40 4.73
C GLU A 57 -6.81 15.16 5.58
N ALA A 58 -7.56 14.21 5.03
CA ALA A 58 -7.84 12.96 5.73
C ALA A 58 -6.57 12.33 6.29
N HIS A 59 -5.52 12.34 5.48
CA HIS A 59 -4.24 11.76 5.87
C HIS A 59 -3.17 12.85 6.02
N GLY A 60 -3.61 14.06 6.36
CA GLY A 60 -2.69 15.17 6.52
C GLY A 60 -1.60 15.17 5.48
N CYS A 61 -1.99 15.02 4.21
CA CYS A 61 -1.03 15.00 3.12
C CYS A 61 0.08 16.02 3.35
N ASN A 62 1.22 15.80 2.69
CA ASN A 62 2.36 16.70 2.82
C ASN A 62 2.53 17.55 1.57
N TYR A 63 2.13 17.00 0.43
CA TYR A 63 2.25 17.71 -0.84
C TYR A 63 1.67 19.11 -0.74
N ASP A 64 2.52 20.11 -0.93
CA ASP A 64 2.11 21.50 -0.87
C ASP A 64 0.93 21.76 -1.81
N TYR A 65 -0.15 22.30 -1.25
CA TYR A 65 -1.35 22.59 -2.04
C TYR A 65 -1.47 24.09 -2.29
N LYS A 66 -0.73 24.58 -3.28
CA LYS A 66 -0.76 26.00 -3.63
C LYS A 66 -1.10 26.19 -5.10
N SER A 67 -1.60 27.37 -5.44
CA SER A 67 -1.96 27.69 -6.83
C SER A 67 -2.56 26.46 -7.52
N ALA A 68 -3.40 25.72 -6.79
CA ALA A 68 -4.05 24.53 -7.33
C ALA A 68 -5.56 24.60 -7.17
N GLY A 69 -6.00 25.04 -5.99
CA GLY A 69 -7.41 25.15 -5.72
C GLY A 69 -7.72 25.22 -4.24
N ARG A 70 -7.06 24.37 -3.45
CA ARG A 70 -7.27 24.33 -2.02
C ARG A 70 -6.07 24.92 -1.28
N ARG A 71 -6.22 25.13 0.02
CA ARG A 71 -5.16 25.70 0.84
C ARG A 71 -4.66 24.68 1.87
N TYR A 72 -3.43 24.23 1.71
CA TYR A 72 -2.85 23.25 2.63
C TYR A 72 -3.05 23.68 4.08
N LEU A 73 -2.96 24.98 4.32
CA LEU A 73 -3.13 25.52 5.67
C LEU A 73 -4.54 25.24 6.19
N GLU A 74 -4.72 24.06 6.76
CA GLU A 74 -6.01 23.67 7.31
C GLU A 74 -5.92 23.46 8.82
N GLU A 75 -6.89 24.01 9.54
CA GLU A 75 -6.92 23.89 11.00
C GLU A 75 -7.01 22.42 11.41
N ALA A 76 -6.53 22.13 12.62
CA ALA A 76 -6.55 20.77 13.14
C ALA A 76 -7.97 20.36 13.53
N ASN A 77 -8.29 19.09 13.31
CA ASN A 77 -9.62 18.58 13.65
C ASN A 77 -9.59 17.05 13.73
N PRO A 78 -10.11 16.51 14.86
CA PRO A 78 -10.16 15.08 15.09
C PRO A 78 -11.17 14.37 14.18
N VAL A 79 -11.39 13.08 14.43
CA VAL A 79 -12.33 12.31 13.64
C VAL A 79 -13.68 12.20 14.34
N SER A 80 -14.72 12.73 13.69
CA SER A 80 -16.06 12.68 14.26
C SER A 80 -17.01 11.93 13.35
N GLY A 81 -17.96 11.19 13.94
CA GLY A 81 -18.91 10.43 13.17
C GLY A 81 -20.31 10.49 13.75
N PRO A 82 -21.02 11.59 13.46
CA PRO A 82 -22.39 11.80 13.95
C PRO A 82 -23.39 10.85 13.30
N SER A 83 -24.61 10.82 13.84
CA SER A 83 -25.65 9.95 13.31
C SER A 83 -26.26 10.55 12.05
N SER A 84 -26.93 9.71 11.26
CA SER A 84 -27.57 10.15 10.03
C SER A 84 -28.83 10.96 10.33
N GLY A 85 -29.03 12.04 9.58
CA GLY A 85 -30.21 12.87 9.78
C GLY A 85 -30.62 13.59 8.51
ZN ZN B . -7.61 4.40 5.54
ZN ZN C . -1.36 12.74 -0.18
N GLY A 1 14.52 -75.76 20.79
CA GLY A 1 14.94 -74.65 19.96
C GLY A 1 13.79 -73.72 19.61
N SER A 2 14.11 -72.55 19.08
CA SER A 2 13.10 -71.57 18.71
C SER A 2 13.73 -70.39 17.96
N SER A 3 12.87 -69.56 17.35
CA SER A 3 13.34 -68.41 16.60
C SER A 3 12.18 -67.49 16.23
N GLY A 4 12.51 -66.31 15.73
CA GLY A 4 11.49 -65.36 15.35
C GLY A 4 12.04 -63.96 15.14
N SER A 5 11.35 -63.17 14.33
CA SER A 5 11.79 -61.80 14.04
C SER A 5 10.73 -61.06 13.22
N SER A 6 10.95 -59.76 13.04
CA SER A 6 10.01 -58.93 12.28
C SER A 6 10.67 -57.61 11.88
N GLY A 7 9.90 -56.77 11.18
CA GLY A 7 10.42 -55.49 10.74
C GLY A 7 9.37 -54.64 10.05
N ILE A 8 9.21 -53.41 10.52
CA ILE A 8 8.23 -52.50 9.95
C ILE A 8 8.86 -51.15 9.63
N HIS A 9 8.51 -50.59 8.48
CA HIS A 9 9.03 -49.30 8.06
C HIS A 9 8.02 -48.56 7.18
N HIS A 10 8.17 -47.24 7.11
CA HIS A 10 7.27 -46.41 6.31
C HIS A 10 7.95 -45.12 5.89
N LEU A 11 7.56 -44.59 4.74
CA LEU A 11 8.14 -43.35 4.22
C LEU A 11 7.04 -42.38 3.80
N PRO A 12 6.91 -41.28 4.55
CA PRO A 12 5.90 -40.25 4.26
C PRO A 12 6.22 -39.47 2.99
N PRO A 13 5.18 -39.24 2.17
CA PRO A 13 5.32 -38.51 0.91
C PRO A 13 5.60 -37.02 1.13
N VAL A 14 6.27 -36.40 0.17
CA VAL A 14 6.60 -34.98 0.26
C VAL A 14 6.38 -34.28 -1.07
N LYS A 15 5.73 -33.12 -1.03
CA LYS A 15 5.45 -32.34 -2.22
C LYS A 15 4.81 -31.00 -1.87
N ALA A 16 5.10 -29.99 -2.68
CA ALA A 16 4.55 -28.66 -2.46
C ALA A 16 4.45 -27.88 -3.76
N PRO A 17 3.23 -27.40 -4.08
CA PRO A 17 2.97 -26.64 -5.29
C PRO A 17 3.62 -25.25 -5.27
N LEU A 18 3.82 -24.66 -6.43
CA LEU A 18 4.42 -23.34 -6.55
C LEU A 18 3.35 -22.27 -6.72
N GLN A 19 2.44 -22.50 -7.66
CA GLN A 19 1.36 -21.55 -7.93
C GLN A 19 1.92 -20.15 -8.11
N THR A 20 3.03 -20.04 -8.82
CA THR A 20 3.67 -18.75 -9.06
C THR A 20 2.78 -17.86 -9.94
N LYS A 21 1.90 -17.11 -9.30
CA LYS A 21 1.00 -16.21 -10.02
C LYS A 21 1.08 -14.79 -9.46
N LYS A 22 1.45 -13.84 -10.33
CA LYS A 22 1.56 -12.45 -9.93
C LYS A 22 0.20 -11.75 -9.98
N LYS A 23 -0.01 -10.83 -9.06
CA LYS A 23 -1.26 -10.08 -8.99
C LYS A 23 -1.07 -8.73 -8.32
N ILE A 24 -2.02 -7.83 -8.52
CA ILE A 24 -1.95 -6.49 -7.93
C ILE A 24 -2.62 -6.46 -6.56
N MET A 25 -1.85 -6.13 -5.53
CA MET A 25 -2.38 -6.06 -4.18
C MET A 25 -1.91 -4.79 -3.48
N LYS A 26 -2.86 -4.07 -2.88
CA LYS A 26 -2.55 -2.83 -2.18
C LYS A 26 -3.64 -2.49 -1.16
N HIS A 27 -3.26 -1.74 -0.14
CA HIS A 27 -4.21 -1.34 0.90
C HIS A 27 -3.83 0.02 1.49
N CYS A 28 -4.83 0.71 2.04
CA CYS A 28 -4.61 2.02 2.63
C CYS A 28 -3.31 2.06 3.41
N PHE A 29 -2.63 3.21 3.38
CA PHE A 29 -1.37 3.36 4.09
C PHE A 29 -1.59 3.97 5.47
N LEU A 30 -2.72 4.64 5.64
CA LEU A 30 -3.06 5.27 6.92
C LEU A 30 -3.49 4.22 7.94
N CYS A 31 -4.66 3.64 7.73
CA CYS A 31 -5.19 2.62 8.63
C CYS A 31 -4.74 1.22 8.20
N GLY A 32 -4.87 0.95 6.90
CA GLY A 32 -4.48 -0.34 6.39
C GLY A 32 -5.65 -1.09 5.78
N LYS A 33 -6.71 -0.37 5.45
CA LYS A 33 -7.90 -0.98 4.85
C LYS A 33 -7.56 -1.64 3.52
N LYS A 34 -8.22 -2.76 3.25
CA LYS A 34 -8.00 -3.49 2.00
C LYS A 34 -8.69 -2.79 0.82
N THR A 35 -7.92 -2.00 0.08
CA THR A 35 -8.44 -1.27 -1.07
C THR A 35 -8.21 -2.05 -2.36
N GLY A 36 -9.28 -2.35 -3.07
CA GLY A 36 -9.16 -3.08 -4.32
C GLY A 36 -8.85 -2.18 -5.49
N LEU A 37 -9.81 -2.03 -6.40
CA LEU A 37 -9.63 -1.19 -7.58
C LEU A 37 -10.41 0.12 -7.44
N ALA A 38 -11.73 0.00 -7.31
CA ALA A 38 -12.59 1.16 -7.16
C ALA A 38 -12.36 1.86 -5.82
N THR A 39 -12.21 1.07 -4.77
CA THR A 39 -11.99 1.60 -3.44
C THR A 39 -10.62 2.24 -3.32
N SER A 40 -9.68 1.76 -4.13
CA SER A 40 -8.31 2.28 -4.13
C SER A 40 -8.24 3.62 -4.84
N PHE A 41 -7.69 4.61 -4.17
CA PHE A 41 -7.56 5.95 -4.75
C PHE A 41 -6.09 6.40 -4.75
N GLU A 42 -5.82 7.49 -5.46
CA GLU A 42 -4.47 8.02 -5.55
C GLU A 42 -4.43 9.47 -5.07
N CYS A 43 -3.48 9.76 -4.18
CA CYS A 43 -3.34 11.12 -3.64
C CYS A 43 -2.19 11.85 -4.32
N ARG A 44 -2.17 13.17 -4.17
CA ARG A 44 -1.13 13.99 -4.77
C ARG A 44 0.26 13.44 -4.45
N CYS A 45 0.41 12.90 -3.24
CA CYS A 45 1.68 12.35 -2.81
C CYS A 45 1.93 11.00 -3.46
N GLY A 46 0.87 10.23 -3.66
CA GLY A 46 0.99 8.92 -4.29
C GLY A 46 0.49 7.80 -3.39
N ASN A 47 0.73 7.93 -2.09
CA ASN A 47 0.30 6.92 -1.13
C ASN A 47 -1.16 6.53 -1.38
N ASN A 48 -1.45 5.24 -1.27
CA ASN A 48 -2.80 4.74 -1.48
C ASN A 48 -3.56 4.69 -0.15
N PHE A 49 -4.75 5.28 -0.15
CA PHE A 49 -5.60 5.31 1.04
C PHE A 49 -7.00 4.76 0.75
N CYS A 50 -7.79 4.60 1.80
CA CYS A 50 -9.15 4.10 1.64
C CYS A 50 -10.11 5.20 1.23
N ALA A 51 -11.32 4.83 0.85
CA ALA A 51 -12.33 5.80 0.43
C ALA A 51 -12.57 6.84 1.52
N SER A 52 -12.28 6.48 2.76
CA SER A 52 -12.46 7.39 3.88
C SER A 52 -11.24 8.30 4.05
N HIS A 53 -10.07 7.77 3.74
CA HIS A 53 -8.83 8.52 3.86
C HIS A 53 -8.23 8.80 2.48
N ARG A 54 -9.06 8.73 1.45
CA ARG A 54 -8.61 8.98 0.09
C ARG A 54 -8.21 10.44 -0.10
N TYR A 55 -8.84 11.32 0.67
CA TYR A 55 -8.54 12.75 0.59
C TYR A 55 -7.22 13.08 1.26
N ALA A 56 -6.53 14.09 0.73
CA ALA A 56 -5.25 14.50 1.27
C ALA A 56 -5.38 14.91 2.73
N GLU A 57 -6.25 15.89 2.99
CA GLU A 57 -6.48 16.38 4.35
C GLU A 57 -6.79 15.22 5.30
N ALA A 58 -7.52 14.24 4.80
CA ALA A 58 -7.89 13.07 5.60
C ALA A 58 -6.66 12.47 6.27
N HIS A 59 -5.56 12.39 5.54
CA HIS A 59 -4.32 11.83 6.06
C HIS A 59 -3.22 12.89 6.12
N GLY A 60 -3.61 14.13 6.38
CA GLY A 60 -2.65 15.22 6.45
C GLY A 60 -1.58 15.11 5.40
N CYS A 61 -1.99 15.06 4.13
CA CYS A 61 -1.05 14.96 3.01
C CYS A 61 0.14 15.88 3.22
N ASN A 62 1.22 15.62 2.50
CA ASN A 62 2.43 16.43 2.60
C ASN A 62 2.67 17.21 1.31
N TYR A 63 2.47 16.55 0.17
CA TYR A 63 2.66 17.19 -1.13
C TYR A 63 2.03 18.58 -1.16
N ASP A 64 2.87 19.59 -1.29
CA ASP A 64 2.39 20.98 -1.34
C ASP A 64 1.53 21.22 -2.57
N TYR A 65 0.26 21.51 -2.35
CA TYR A 65 -0.67 21.75 -3.44
C TYR A 65 -1.01 23.24 -3.55
N LYS A 66 -0.03 24.04 -3.90
CA LYS A 66 -0.22 25.48 -4.03
C LYS A 66 -1.11 25.80 -5.23
N SER A 67 -1.78 26.94 -5.17
CA SER A 67 -2.67 27.36 -6.25
C SER A 67 -3.57 26.21 -6.70
N ALA A 68 -3.88 25.32 -5.77
CA ALA A 68 -4.72 24.16 -6.07
C ALA A 68 -6.04 24.26 -5.30
N GLY A 69 -5.94 24.50 -3.99
CA GLY A 69 -7.13 24.60 -3.17
C GLY A 69 -6.80 24.70 -1.69
N ARG A 70 -7.28 25.78 -1.06
CA ARG A 70 -7.03 25.99 0.36
C ARG A 70 -7.77 24.96 1.20
N ARG A 71 -9.06 24.79 0.92
CA ARG A 71 -9.89 23.84 1.66
C ARG A 71 -10.90 23.18 0.74
N TYR A 72 -11.18 21.90 0.99
CA TYR A 72 -12.13 21.15 0.18
C TYR A 72 -13.55 21.31 0.73
N LEU A 73 -13.70 21.12 2.03
CA LEU A 73 -15.01 21.25 2.68
C LEU A 73 -14.85 21.54 4.17
N GLU A 74 -15.97 21.82 4.83
CA GLU A 74 -15.96 22.11 6.25
C GLU A 74 -15.97 20.83 7.08
N GLU A 75 -15.37 20.88 8.26
CA GLU A 75 -15.30 19.72 9.14
C GLU A 75 -15.77 20.08 10.55
N ALA A 76 -15.98 19.06 11.38
CA ALA A 76 -16.42 19.27 12.75
C ALA A 76 -15.84 18.23 13.68
N ASN A 77 -15.17 18.67 14.73
CA ASN A 77 -14.56 17.76 15.70
C ASN A 77 -15.58 17.34 16.76
N PRO A 78 -15.52 16.06 17.16
CA PRO A 78 -16.43 15.50 18.16
C PRO A 78 -16.14 16.04 19.56
N VAL A 79 -16.94 15.62 20.53
CA VAL A 79 -16.78 16.06 21.90
C VAL A 79 -16.47 14.88 22.82
N SER A 80 -15.61 15.12 23.82
CA SER A 80 -15.24 14.08 24.77
C SER A 80 -16.06 14.18 26.05
N GLY A 81 -16.23 13.05 26.73
CA GLY A 81 -16.99 13.03 27.96
C GLY A 81 -16.19 12.49 29.13
N PRO A 82 -16.21 13.23 30.25
CA PRO A 82 -15.49 12.82 31.47
C PRO A 82 -16.11 11.61 32.14
N SER A 83 -15.67 11.32 33.36
CA SER A 83 -16.17 10.18 34.10
C SER A 83 -15.72 10.24 35.56
N SER A 84 -16.63 9.89 36.47
CA SER A 84 -16.32 9.90 37.89
C SER A 84 -17.46 9.30 38.70
N GLY A 85 -17.14 8.81 39.91
CA GLY A 85 -18.15 8.22 40.76
C GLY A 85 -17.60 7.81 42.11
ZN ZN B . -7.54 4.20 5.64
ZN ZN C . -1.26 12.48 0.15
N GLY A 1 46.68 -58.78 7.35
CA GLY A 1 45.50 -58.45 6.60
C GLY A 1 44.55 -57.56 7.36
N SER A 2 43.57 -57.00 6.67
CA SER A 2 42.59 -56.11 7.29
C SER A 2 41.51 -55.71 6.30
N SER A 3 40.42 -55.15 6.82
CA SER A 3 39.30 -54.71 5.98
C SER A 3 38.28 -53.95 6.79
N GLY A 4 37.34 -53.30 6.10
CA GLY A 4 36.31 -52.53 6.78
C GLY A 4 35.32 -51.91 5.81
N SER A 5 34.26 -51.32 6.36
CA SER A 5 33.24 -50.69 5.53
C SER A 5 32.24 -49.93 6.40
N SER A 6 31.69 -48.85 5.86
CA SER A 6 30.73 -48.03 6.58
C SER A 6 30.09 -46.99 5.66
N GLY A 7 29.02 -46.36 6.13
CA GLY A 7 28.34 -45.35 5.34
C GLY A 7 27.21 -44.69 6.10
N ILE A 8 26.54 -43.73 5.45
CA ILE A 8 25.43 -43.02 6.07
C ILE A 8 24.39 -42.63 5.03
N HIS A 9 23.17 -42.38 5.50
CA HIS A 9 22.07 -41.99 4.62
C HIS A 9 21.30 -40.80 5.19
N HIS A 10 20.72 -40.01 4.30
CA HIS A 10 19.95 -38.84 4.72
C HIS A 10 18.84 -38.53 3.71
N LEU A 11 18.00 -37.55 4.05
CA LEU A 11 16.90 -37.16 3.17
C LEU A 11 16.45 -35.73 3.47
N PRO A 12 16.48 -34.88 2.44
CA PRO A 12 16.09 -33.47 2.56
C PRO A 12 14.59 -33.31 2.77
N PRO A 13 14.18 -32.16 3.33
CA PRO A 13 12.78 -31.86 3.59
C PRO A 13 11.98 -31.63 2.31
N VAL A 14 10.67 -31.46 2.45
CA VAL A 14 9.80 -31.23 1.30
C VAL A 14 9.46 -29.76 1.15
N LYS A 15 9.82 -29.19 0.01
CA LYS A 15 9.55 -27.78 -0.26
C LYS A 15 8.59 -27.62 -1.44
N ALA A 16 7.42 -27.06 -1.18
CA ALA A 16 6.42 -26.85 -2.22
C ALA A 16 6.33 -25.38 -2.61
N PRO A 17 5.89 -25.12 -3.85
CA PRO A 17 5.75 -23.75 -4.36
C PRO A 17 4.60 -22.99 -3.69
N LEU A 18 4.94 -21.92 -2.99
CA LEU A 18 3.94 -21.10 -2.31
C LEU A 18 3.98 -19.66 -2.79
N GLN A 19 2.89 -18.94 -2.58
CA GLN A 19 2.80 -17.54 -2.99
C GLN A 19 3.52 -17.32 -4.31
N THR A 20 3.40 -18.29 -5.22
CA THR A 20 4.04 -18.20 -6.52
C THR A 20 3.44 -17.08 -7.36
N LYS A 21 2.15 -17.18 -7.64
CA LYS A 21 1.44 -16.17 -8.43
C LYS A 21 1.64 -14.78 -7.82
N LYS A 22 1.11 -13.77 -8.50
CA LYS A 22 1.22 -12.40 -8.03
C LYS A 22 -0.14 -11.88 -7.55
N LYS A 23 -0.48 -12.17 -6.30
CA LYS A 23 -1.74 -11.74 -5.72
C LYS A 23 -1.67 -10.28 -5.30
N ILE A 24 -2.55 -9.46 -5.86
CA ILE A 24 -2.58 -8.04 -5.54
C ILE A 24 -2.57 -7.82 -4.02
N MET A 25 -1.53 -7.14 -3.54
CA MET A 25 -1.40 -6.85 -2.11
C MET A 25 -1.18 -5.37 -1.88
N LYS A 26 -2.28 -4.62 -1.77
CA LYS A 26 -2.21 -3.19 -1.52
C LYS A 26 -3.41 -2.71 -0.71
N HIS A 27 -3.14 -1.84 0.26
CA HIS A 27 -4.20 -1.31 1.12
C HIS A 27 -3.83 0.08 1.63
N CYS A 28 -4.84 0.83 2.07
CA CYS A 28 -4.63 2.18 2.58
C CYS A 28 -3.29 2.29 3.29
N PHE A 29 -2.68 3.47 3.23
CA PHE A 29 -1.38 3.69 3.86
C PHE A 29 -1.57 4.28 5.25
N LEU A 30 -2.70 4.94 5.48
CA LEU A 30 -3.00 5.56 6.76
C LEU A 30 -3.36 4.49 7.80
N CYS A 31 -4.53 3.88 7.63
CA CYS A 31 -4.99 2.85 8.54
C CYS A 31 -4.56 1.46 8.07
N GLY A 32 -4.79 1.19 6.79
CA GLY A 32 -4.42 -0.10 6.23
C GLY A 32 -5.62 -0.89 5.75
N LYS A 33 -6.72 -0.19 5.47
CA LYS A 33 -7.94 -0.83 5.00
C LYS A 33 -7.78 -1.34 3.57
N LYS A 34 -8.33 -2.51 3.29
CA LYS A 34 -8.25 -3.11 1.97
C LYS A 34 -8.70 -2.12 0.90
N THR A 35 -8.02 -2.13 -0.24
CA THR A 35 -8.36 -1.24 -1.34
C THR A 35 -8.00 -1.86 -2.68
N GLY A 36 -9.01 -2.15 -3.49
CA GLY A 36 -8.79 -2.76 -4.78
C GLY A 36 -9.90 -2.45 -5.77
N LEU A 37 -11.02 -3.14 -5.63
CA LEU A 37 -12.17 -2.93 -6.52
C LEU A 37 -12.75 -1.54 -6.33
N ALA A 38 -12.49 -0.65 -7.28
CA ALA A 38 -13.00 0.71 -7.22
C ALA A 38 -12.98 1.24 -5.79
N THR A 39 -11.89 0.97 -5.08
CA THR A 39 -11.75 1.42 -3.70
C THR A 39 -10.47 2.22 -3.51
N SER A 40 -9.36 1.66 -3.98
CA SER A 40 -8.06 2.32 -3.85
C SER A 40 -8.04 3.63 -4.64
N PHE A 41 -7.61 4.70 -4.00
CA PHE A 41 -7.55 6.02 -4.63
C PHE A 41 -6.09 6.47 -4.80
N GLU A 42 -5.89 7.45 -5.66
CA GLU A 42 -4.55 7.98 -5.90
C GLU A 42 -4.46 9.45 -5.51
N CYS A 43 -3.51 9.77 -4.64
CA CYS A 43 -3.32 11.14 -4.19
C CYS A 43 -2.15 11.81 -4.92
N ARG A 44 -2.08 13.12 -4.84
CA ARG A 44 -1.02 13.88 -5.49
C ARG A 44 0.35 13.47 -4.95
N CYS A 45 0.38 13.09 -3.68
CA CYS A 45 1.63 12.67 -3.05
C CYS A 45 2.11 11.34 -3.60
N GLY A 46 1.17 10.41 -3.81
CA GLY A 46 1.51 9.10 -4.33
C GLY A 46 1.27 7.99 -3.33
N ASN A 47 0.30 8.20 -2.45
CA ASN A 47 -0.03 7.20 -1.43
C ASN A 47 -1.46 6.69 -1.62
N ASN A 48 -1.61 5.37 -1.62
CA ASN A 48 -2.92 4.75 -1.78
C ASN A 48 -3.66 4.67 -0.46
N PHE A 49 -4.77 5.40 -0.35
CA PHE A 49 -5.57 5.41 0.86
C PHE A 49 -6.95 4.82 0.61
N CYS A 50 -7.73 4.69 1.67
CA CYS A 50 -9.07 4.13 1.58
C CYS A 50 -10.08 5.20 1.19
N ALA A 51 -11.29 4.79 0.86
CA ALA A 51 -12.35 5.72 0.48
C ALA A 51 -12.60 6.74 1.57
N SER A 52 -12.37 6.34 2.82
CA SER A 52 -12.56 7.22 3.96
C SER A 52 -11.37 8.15 4.15
N HIS A 53 -10.19 7.67 3.77
CA HIS A 53 -8.97 8.46 3.89
C HIS A 53 -8.41 8.81 2.52
N ARG A 54 -9.26 8.77 1.51
CA ARG A 54 -8.84 9.07 0.14
C ARG A 54 -8.49 10.55 0.01
N TYR A 55 -9.11 11.39 0.82
CA TYR A 55 -8.86 12.83 0.79
C TYR A 55 -7.49 13.16 1.37
N ALA A 56 -6.97 14.34 1.03
CA ALA A 56 -5.67 14.76 1.52
C ALA A 56 -5.69 14.98 3.03
N GLU A 57 -6.46 15.97 3.47
CA GLU A 57 -6.57 16.27 4.90
C GLU A 57 -6.78 15.00 5.71
N ALA A 58 -7.62 14.11 5.19
CA ALA A 58 -7.90 12.84 5.87
C ALA A 58 -6.62 12.17 6.32
N HIS A 59 -5.64 12.09 5.43
CA HIS A 59 -4.37 11.45 5.73
C HIS A 59 -3.26 12.50 5.86
N GLY A 60 -3.65 13.72 6.22
CA GLY A 60 -2.68 14.79 6.38
C GLY A 60 -1.63 14.78 5.28
N CYS A 61 -2.08 14.81 4.03
CA CYS A 61 -1.17 14.80 2.89
C CYS A 61 0.08 15.61 3.19
N ASN A 62 1.23 15.07 2.83
CA ASN A 62 2.51 15.74 3.05
C ASN A 62 2.94 16.52 1.81
N TYR A 63 2.60 15.99 0.64
CA TYR A 63 2.97 16.63 -0.61
C TYR A 63 2.81 18.15 -0.52
N ASP A 64 3.90 18.87 -0.74
CA ASP A 64 3.89 20.32 -0.67
C ASP A 64 2.89 20.89 -1.68
N TYR A 65 1.63 21.00 -1.28
CA TYR A 65 0.59 21.53 -2.14
C TYR A 65 0.91 22.96 -2.56
N LYS A 66 1.39 23.12 -3.79
CA LYS A 66 1.73 24.44 -4.31
C LYS A 66 0.60 25.00 -5.17
N SER A 67 -0.03 26.07 -4.69
CA SER A 67 -1.13 26.69 -5.41
C SER A 67 -2.19 25.66 -5.78
N ALA A 68 -2.65 24.91 -4.79
CA ALA A 68 -3.66 23.89 -5.01
C ALA A 68 -5.06 24.51 -5.10
N GLY A 69 -5.40 25.33 -4.12
CA GLY A 69 -6.70 25.98 -4.10
C GLY A 69 -7.82 25.00 -4.34
N ARG A 70 -7.78 23.86 -3.65
CA ARG A 70 -8.81 22.84 -3.79
C ARG A 70 -10.02 23.17 -2.93
N ARG A 71 -9.81 23.23 -1.62
CA ARG A 71 -10.88 23.55 -0.69
C ARG A 71 -10.33 23.90 0.69
N TYR A 72 -10.86 24.98 1.27
CA TYR A 72 -10.41 25.43 2.58
C TYR A 72 -10.08 24.25 3.49
N LEU A 73 -9.18 24.47 4.43
CA LEU A 73 -8.77 23.42 5.37
C LEU A 73 -8.22 24.02 6.65
N GLU A 74 -8.17 23.22 7.70
CA GLU A 74 -7.66 23.67 8.99
C GLU A 74 -6.80 22.59 9.65
N GLU A 75 -5.86 23.02 10.49
CA GLU A 75 -4.97 22.09 11.17
C GLU A 75 -5.32 22.01 12.66
N ALA A 76 -5.33 20.79 13.19
CA ALA A 76 -5.64 20.58 14.60
C ALA A 76 -5.45 19.11 14.99
N ASN A 77 -5.77 18.78 16.23
CA ASN A 77 -5.63 17.42 16.72
C ASN A 77 -4.17 16.99 16.73
N PRO A 78 -3.32 17.81 17.38
CA PRO A 78 -1.89 17.54 17.48
C PRO A 78 -1.59 16.34 18.39
N VAL A 79 -0.30 16.05 18.57
CA VAL A 79 0.12 14.94 19.41
C VAL A 79 1.11 15.40 20.48
N SER A 80 0.98 14.83 21.68
CA SER A 80 1.86 15.18 22.78
C SER A 80 2.80 14.02 23.12
N GLY A 81 3.71 14.26 24.06
CA GLY A 81 4.64 13.23 24.46
C GLY A 81 4.70 13.04 25.97
N PRO A 82 4.50 11.79 26.43
CA PRO A 82 4.53 11.46 27.85
C PRO A 82 5.92 11.58 28.46
N SER A 83 6.06 11.13 29.71
CA SER A 83 7.34 11.17 30.39
C SER A 83 7.29 10.38 31.68
N SER A 84 8.43 10.29 32.37
CA SER A 84 8.52 9.55 33.63
C SER A 84 8.46 10.50 34.81
N GLY A 85 8.49 9.92 36.02
CA GLY A 85 8.45 10.73 37.22
C GLY A 85 8.67 9.92 38.47
ZN ZN B . -7.46 4.37 5.63
ZN ZN C . -1.56 12.78 -0.29
N GLY A 1 50.05 -50.44 -10.03
CA GLY A 1 48.76 -50.17 -10.63
C GLY A 1 47.65 -50.10 -9.60
N SER A 2 46.75 -49.14 -9.77
CA SER A 2 45.63 -48.96 -8.85
C SER A 2 44.65 -47.92 -9.37
N SER A 3 43.37 -48.16 -9.14
CA SER A 3 42.32 -47.24 -9.59
C SER A 3 40.96 -47.66 -9.07
N GLY A 4 39.96 -46.81 -9.26
CA GLY A 4 38.61 -47.11 -8.81
C GLY A 4 37.85 -45.88 -8.40
N SER A 5 36.86 -45.49 -9.19
CA SER A 5 36.05 -44.32 -8.91
C SER A 5 34.72 -44.38 -9.65
N SER A 6 33.65 -43.96 -8.98
CA SER A 6 32.32 -43.97 -9.57
C SER A 6 31.31 -43.31 -8.64
N GLY A 7 30.10 -43.12 -9.15
CA GLY A 7 29.05 -42.49 -8.34
C GLY A 7 28.38 -41.34 -9.07
N ILE A 8 27.28 -41.63 -9.75
CA ILE A 8 26.55 -40.60 -10.48
C ILE A 8 25.13 -41.05 -10.78
N HIS A 9 24.15 -40.29 -10.28
CA HIS A 9 22.74 -40.61 -10.49
C HIS A 9 21.85 -39.44 -10.08
N HIS A 10 21.19 -38.85 -11.07
CA HIS A 10 20.30 -37.72 -10.82
C HIS A 10 19.52 -37.34 -12.07
N LEU A 11 18.27 -36.91 -11.88
CA LEU A 11 17.43 -36.52 -13.01
C LEU A 11 16.38 -35.51 -12.57
N PRO A 12 16.21 -34.44 -13.36
CA PRO A 12 15.23 -33.39 -13.08
C PRO A 12 13.79 -33.86 -13.25
N PRO A 13 13.00 -33.73 -12.18
CA PRO A 13 11.59 -34.13 -12.18
C PRO A 13 10.73 -33.24 -13.05
N VAL A 14 9.95 -33.86 -13.94
CA VAL A 14 9.07 -33.12 -14.83
C VAL A 14 7.62 -33.18 -14.37
N LYS A 15 7.25 -32.29 -13.47
CA LYS A 15 5.88 -32.25 -12.95
C LYS A 15 5.69 -31.03 -12.05
N ALA A 16 4.95 -30.05 -12.56
CA ALA A 16 4.68 -28.82 -11.81
C ALA A 16 3.55 -28.02 -12.45
N PRO A 17 2.45 -27.85 -11.69
CA PRO A 17 1.28 -27.10 -12.16
C PRO A 17 1.55 -25.61 -12.30
N LEU A 18 1.46 -25.10 -13.52
CA LEU A 18 1.69 -23.69 -13.78
C LEU A 18 0.41 -22.99 -14.20
N GLN A 19 0.19 -21.79 -13.67
CA GLN A 19 -1.01 -21.02 -14.00
C GLN A 19 -0.70 -19.52 -14.03
N THR A 20 -1.66 -18.73 -14.50
CA THR A 20 -1.49 -17.29 -14.58
C THR A 20 -2.69 -16.55 -13.98
N LYS A 21 -2.50 -16.00 -12.78
CA LYS A 21 -3.55 -15.28 -12.10
C LYS A 21 -2.98 -14.16 -11.23
N LYS A 22 -3.32 -12.92 -11.55
CA LYS A 22 -2.84 -11.77 -10.79
C LYS A 22 -3.38 -11.79 -9.37
N LYS A 23 -2.50 -11.63 -8.39
CA LYS A 23 -2.90 -11.62 -6.99
C LYS A 23 -2.48 -10.32 -6.31
N ILE A 24 -2.65 -9.21 -7.03
CA ILE A 24 -2.30 -7.90 -6.49
C ILE A 24 -3.46 -7.29 -5.72
N MET A 25 -3.21 -6.95 -4.45
CA MET A 25 -4.23 -6.35 -3.60
C MET A 25 -3.71 -5.09 -2.92
N LYS A 26 -4.32 -3.96 -3.23
CA LYS A 26 -3.93 -2.69 -2.66
C LYS A 26 -4.62 -2.46 -1.32
N HIS A 27 -3.97 -1.68 -0.44
CA HIS A 27 -4.53 -1.39 0.87
C HIS A 27 -4.06 -0.02 1.36
N CYS A 28 -4.94 0.70 2.05
CA CYS A 28 -4.61 2.02 2.58
C CYS A 28 -3.23 2.02 3.24
N PHE A 29 -2.56 3.15 3.19
CA PHE A 29 -1.23 3.28 3.79
C PHE A 29 -1.32 3.94 5.16
N LEU A 30 -2.38 4.71 5.38
CA LEU A 30 -2.58 5.39 6.65
C LEU A 30 -3.10 4.43 7.71
N CYS A 31 -4.27 3.84 7.44
CA CYS A 31 -4.88 2.90 8.37
C CYS A 31 -4.39 1.48 8.10
N GLY A 32 -4.39 1.09 6.84
CA GLY A 32 -3.95 -0.25 6.47
C GLY A 32 -5.10 -1.19 6.20
N LYS A 33 -6.19 -0.64 5.66
CA LYS A 33 -7.37 -1.45 5.35
C LYS A 33 -7.39 -1.84 3.88
N LYS A 34 -8.00 -2.98 3.58
CA LYS A 34 -8.09 -3.46 2.21
C LYS A 34 -8.97 -2.54 1.37
N THR A 35 -8.52 -2.25 0.15
CA THR A 35 -9.27 -1.38 -0.76
C THR A 35 -9.73 -2.15 -1.99
N GLY A 36 -8.78 -2.69 -2.73
CA GLY A 36 -9.11 -3.44 -3.93
C GLY A 36 -8.59 -2.78 -5.19
N LEU A 37 -9.43 -2.74 -6.22
CA LEU A 37 -9.04 -2.13 -7.49
C LEU A 37 -9.73 -0.79 -7.68
N ALA A 38 -11.05 -0.78 -7.47
CA ALA A 38 -11.83 0.45 -7.62
C ALA A 38 -11.54 1.42 -6.48
N THR A 39 -11.95 1.06 -5.27
CA THR A 39 -11.74 1.90 -4.11
C THR A 39 -10.34 2.51 -4.12
N SER A 40 -9.34 1.67 -4.25
CA SER A 40 -7.95 2.12 -4.26
C SER A 40 -7.83 3.46 -4.99
N PHE A 41 -7.54 4.51 -4.23
CA PHE A 41 -7.40 5.85 -4.80
C PHE A 41 -5.97 6.35 -4.65
N GLU A 42 -5.55 7.21 -5.58
CA GLU A 42 -4.20 7.76 -5.55
C GLU A 42 -4.23 9.24 -5.19
N CYS A 43 -3.42 9.60 -4.19
CA CYS A 43 -3.36 10.99 -3.74
C CYS A 43 -2.19 11.72 -4.41
N ARG A 44 -2.23 13.05 -4.34
CA ARG A 44 -1.18 13.87 -4.95
C ARG A 44 0.20 13.38 -4.52
N CYS A 45 0.31 12.93 -3.28
CA CYS A 45 1.58 12.45 -2.74
C CYS A 45 1.97 11.14 -3.42
N GLY A 46 0.99 10.27 -3.66
CA GLY A 46 1.26 9.00 -4.30
C GLY A 46 1.10 7.83 -3.34
N ASN A 47 0.28 8.01 -2.32
CA ASN A 47 0.04 6.97 -1.33
C ASN A 47 -1.38 6.41 -1.45
N ASN A 48 -1.48 5.09 -1.51
CA ASN A 48 -2.77 4.43 -1.64
C ASN A 48 -3.52 4.47 -0.31
N PHE A 49 -4.67 5.14 -0.31
CA PHE A 49 -5.49 5.26 0.90
C PHE A 49 -6.91 4.75 0.63
N CYS A 50 -7.67 4.57 1.71
CA CYS A 50 -9.05 4.10 1.61
C CYS A 50 -9.99 5.24 1.26
N ALA A 51 -11.25 4.89 0.97
CA ALA A 51 -12.25 5.88 0.62
C ALA A 51 -12.38 6.93 1.72
N SER A 52 -12.18 6.51 2.96
CA SER A 52 -12.29 7.41 4.10
C SER A 52 -11.06 8.32 4.18
N HIS A 53 -9.90 7.78 3.85
CA HIS A 53 -8.66 8.54 3.89
C HIS A 53 -8.12 8.77 2.47
N ARG A 54 -9.02 8.75 1.49
CA ARG A 54 -8.62 8.95 0.10
C ARG A 54 -8.24 10.41 -0.15
N TYR A 55 -8.87 11.31 0.58
CA TYR A 55 -8.59 12.74 0.43
C TYR A 55 -7.28 13.12 1.13
N ALA A 56 -6.66 14.18 0.65
CA ALA A 56 -5.40 14.66 1.22
C ALA A 56 -5.59 15.11 2.66
N GLU A 57 -6.53 16.03 2.87
CA GLU A 57 -6.81 16.55 4.19
C GLU A 57 -7.10 15.43 5.18
N ALA A 58 -7.87 14.44 4.73
CA ALA A 58 -8.22 13.30 5.57
C ALA A 58 -6.99 12.71 6.23
N HIS A 59 -5.89 12.61 5.48
CA HIS A 59 -4.65 12.07 6.01
C HIS A 59 -3.57 13.14 6.07
N GLY A 60 -3.98 14.38 6.34
CA GLY A 60 -3.05 15.47 6.42
C GLY A 60 -1.91 15.35 5.43
N CYS A 61 -2.26 15.22 4.15
CA CYS A 61 -1.27 15.10 3.09
C CYS A 61 -0.08 16.02 3.35
N ASN A 62 1.11 15.51 3.07
CA ASN A 62 2.34 16.28 3.27
C ASN A 62 2.79 16.94 1.97
N TYR A 63 2.67 16.20 0.87
CA TYR A 63 3.08 16.72 -0.44
C TYR A 63 2.72 18.20 -0.57
N ASP A 64 3.50 18.92 -1.36
CA ASP A 64 3.27 20.34 -1.58
C ASP A 64 2.44 20.58 -2.83
N TYR A 65 1.19 20.94 -2.66
CA TYR A 65 0.29 21.19 -3.78
C TYR A 65 -0.15 22.65 -3.81
N LYS A 66 0.80 23.57 -3.62
CA LYS A 66 0.52 24.99 -3.64
C LYS A 66 0.84 25.61 -4.99
N SER A 67 2.04 25.31 -5.49
CA SER A 67 2.48 25.84 -6.77
C SER A 67 1.72 25.18 -7.92
N ALA A 68 1.63 23.86 -7.88
CA ALA A 68 0.93 23.11 -8.91
C ALA A 68 -0.33 23.84 -9.37
N GLY A 69 -1.15 24.25 -8.40
CA GLY A 69 -2.38 24.96 -8.72
C GLY A 69 -2.49 26.28 -8.00
N ARG A 70 -3.71 26.77 -7.85
CA ARG A 70 -3.95 28.04 -7.18
C ARG A 70 -3.88 27.87 -5.66
N ARG A 71 -4.03 28.99 -4.94
CA ARG A 71 -3.98 28.96 -3.48
C ARG A 71 -5.19 29.67 -2.89
N TYR A 72 -6.20 28.88 -2.53
CA TYR A 72 -7.42 29.43 -1.95
C TYR A 72 -7.33 29.47 -0.43
N LEU A 73 -6.84 28.39 0.16
CA LEU A 73 -6.70 28.31 1.61
C LEU A 73 -5.52 29.14 2.09
N GLU A 74 -5.78 30.05 3.03
CA GLU A 74 -4.74 30.91 3.57
C GLU A 74 -4.51 30.62 5.05
N GLU A 75 -3.25 30.60 5.46
CA GLU A 75 -2.91 30.34 6.86
C GLU A 75 -2.56 31.63 7.58
N ALA A 76 -3.28 31.90 8.67
CA ALA A 76 -3.05 33.10 9.47
C ALA A 76 -2.91 32.76 10.94
N ASN A 77 -1.93 33.38 11.59
CA ASN A 77 -1.68 33.15 13.00
C ASN A 77 -2.95 33.38 13.82
N PRO A 78 -3.52 32.29 14.35
CA PRO A 78 -4.74 32.35 15.16
C PRO A 78 -4.50 32.99 16.52
N VAL A 79 -5.55 33.04 17.34
CA VAL A 79 -5.45 33.62 18.67
C VAL A 79 -5.89 32.64 19.75
N SER A 80 -5.60 32.97 21.00
CA SER A 80 -5.96 32.11 22.12
C SER A 80 -6.50 32.93 23.28
N GLY A 81 -7.61 32.46 23.86
CA GLY A 81 -8.21 33.17 24.97
C GLY A 81 -7.49 32.92 26.29
N PRO A 82 -7.91 31.87 27.00
CA PRO A 82 -7.32 31.50 28.29
C PRO A 82 -5.90 30.94 28.14
N SER A 83 -4.94 31.60 28.78
CA SER A 83 -3.54 31.17 28.71
C SER A 83 -2.69 31.93 29.72
N SER A 84 -1.42 31.56 29.81
CA SER A 84 -0.50 32.20 30.74
C SER A 84 -0.82 33.68 30.87
N GLY A 85 -0.89 34.16 32.11
CA GLY A 85 -1.19 35.56 32.36
C GLY A 85 -0.02 36.46 32.02
ZN ZN B . -7.40 4.40 5.53
ZN ZN C . -1.54 12.68 0.06
N GLY A 1 37.10 -58.38 27.62
CA GLY A 1 36.22 -57.24 27.77
C GLY A 1 35.64 -56.76 26.46
N SER A 2 34.45 -56.18 26.51
CA SER A 2 33.79 -55.68 25.31
C SER A 2 32.55 -54.86 25.68
N SER A 3 32.34 -53.77 24.96
CA SER A 3 31.19 -52.89 25.21
C SER A 3 31.10 -51.81 24.14
N GLY A 4 29.90 -51.28 23.96
CA GLY A 4 29.68 -50.24 22.97
C GLY A 4 28.34 -50.33 22.28
N SER A 5 27.67 -49.20 22.11
CA SER A 5 26.36 -49.16 21.47
C SER A 5 26.10 -47.81 20.83
N SER A 6 25.30 -47.80 19.77
CA SER A 6 24.97 -46.58 19.07
C SER A 6 23.71 -46.75 18.24
N GLY A 7 23.23 -45.64 17.66
CA GLY A 7 22.04 -45.69 16.84
C GLY A 7 21.40 -44.32 16.66
N ILE A 8 21.80 -43.63 15.60
CA ILE A 8 21.26 -42.30 15.32
C ILE A 8 20.52 -42.28 13.98
N HIS A 9 19.47 -41.47 13.91
CA HIS A 9 18.68 -41.35 12.68
C HIS A 9 18.00 -39.99 12.61
N HIS A 10 17.94 -39.42 11.40
CA HIS A 10 17.32 -38.12 11.20
C HIS A 10 16.91 -37.94 9.74
N LEU A 11 16.15 -36.89 9.47
CA LEU A 11 15.69 -36.60 8.11
C LEU A 11 15.25 -35.15 7.98
N PRO A 12 15.96 -34.38 7.14
CA PRO A 12 15.66 -32.97 6.90
C PRO A 12 14.36 -32.78 6.13
N PRO A 13 13.53 -31.82 6.60
CA PRO A 13 12.24 -31.53 5.97
C PRO A 13 12.41 -30.85 4.61
N VAL A 14 11.43 -31.04 3.73
CA VAL A 14 11.46 -30.46 2.40
C VAL A 14 10.13 -29.82 2.05
N LYS A 15 10.17 -28.52 1.73
CA LYS A 15 8.96 -27.80 1.37
C LYS A 15 9.17 -27.00 0.09
N ALA A 16 8.10 -26.39 -0.40
CA ALA A 16 8.17 -25.58 -1.63
C ALA A 16 7.14 -24.45 -1.60
N PRO A 17 7.44 -23.38 -2.34
CA PRO A 17 6.56 -22.21 -2.41
C PRO A 17 5.27 -22.50 -3.17
N LEU A 18 4.28 -21.62 -3.02
CA LEU A 18 3.00 -21.78 -3.69
C LEU A 18 3.05 -21.24 -5.11
N GLN A 19 1.97 -21.42 -5.85
CA GLN A 19 1.89 -20.95 -7.23
C GLN A 19 1.07 -19.66 -7.32
N THR A 20 1.77 -18.53 -7.36
CA THR A 20 1.11 -17.23 -7.45
C THR A 20 1.65 -16.41 -8.62
N LYS A 21 0.84 -16.27 -9.65
CA LYS A 21 1.24 -15.51 -10.84
C LYS A 21 1.48 -14.05 -10.49
N LYS A 22 0.44 -13.38 -10.01
CA LYS A 22 0.56 -11.98 -9.63
C LYS A 22 -0.70 -11.52 -8.87
N LYS A 23 -0.50 -10.60 -7.93
CA LYS A 23 -1.61 -10.08 -7.14
C LYS A 23 -1.40 -8.60 -6.83
N ILE A 24 -2.23 -7.76 -7.44
CA ILE A 24 -2.14 -6.32 -7.23
C ILE A 24 -3.02 -5.87 -6.06
N MET A 25 -2.94 -6.61 -4.96
CA MET A 25 -3.73 -6.30 -3.76
C MET A 25 -3.14 -5.09 -3.04
N LYS A 26 -3.84 -3.96 -3.12
CA LYS A 26 -3.40 -2.74 -2.48
C LYS A 26 -4.22 -2.46 -1.21
N HIS A 27 -3.60 -1.81 -0.23
CA HIS A 27 -4.28 -1.48 1.01
C HIS A 27 -3.87 -0.09 1.50
N CYS A 28 -4.85 0.64 2.04
CA CYS A 28 -4.59 1.99 2.54
C CYS A 28 -3.25 2.06 3.26
N PHE A 29 -2.67 3.25 3.29
CA PHE A 29 -1.38 3.45 3.95
C PHE A 29 -1.57 4.07 5.33
N LEU A 30 -2.64 4.85 5.49
CA LEU A 30 -2.92 5.50 6.77
C LEU A 30 -3.32 4.47 7.82
N CYS A 31 -4.48 3.85 7.62
CA CYS A 31 -4.97 2.84 8.56
C CYS A 31 -4.54 1.45 8.12
N GLY A 32 -4.71 1.14 6.84
CA GLY A 32 -4.34 -0.16 6.32
C GLY A 32 -5.53 -1.01 5.96
N LYS A 33 -6.64 -0.36 5.61
CA LYS A 33 -7.85 -1.07 5.24
C LYS A 33 -7.76 -1.59 3.81
N LYS A 34 -8.47 -2.68 3.53
CA LYS A 34 -8.48 -3.28 2.21
C LYS A 34 -8.95 -2.29 1.16
N THR A 35 -8.35 -2.36 -0.03
CA THR A 35 -8.71 -1.47 -1.12
C THR A 35 -8.61 -2.17 -2.47
N GLY A 36 -9.76 -2.48 -3.07
CA GLY A 36 -9.77 -3.15 -4.34
C GLY A 36 -9.34 -2.24 -5.48
N LEU A 37 -9.71 -2.60 -6.70
CA LEU A 37 -9.35 -1.81 -7.88
C LEU A 37 -10.01 -0.45 -7.84
N ALA A 38 -11.32 -0.42 -7.58
CA ALA A 38 -12.07 0.82 -7.50
C ALA A 38 -11.80 1.55 -6.20
N THR A 39 -11.89 0.82 -5.09
CA THR A 39 -11.66 1.40 -3.77
C THR A 39 -10.33 2.13 -3.72
N SER A 40 -9.25 1.42 -4.07
CA SER A 40 -7.92 2.01 -4.05
C SER A 40 -7.90 3.32 -4.83
N PHE A 41 -7.45 4.38 -4.17
CA PHE A 41 -7.38 5.70 -4.79
C PHE A 41 -5.94 6.23 -4.79
N GLU A 42 -5.74 7.37 -5.44
CA GLU A 42 -4.41 7.97 -5.52
C GLU A 42 -4.44 9.42 -5.02
N CYS A 43 -3.47 9.77 -4.19
CA CYS A 43 -3.38 11.13 -3.65
C CYS A 43 -2.25 11.91 -4.30
N ARG A 44 -2.29 13.23 -4.16
CA ARG A 44 -1.26 14.10 -4.73
C ARG A 44 0.13 13.57 -4.42
N CYS A 45 0.29 13.00 -3.23
CA CYS A 45 1.57 12.45 -2.81
C CYS A 45 1.86 11.12 -3.51
N GLY A 46 0.81 10.34 -3.74
CA GLY A 46 0.98 9.06 -4.39
C GLY A 46 0.53 7.90 -3.52
N ASN A 47 0.76 8.02 -2.22
CA ASN A 47 0.39 6.97 -1.28
C ASN A 47 -1.07 6.56 -1.47
N ASN A 48 -1.32 5.26 -1.39
CA ASN A 48 -2.68 4.74 -1.56
C ASN A 48 -3.43 4.74 -0.24
N PHE A 49 -4.66 5.23 -0.26
CA PHE A 49 -5.48 5.29 0.95
C PHE A 49 -6.88 4.74 0.68
N CYS A 50 -7.66 4.54 1.74
CA CYS A 50 -9.01 4.02 1.62
C CYS A 50 -9.99 5.13 1.24
N ALA A 51 -11.16 4.73 0.76
CA ALA A 51 -12.19 5.69 0.37
C ALA A 51 -12.42 6.74 1.46
N SER A 52 -12.13 6.36 2.70
CA SER A 52 -12.31 7.25 3.84
C SER A 52 -11.12 8.19 3.99
N HIS A 53 -9.94 7.68 3.66
CA HIS A 53 -8.71 8.46 3.76
C HIS A 53 -8.14 8.77 2.38
N ARG A 54 -9.00 8.68 1.37
CA ARG A 54 -8.58 8.95 -0.01
C ARG A 54 -8.28 10.43 -0.21
N TYR A 55 -8.78 11.26 0.70
CA TYR A 55 -8.56 12.70 0.61
C TYR A 55 -7.24 13.08 1.26
N ALA A 56 -6.59 14.12 0.73
CA ALA A 56 -5.32 14.59 1.25
C ALA A 56 -5.44 14.97 2.71
N GLU A 57 -6.34 15.88 3.01
CA GLU A 57 -6.55 16.34 4.39
C GLU A 57 -6.83 15.15 5.31
N ALA A 58 -7.63 14.22 4.85
CA ALA A 58 -7.98 13.03 5.63
C ALA A 58 -6.74 12.44 6.29
N HIS A 59 -5.62 12.43 5.57
CA HIS A 59 -4.37 11.91 6.08
C HIS A 59 -3.29 12.98 6.11
N GLY A 60 -3.69 14.20 6.43
CA GLY A 60 -2.74 15.31 6.48
C GLY A 60 -1.66 15.19 5.43
N CYS A 61 -2.08 15.06 4.17
CA CYS A 61 -1.13 14.94 3.07
C CYS A 61 0.08 15.84 3.28
N ASN A 62 1.23 15.42 2.75
CA ASN A 62 2.45 16.20 2.88
C ASN A 62 2.76 16.96 1.59
N TYR A 63 2.38 16.38 0.46
CA TYR A 63 2.62 17.01 -0.83
C TYR A 63 2.23 18.48 -0.81
N ASP A 64 2.97 19.29 -1.55
CA ASP A 64 2.70 20.73 -1.62
C ASP A 64 1.51 21.03 -2.51
N TYR A 65 0.33 21.16 -1.91
CA TYR A 65 -0.88 21.44 -2.65
C TYR A 65 -0.64 22.48 -3.73
N LYS A 66 -0.60 22.03 -4.99
CA LYS A 66 -0.37 22.91 -6.12
C LYS A 66 -1.12 22.43 -7.35
N SER A 67 -1.83 23.34 -8.01
CA SER A 67 -2.60 23.01 -9.20
C SER A 67 -3.73 22.05 -8.87
N ALA A 68 -4.40 22.30 -7.75
CA ALA A 68 -5.51 21.45 -7.32
C ALA A 68 -6.77 22.28 -7.10
N GLY A 69 -7.57 22.44 -8.14
CA GLY A 69 -8.79 23.21 -8.04
C GLY A 69 -8.55 24.70 -8.18
N ARG A 70 -7.88 25.29 -7.19
CA ARG A 70 -7.59 26.72 -7.20
C ARG A 70 -6.11 26.97 -6.95
N ARG A 71 -5.62 28.11 -7.43
CA ARG A 71 -4.22 28.47 -7.25
C ARG A 71 -3.89 28.67 -5.78
N TYR A 72 -2.61 28.61 -5.45
CA TYR A 72 -2.17 28.78 -4.07
C TYR A 72 -2.42 30.20 -3.59
N LEU A 73 -2.07 30.46 -2.33
CA LEU A 73 -2.27 31.78 -1.74
C LEU A 73 -1.19 32.75 -2.20
N GLU A 74 -0.91 32.74 -3.50
CA GLU A 74 0.09 33.62 -4.09
C GLU A 74 1.45 33.42 -3.41
N GLU A 75 1.91 32.17 -3.41
CA GLU A 75 3.19 31.83 -2.79
C GLU A 75 4.34 32.12 -3.75
N ALA A 76 5.56 31.92 -3.26
CA ALA A 76 6.75 32.16 -4.08
C ALA A 76 6.96 31.05 -5.11
N ASN A 77 7.05 31.44 -6.37
CA ASN A 77 7.25 30.47 -7.45
C ASN A 77 8.08 31.06 -8.57
N PRO A 78 8.83 30.21 -9.29
CA PRO A 78 9.68 30.63 -10.40
C PRO A 78 8.87 31.08 -11.62
N VAL A 79 9.57 31.37 -12.71
CA VAL A 79 8.91 31.82 -13.93
C VAL A 79 8.76 30.67 -14.92
N SER A 80 7.60 30.58 -15.55
CA SER A 80 7.33 29.52 -16.52
C SER A 80 6.37 30.01 -17.61
N GLY A 81 6.27 29.25 -18.69
CA GLY A 81 5.40 29.62 -19.78
C GLY A 81 3.96 29.82 -19.33
N PRO A 82 3.10 30.29 -20.25
CA PRO A 82 1.69 30.54 -19.96
C PRO A 82 0.91 29.24 -19.76
N SER A 83 0.36 29.07 -18.56
CA SER A 83 -0.41 27.87 -18.23
C SER A 83 -1.76 28.25 -17.62
N SER A 84 -2.80 28.23 -18.45
CA SER A 84 -4.14 28.58 -18.00
C SER A 84 -5.16 27.58 -18.54
N GLY A 85 -6.42 27.77 -18.15
CA GLY A 85 -7.47 26.88 -18.60
C GLY A 85 -8.77 27.08 -17.85
ZN ZN B . -7.38 4.31 5.58
ZN ZN C . -1.34 12.51 0.14
N GLY A 1 19.93 -57.12 44.04
CA GLY A 1 18.72 -56.36 43.79
C GLY A 1 18.66 -55.81 42.39
N SER A 2 17.47 -55.41 41.95
CA SER A 2 17.28 -54.87 40.61
C SER A 2 15.99 -54.06 40.53
N SER A 3 15.84 -53.30 39.45
CA SER A 3 14.66 -52.48 39.26
C SER A 3 14.66 -51.85 37.86
N GLY A 4 13.46 -51.70 37.29
CA GLY A 4 13.34 -51.12 35.97
C GLY A 4 11.96 -50.58 35.69
N SER A 5 11.87 -49.61 34.78
CA SER A 5 10.58 -49.01 34.43
C SER A 5 10.73 -48.13 33.19
N SER A 6 9.61 -47.91 32.50
CA SER A 6 9.59 -47.10 31.30
C SER A 6 8.17 -46.76 30.88
N GLY A 7 8.03 -45.74 30.04
CA GLY A 7 6.71 -45.34 29.57
C GLY A 7 6.76 -44.08 28.72
N ILE A 8 5.87 -44.02 27.73
CA ILE A 8 5.82 -42.86 26.84
C ILE A 8 4.38 -42.55 26.43
N HIS A 9 4.18 -41.38 25.83
CA HIS A 9 2.86 -40.96 25.39
C HIS A 9 2.95 -39.74 24.48
N HIS A 10 2.07 -39.70 23.47
CA HIS A 10 2.06 -38.58 22.53
C HIS A 10 0.76 -38.56 21.73
N LEU A 11 0.64 -37.58 20.84
CA LEU A 11 -0.56 -37.45 20.02
C LEU A 11 -0.35 -36.42 18.91
N PRO A 12 -0.91 -36.69 17.73
CA PRO A 12 -0.80 -35.80 16.57
C PRO A 12 -1.61 -34.52 16.76
N PRO A 13 -1.00 -33.38 16.38
CA PRO A 13 -1.64 -32.06 16.50
C PRO A 13 -2.79 -31.90 15.51
N VAL A 14 -3.38 -30.70 15.49
CA VAL A 14 -4.49 -30.41 14.59
C VAL A 14 -4.35 -29.02 13.99
N LYS A 15 -4.92 -28.84 12.81
CA LYS A 15 -4.87 -27.55 12.12
C LYS A 15 -6.07 -27.37 11.20
N ALA A 16 -6.42 -26.12 10.92
CA ALA A 16 -7.55 -25.82 10.05
C ALA A 16 -7.26 -24.61 9.18
N PRO A 17 -7.31 -24.80 7.86
CA PRO A 17 -7.05 -23.73 6.88
C PRO A 17 -8.17 -22.69 6.86
N LEU A 18 -7.96 -21.62 6.10
CA LEU A 18 -8.94 -20.55 6.00
C LEU A 18 -9.28 -20.27 4.53
N GLN A 19 -10.49 -19.74 4.30
CA GLN A 19 -10.92 -19.41 2.95
C GLN A 19 -10.53 -17.99 2.58
N THR A 20 -9.36 -17.85 1.98
CA THR A 20 -8.86 -16.54 1.56
C THR A 20 -8.31 -16.58 0.14
N LYS A 21 -9.17 -16.28 -0.83
CA LYS A 21 -8.77 -16.28 -2.23
C LYS A 21 -9.23 -15.01 -2.92
N LYS A 22 -8.30 -14.09 -3.16
CA LYS A 22 -8.61 -12.83 -3.82
C LYS A 22 -7.33 -12.17 -4.35
N LYS A 23 -7.45 -11.53 -5.52
CA LYS A 23 -6.31 -10.85 -6.12
C LYS A 23 -6.11 -9.47 -5.54
N ILE A 24 -6.09 -9.40 -4.20
CA ILE A 24 -5.91 -8.13 -3.52
C ILE A 24 -4.73 -8.20 -2.54
N MET A 25 -3.79 -7.26 -2.68
CA MET A 25 -2.62 -7.21 -1.81
C MET A 25 -2.39 -5.80 -1.28
N LYS A 26 -2.73 -4.81 -2.10
CA LYS A 26 -2.56 -3.41 -1.72
C LYS A 26 -3.67 -2.96 -0.78
N HIS A 27 -3.41 -1.91 -0.02
CA HIS A 27 -4.39 -1.38 0.93
C HIS A 27 -3.93 -0.04 1.49
N CYS A 28 -4.88 0.76 1.96
CA CYS A 28 -4.59 2.06 2.52
C CYS A 28 -3.24 2.05 3.25
N PHE A 29 -2.49 3.14 3.11
CA PHE A 29 -1.18 3.24 3.75
C PHE A 29 -1.30 3.91 5.13
N LEU A 30 -2.42 4.57 5.36
CA LEU A 30 -2.67 5.25 6.63
C LEU A 30 -3.13 4.27 7.69
N CYS A 31 -4.34 3.74 7.50
CA CYS A 31 -4.90 2.78 8.45
C CYS A 31 -4.54 1.35 8.05
N GLY A 32 -4.72 1.03 6.78
CA GLY A 32 -4.40 -0.31 6.29
C GLY A 32 -5.64 -1.07 5.86
N LYS A 33 -6.69 -0.34 5.47
CA LYS A 33 -7.93 -0.96 5.03
C LYS A 33 -7.78 -1.53 3.63
N LYS A 34 -8.33 -2.72 3.42
CA LYS A 34 -8.26 -3.38 2.12
C LYS A 34 -8.93 -2.52 1.04
N THR A 35 -8.12 -2.07 0.09
CA THR A 35 -8.63 -1.23 -1.00
C THR A 35 -8.63 -1.99 -2.32
N GLY A 36 -7.57 -2.76 -2.56
CA GLY A 36 -7.46 -3.52 -3.78
C GLY A 36 -7.63 -2.67 -5.02
N LEU A 37 -8.52 -3.07 -5.91
CA LEU A 37 -8.78 -2.33 -7.14
C LEU A 37 -10.25 -1.92 -7.24
N ALA A 38 -10.82 -1.52 -6.11
CA ALA A 38 -12.21 -1.10 -6.08
C ALA A 38 -12.35 0.29 -5.45
N THR A 39 -11.78 0.45 -4.26
CA THR A 39 -11.84 1.72 -3.55
C THR A 39 -10.48 2.42 -3.54
N SER A 40 -9.44 1.66 -3.90
CA SER A 40 -8.09 2.20 -3.92
C SER A 40 -8.03 3.49 -4.74
N PHE A 41 -7.60 4.57 -4.11
CA PHE A 41 -7.48 5.85 -4.77
C PHE A 41 -6.04 6.36 -4.76
N GLU A 42 -5.79 7.44 -5.50
CA GLU A 42 -4.46 8.02 -5.57
C GLU A 42 -4.46 9.45 -5.05
N CYS A 43 -3.46 9.79 -4.25
CA CYS A 43 -3.34 11.13 -3.69
C CYS A 43 -2.17 11.89 -4.31
N ARG A 44 -2.17 13.21 -4.15
CA ARG A 44 -1.12 14.04 -4.70
C ARG A 44 0.26 13.52 -4.29
N CYS A 45 0.35 13.00 -3.07
CA CYS A 45 1.61 12.46 -2.56
C CYS A 45 2.02 11.21 -3.33
N GLY A 46 1.03 10.37 -3.65
CA GLY A 46 1.31 9.15 -4.38
C GLY A 46 1.12 7.91 -3.53
N ASN A 47 0.28 8.02 -2.51
CA ASN A 47 0.00 6.90 -1.62
C ASN A 47 -1.45 6.45 -1.72
N ASN A 48 -1.66 5.14 -1.81
CA ASN A 48 -3.00 4.59 -1.93
C ASN A 48 -3.70 4.56 -0.57
N PHE A 49 -4.82 5.25 -0.48
CA PHE A 49 -5.59 5.31 0.77
C PHE A 49 -7.01 4.81 0.56
N CYS A 50 -7.74 4.62 1.66
CA CYS A 50 -9.11 4.14 1.60
C CYS A 50 -10.06 5.28 1.24
N ALA A 51 -11.32 4.93 0.97
CA ALA A 51 -12.33 5.93 0.62
C ALA A 51 -12.48 6.97 1.72
N SER A 52 -12.24 6.55 2.96
CA SER A 52 -12.35 7.45 4.10
C SER A 52 -11.13 8.35 4.21
N HIS A 53 -9.97 7.83 3.81
CA HIS A 53 -8.73 8.60 3.85
C HIS A 53 -8.19 8.83 2.45
N ARG A 54 -9.07 8.79 1.46
CA ARG A 54 -8.68 9.00 0.08
C ARG A 54 -8.29 10.46 -0.17
N TYR A 55 -8.82 11.35 0.65
CA TYR A 55 -8.53 12.77 0.53
C TYR A 55 -7.16 13.10 1.11
N ALA A 56 -6.60 14.24 0.69
CA ALA A 56 -5.29 14.67 1.17
C ALA A 56 -5.35 15.09 2.63
N GLU A 57 -6.24 16.04 2.93
CA GLU A 57 -6.40 16.53 4.30
C GLU A 57 -6.87 15.41 5.22
N ALA A 58 -7.60 14.46 4.67
CA ALA A 58 -8.12 13.33 5.45
C ALA A 58 -6.98 12.59 6.15
N HIS A 59 -5.85 12.49 5.47
CA HIS A 59 -4.68 11.80 6.03
C HIS A 59 -3.50 12.75 6.16
N GLY A 60 -3.79 14.00 6.51
CA GLY A 60 -2.74 14.99 6.66
C GLY A 60 -1.69 14.88 5.59
N CYS A 61 -2.10 15.00 4.33
CA CYS A 61 -1.17 14.91 3.21
C CYS A 61 -0.01 15.88 3.39
N ASN A 62 1.15 15.49 2.88
CA ASN A 62 2.35 16.33 2.98
C ASN A 62 2.94 16.60 1.60
N TYR A 63 2.08 16.77 0.61
CA TYR A 63 2.51 17.03 -0.76
C TYR A 63 2.24 18.48 -1.15
N ASP A 64 3.08 19.02 -2.02
CA ASP A 64 2.94 20.39 -2.48
C ASP A 64 1.89 20.49 -3.59
N TYR A 65 0.64 20.65 -3.19
CA TYR A 65 -0.46 20.76 -4.15
C TYR A 65 -1.20 22.08 -3.98
N LYS A 66 -2.30 22.23 -4.71
CA LYS A 66 -3.10 23.44 -4.65
C LYS A 66 -3.00 24.10 -3.28
N SER A 67 -2.55 25.34 -3.24
CA SER A 67 -2.41 26.07 -1.98
C SER A 67 -1.34 25.44 -1.11
N ALA A 68 -0.21 25.10 -1.72
CA ALA A 68 0.90 24.49 -0.99
C ALA A 68 1.96 25.53 -0.64
N GLY A 69 2.30 26.37 -1.60
CA GLY A 69 3.30 27.39 -1.38
C GLY A 69 4.71 26.92 -1.73
N ARG A 70 5.40 26.35 -0.75
CA ARG A 70 6.75 25.86 -0.96
C ARG A 70 7.20 24.98 0.19
N ARG A 71 8.34 24.32 0.02
CA ARG A 71 8.88 23.44 1.06
C ARG A 71 9.90 24.17 1.92
N TYR A 72 9.70 24.11 3.24
CA TYR A 72 10.60 24.77 4.17
C TYR A 72 11.55 23.77 4.82
N LEU A 73 10.98 22.69 5.35
CA LEU A 73 11.77 21.66 6.00
C LEU A 73 13.03 21.36 5.21
N GLU A 74 14.18 21.66 5.81
CA GLU A 74 15.47 21.42 5.15
C GLU A 74 15.92 19.98 5.36
N GLU A 75 15.70 19.15 4.34
CA GLU A 75 16.09 17.74 4.41
C GLU A 75 16.13 17.12 3.02
N ALA A 76 17.31 16.68 2.60
CA ALA A 76 17.47 16.06 1.29
C ALA A 76 16.53 14.87 1.12
N ASN A 77 15.45 15.07 0.38
CA ASN A 77 14.48 14.01 0.14
C ASN A 77 15.11 12.84 -0.59
N PRO A 78 15.05 11.64 0.01
CA PRO A 78 15.61 10.43 -0.57
C PRO A 78 14.84 9.95 -1.79
N VAL A 79 15.23 10.47 -2.97
CA VAL A 79 14.56 10.10 -4.21
C VAL A 79 14.76 8.62 -4.52
N SER A 80 13.66 7.90 -4.68
CA SER A 80 13.71 6.47 -4.98
C SER A 80 12.43 6.02 -5.68
N GLY A 81 12.59 5.11 -6.63
CA GLY A 81 11.44 4.60 -7.37
C GLY A 81 11.80 3.46 -8.30
N PRO A 82 10.77 2.79 -8.84
CA PRO A 82 10.96 1.66 -9.76
C PRO A 82 11.50 2.11 -11.11
N SER A 83 12.74 1.72 -11.41
CA SER A 83 13.37 2.08 -12.67
C SER A 83 14.39 1.02 -13.09
N SER A 84 14.27 0.53 -14.31
CA SER A 84 15.18 -0.49 -14.83
C SER A 84 15.51 -0.22 -16.30
N GLY A 85 16.54 -0.91 -16.80
CA GLY A 85 16.94 -0.74 -18.17
C GLY A 85 17.07 -2.06 -18.92
ZN ZN B . -7.40 4.34 5.54
ZN ZN C . -1.48 12.47 0.23
N GLY A 1 7.99 -80.00 -16.83
CA GLY A 1 7.46 -79.67 -15.52
C GLY A 1 8.18 -78.51 -14.88
N SER A 2 7.40 -77.62 -14.26
CA SER A 2 7.98 -76.45 -13.60
C SER A 2 6.90 -75.67 -12.84
N SER A 3 7.34 -74.71 -12.03
CA SER A 3 6.41 -73.89 -11.24
C SER A 3 6.99 -72.51 -11.00
N GLY A 4 6.14 -71.60 -10.50
CA GLY A 4 6.58 -70.25 -10.24
C GLY A 4 5.44 -69.25 -10.26
N SER A 5 5.58 -68.18 -9.48
CA SER A 5 4.54 -67.15 -9.42
C SER A 5 5.09 -65.87 -8.80
N SER A 6 4.79 -64.74 -9.42
CA SER A 6 5.26 -63.45 -8.95
C SER A 6 4.62 -62.30 -9.73
N GLY A 7 4.61 -61.12 -9.13
CA GLY A 7 4.02 -59.97 -9.79
C GLY A 7 4.11 -58.71 -8.94
N ILE A 8 5.12 -57.89 -9.21
CA ILE A 8 5.32 -56.65 -8.47
C ILE A 8 5.23 -55.43 -9.40
N HIS A 9 4.26 -54.56 -9.12
CA HIS A 9 4.08 -53.36 -9.93
C HIS A 9 3.34 -52.28 -9.13
N HIS A 10 3.86 -51.06 -9.18
CA HIS A 10 3.26 -49.95 -8.46
C HIS A 10 3.96 -48.64 -8.80
N LEU A 11 3.17 -47.60 -9.06
CA LEU A 11 3.72 -46.29 -9.40
C LEU A 11 3.30 -45.24 -8.37
N PRO A 12 4.29 -44.64 -7.71
CA PRO A 12 4.06 -43.61 -6.69
C PRO A 12 3.55 -42.31 -7.29
N PRO A 13 2.95 -41.46 -6.45
CA PRO A 13 2.41 -40.16 -6.88
C PRO A 13 3.50 -39.17 -7.26
N VAL A 14 3.10 -37.94 -7.53
CA VAL A 14 4.05 -36.89 -7.91
C VAL A 14 3.52 -35.51 -7.55
N LYS A 15 4.38 -34.69 -6.95
CA LYS A 15 4.00 -33.34 -6.56
C LYS A 15 5.23 -32.49 -6.28
N ALA A 16 5.14 -31.21 -6.60
CA ALA A 16 6.25 -30.28 -6.37
C ALA A 16 5.74 -28.91 -5.95
N PRO A 17 6.27 -28.40 -4.82
CA PRO A 17 5.88 -27.09 -4.29
C PRO A 17 6.38 -25.94 -5.15
N LEU A 18 6.93 -26.28 -6.31
CA LEU A 18 7.46 -25.27 -7.23
C LEU A 18 6.32 -24.59 -7.99
N GLN A 19 5.81 -23.50 -7.43
CA GLN A 19 4.73 -22.75 -8.06
C GLN A 19 4.70 -21.31 -7.57
N THR A 20 4.26 -20.40 -8.44
CA THR A 20 4.20 -18.98 -8.10
C THR A 20 2.76 -18.48 -8.15
N LYS A 21 2.31 -17.91 -7.03
CA LYS A 21 0.94 -17.38 -6.94
C LYS A 21 0.91 -16.12 -6.09
N LYS A 22 0.59 -15.00 -6.72
CA LYS A 22 0.51 -13.72 -6.02
C LYS A 22 -0.20 -12.67 -6.86
N LYS A 23 -1.18 -11.99 -6.26
CA LYS A 23 -1.94 -10.96 -6.97
C LYS A 23 -1.80 -9.62 -6.26
N ILE A 24 -1.77 -8.55 -7.04
CA ILE A 24 -1.65 -7.20 -6.49
C ILE A 24 -2.83 -6.88 -5.58
N MET A 25 -2.54 -6.61 -4.31
CA MET A 25 -3.58 -6.27 -3.34
C MET A 25 -3.25 -4.98 -2.62
N LYS A 26 -3.68 -3.86 -3.19
CA LYS A 26 -3.42 -2.55 -2.59
C LYS A 26 -4.14 -2.41 -1.25
N HIS A 27 -3.68 -1.48 -0.43
CA HIS A 27 -4.28 -1.25 0.89
C HIS A 27 -3.88 0.12 1.43
N CYS A 28 -4.84 0.81 2.02
CA CYS A 28 -4.60 2.14 2.59
C CYS A 28 -3.25 2.17 3.30
N PHE A 29 -2.64 3.35 3.33
CA PHE A 29 -1.34 3.52 3.99
C PHE A 29 -1.51 4.14 5.38
N LEU A 30 -2.62 4.87 5.55
CA LEU A 30 -2.90 5.52 6.83
C LEU A 30 -3.36 4.51 7.88
N CYS A 31 -4.51 3.90 7.63
CA CYS A 31 -5.06 2.91 8.54
C CYS A 31 -4.59 1.50 8.17
N GLY A 32 -4.66 1.18 6.88
CA GLY A 32 -4.24 -0.13 6.43
C GLY A 32 -5.40 -1.02 6.06
N LYS A 33 -6.50 -0.41 5.62
CA LYS A 33 -7.70 -1.16 5.23
C LYS A 33 -7.60 -1.63 3.78
N LYS A 34 -8.13 -2.82 3.51
CA LYS A 34 -8.11 -3.38 2.17
C LYS A 34 -8.87 -2.50 1.20
N THR A 35 -8.28 -2.25 0.03
CA THR A 35 -8.91 -1.42 -0.99
C THR A 35 -9.05 -2.18 -2.31
N GLY A 36 -7.93 -2.70 -2.80
CA GLY A 36 -7.94 -3.44 -4.05
C GLY A 36 -7.60 -2.57 -5.24
N LEU A 37 -8.57 -2.34 -6.11
CA LEU A 37 -8.38 -1.52 -7.29
C LEU A 37 -9.43 -0.43 -7.39
N ALA A 38 -10.69 -0.84 -7.34
CA ALA A 38 -11.81 0.10 -7.42
C ALA A 38 -11.79 1.07 -6.25
N THR A 39 -11.79 0.53 -5.04
CA THR A 39 -11.77 1.34 -3.83
C THR A 39 -10.45 2.09 -3.69
N SER A 40 -9.36 1.43 -4.07
CA SER A 40 -8.04 2.04 -3.98
C SER A 40 -7.98 3.33 -4.78
N PHE A 41 -7.50 4.39 -4.14
CA PHE A 41 -7.39 5.69 -4.79
C PHE A 41 -5.95 6.20 -4.77
N GLU A 42 -5.67 7.22 -5.59
CA GLU A 42 -4.33 7.78 -5.66
C GLU A 42 -4.34 9.25 -5.24
N CYS A 43 -3.49 9.60 -4.28
CA CYS A 43 -3.41 10.97 -3.79
C CYS A 43 -2.28 11.72 -4.49
N ARG A 44 -2.34 13.04 -4.42
CA ARG A 44 -1.32 13.89 -5.05
C ARG A 44 0.08 13.42 -4.66
N CYS A 45 0.22 12.93 -3.43
CA CYS A 45 1.50 12.45 -2.94
C CYS A 45 1.87 11.10 -3.58
N GLY A 46 0.85 10.27 -3.80
CA GLY A 46 1.07 8.97 -4.40
C GLY A 46 0.63 7.84 -3.50
N ASN A 47 0.72 8.05 -2.19
CA ASN A 47 0.32 7.03 -1.22
C ASN A 47 -1.12 6.59 -1.46
N ASN A 48 -1.37 5.30 -1.30
CA ASN A 48 -2.71 4.74 -1.50
C ASN A 48 -3.50 4.74 -0.19
N PHE A 49 -4.68 5.32 -0.21
CA PHE A 49 -5.53 5.37 0.97
C PHE A 49 -6.92 4.80 0.67
N CYS A 50 -7.72 4.62 1.72
CA CYS A 50 -9.06 4.08 1.58
C CYS A 50 -10.05 5.19 1.22
N ALA A 51 -11.20 4.80 0.68
CA ALA A 51 -12.23 5.76 0.30
C ALA A 51 -12.51 6.74 1.42
N SER A 52 -12.21 6.34 2.65
CA SER A 52 -12.44 7.20 3.82
C SER A 52 -11.28 8.16 4.00
N HIS A 53 -10.07 7.71 3.68
CA HIS A 53 -8.88 8.54 3.81
C HIS A 53 -8.27 8.84 2.44
N ARG A 54 -9.09 8.75 1.40
CA ARG A 54 -8.63 9.01 0.04
C ARG A 54 -8.23 10.47 -0.12
N TYR A 55 -8.87 11.35 0.64
CA TYR A 55 -8.58 12.77 0.57
C TYR A 55 -7.25 13.09 1.25
N ALA A 56 -6.62 14.18 0.82
CA ALA A 56 -5.34 14.60 1.38
C ALA A 56 -5.49 14.96 2.85
N GLU A 57 -6.31 15.96 3.14
CA GLU A 57 -6.54 16.40 4.50
C GLU A 57 -6.84 15.22 5.42
N ALA A 58 -7.63 14.27 4.90
CA ALA A 58 -8.00 13.10 5.68
C ALA A 58 -6.77 12.45 6.31
N HIS A 59 -5.68 12.40 5.56
CA HIS A 59 -4.44 11.81 6.05
C HIS A 59 -3.34 12.85 6.14
N GLY A 60 -3.73 14.10 6.39
CA GLY A 60 -2.75 15.17 6.49
C GLY A 60 -1.66 15.07 5.45
N CYS A 61 -2.06 15.01 4.19
CA CYS A 61 -1.11 14.91 3.08
C CYS A 61 0.11 15.78 3.34
N ASN A 62 1.26 15.34 2.84
CA ASN A 62 2.50 16.09 3.01
C ASN A 62 2.84 16.89 1.76
N TYR A 63 2.57 16.31 0.60
CA TYR A 63 2.84 16.97 -0.67
C TYR A 63 2.41 18.43 -0.63
N ASP A 64 3.12 19.27 -1.37
CA ASP A 64 2.82 20.69 -1.42
C ASP A 64 1.91 21.02 -2.61
N TYR A 65 0.61 21.11 -2.34
CA TYR A 65 -0.37 21.41 -3.38
C TYR A 65 -0.89 22.83 -3.23
N LYS A 66 -0.20 23.64 -2.45
CA LYS A 66 -0.59 25.03 -2.22
C LYS A 66 -0.14 25.91 -3.38
N SER A 67 -1.09 26.62 -3.99
CA SER A 67 -0.78 27.51 -5.10
C SER A 67 -0.32 26.71 -6.33
N ALA A 68 -0.99 25.58 -6.57
CA ALA A 68 -0.65 24.73 -7.70
C ALA A 68 -0.88 25.46 -9.03
N GLY A 69 -1.99 26.18 -9.12
CA GLY A 69 -2.30 26.92 -10.33
C GLY A 69 -3.75 26.74 -10.76
N ARG A 70 -4.34 27.82 -11.25
CA ARG A 70 -5.74 27.78 -11.70
C ARG A 70 -6.05 28.98 -12.61
N ARG A 71 -7.02 28.79 -13.50
CA ARG A 71 -7.42 29.84 -14.43
C ARG A 71 -8.90 30.14 -14.30
N TYR A 72 -9.23 31.25 -13.64
CA TYR A 72 -10.62 31.65 -13.45
C TYR A 72 -11.06 32.63 -14.53
N LEU A 73 -12.32 32.52 -14.94
CA LEU A 73 -12.86 33.40 -15.97
C LEU A 73 -12.49 34.85 -15.69
N GLU A 74 -11.71 35.44 -16.60
CA GLU A 74 -11.29 36.83 -16.45
C GLU A 74 -12.43 37.69 -15.94
N GLU A 75 -12.09 38.63 -15.05
CA GLU A 75 -13.10 39.52 -14.47
C GLU A 75 -12.62 40.97 -14.51
N ALA A 76 -13.55 41.89 -14.74
CA ALA A 76 -13.24 43.31 -14.81
C ALA A 76 -14.14 44.12 -13.89
N ASN A 77 -13.76 45.36 -13.63
CA ASN A 77 -14.52 46.24 -12.76
C ASN A 77 -15.63 46.94 -13.56
N PRO A 78 -16.81 47.06 -12.94
CA PRO A 78 -17.97 47.71 -13.56
C PRO A 78 -17.79 49.21 -13.70
N VAL A 79 -18.81 49.88 -14.24
CA VAL A 79 -18.76 51.33 -14.43
C VAL A 79 -20.09 51.86 -14.93
N SER A 80 -20.40 53.10 -14.58
CA SER A 80 -21.64 53.73 -14.99
C SER A 80 -21.54 55.26 -14.92
N GLY A 81 -22.57 55.93 -15.43
CA GLY A 81 -22.57 57.39 -15.42
C GLY A 81 -23.91 57.97 -15.80
N PRO A 82 -24.35 58.99 -15.06
CA PRO A 82 -25.64 59.66 -15.31
C PRO A 82 -25.63 60.47 -16.59
N SER A 83 -26.76 61.09 -16.90
CA SER A 83 -26.88 61.91 -18.10
C SER A 83 -27.73 63.15 -17.84
N SER A 84 -27.77 64.05 -18.82
CA SER A 84 -28.54 65.28 -18.69
C SER A 84 -30.01 64.98 -18.41
N GLY A 85 -30.77 66.03 -18.09
CA GLY A 85 -32.18 65.86 -17.81
C GLY A 85 -32.94 67.16 -17.86
ZN ZN B . -7.53 4.30 5.57
ZN ZN C . -1.42 12.55 0.06
N GLY A 1 17.94 -78.78 -20.03
CA GLY A 1 17.02 -77.99 -20.81
C GLY A 1 16.22 -77.02 -19.96
N SER A 2 16.23 -75.75 -20.35
CA SER A 2 15.52 -74.72 -19.61
C SER A 2 15.04 -73.61 -20.56
N SER A 3 14.11 -72.80 -20.08
CA SER A 3 13.56 -71.71 -20.87
C SER A 3 12.76 -70.74 -20.00
N GLY A 4 12.28 -69.66 -20.62
CA GLY A 4 11.51 -68.68 -19.88
C GLY A 4 11.20 -67.45 -20.70
N SER A 5 10.22 -66.67 -20.26
CA SER A 5 9.82 -65.46 -20.97
C SER A 5 8.97 -64.55 -20.08
N SER A 6 8.86 -63.28 -20.47
CA SER A 6 8.07 -62.33 -19.70
C SER A 6 7.97 -60.99 -20.45
N GLY A 7 7.17 -60.08 -19.90
CA GLY A 7 7.01 -58.79 -20.52
C GLY A 7 5.72 -58.10 -20.10
N ILE A 8 5.84 -56.90 -19.54
CA ILE A 8 4.68 -56.14 -19.09
C ILE A 8 4.87 -54.65 -19.30
N HIS A 9 3.79 -53.96 -19.65
CA HIS A 9 3.85 -52.52 -19.89
C HIS A 9 2.61 -51.83 -19.33
N HIS A 10 2.80 -51.00 -18.31
CA HIS A 10 1.70 -50.28 -17.69
C HIS A 10 2.21 -49.22 -16.72
N LEU A 11 2.06 -47.95 -17.10
CA LEU A 11 2.51 -46.85 -16.27
C LEU A 11 1.65 -45.61 -16.48
N PRO A 12 0.87 -45.25 -15.46
CA PRO A 12 -0.02 -44.08 -15.51
C PRO A 12 0.74 -42.76 -15.52
N PRO A 13 0.39 -41.88 -16.47
CA PRO A 13 1.04 -40.57 -16.60
C PRO A 13 0.69 -39.63 -15.45
N VAL A 14 1.36 -38.48 -15.41
CA VAL A 14 1.14 -37.50 -14.36
C VAL A 14 1.08 -36.10 -14.93
N LYS A 15 0.08 -35.32 -14.50
CA LYS A 15 -0.07 -33.95 -14.97
C LYS A 15 -0.71 -33.07 -13.89
N ALA A 16 -0.68 -31.76 -14.10
CA ALA A 16 -1.27 -30.83 -13.15
C ALA A 16 -1.28 -29.41 -13.71
N PRO A 17 -2.48 -28.85 -13.87
CA PRO A 17 -2.66 -27.49 -14.41
C PRO A 17 -2.17 -26.42 -13.43
N LEU A 18 -1.25 -25.58 -13.89
CA LEU A 18 -0.70 -24.51 -13.06
C LEU A 18 -1.04 -23.14 -13.64
N GLN A 19 -2.15 -22.56 -13.21
CA GLN A 19 -2.58 -21.25 -13.69
C GLN A 19 -2.98 -20.35 -12.52
N THR A 20 -2.23 -19.26 -12.36
CA THR A 20 -2.51 -18.31 -11.29
C THR A 20 -2.54 -16.88 -11.80
N LYS A 21 -3.71 -16.27 -11.77
CA LYS A 21 -3.87 -14.89 -12.24
C LYS A 21 -3.07 -13.92 -11.37
N LYS A 22 -2.66 -12.81 -11.96
CA LYS A 22 -1.89 -11.80 -11.24
C LYS A 22 -2.76 -10.59 -10.93
N LYS A 23 -3.16 -10.47 -9.66
CA LYS A 23 -3.99 -9.35 -9.22
C LYS A 23 -3.40 -8.68 -7.99
N ILE A 24 -3.02 -7.42 -8.12
CA ILE A 24 -2.43 -6.67 -7.01
C ILE A 24 -3.50 -6.26 -6.01
N MET A 25 -3.27 -6.56 -4.74
CA MET A 25 -4.21 -6.22 -3.68
C MET A 25 -3.71 -5.03 -2.87
N LYS A 26 -4.03 -3.82 -3.34
CA LYS A 26 -3.61 -2.61 -2.66
C LYS A 26 -4.42 -2.39 -1.38
N HIS A 27 -3.86 -1.61 -0.46
CA HIS A 27 -4.53 -1.33 0.81
C HIS A 27 -4.10 0.02 1.35
N CYS A 28 -5.04 0.74 1.96
CA CYS A 28 -4.76 2.06 2.53
C CYS A 28 -3.40 2.08 3.21
N PHE A 29 -2.74 3.23 3.17
CA PHE A 29 -1.43 3.37 3.77
C PHE A 29 -1.54 3.94 5.18
N LEU A 30 -2.63 4.66 5.44
CA LEU A 30 -2.86 5.25 6.75
C LEU A 30 -3.34 4.20 7.75
N CYS A 31 -4.57 3.73 7.56
CA CYS A 31 -5.15 2.72 8.44
C CYS A 31 -4.64 1.33 8.07
N GLY A 32 -4.68 1.01 6.78
CA GLY A 32 -4.22 -0.30 6.32
C GLY A 32 -5.37 -1.21 5.95
N LYS A 33 -6.49 -0.62 5.52
CA LYS A 33 -7.66 -1.39 5.13
C LYS A 33 -7.59 -1.77 3.66
N LYS A 34 -7.78 -3.06 3.37
CA LYS A 34 -7.74 -3.56 2.00
C LYS A 34 -8.63 -2.71 1.10
N THR A 35 -8.12 -2.38 -0.09
CA THR A 35 -8.87 -1.58 -1.05
C THR A 35 -8.77 -2.16 -2.45
N GLY A 36 -9.90 -2.65 -2.96
CA GLY A 36 -9.92 -3.22 -4.29
C GLY A 36 -9.43 -2.26 -5.36
N LEU A 37 -9.45 -2.70 -6.61
CA LEU A 37 -9.00 -1.87 -7.72
C LEU A 37 -9.68 -0.51 -7.69
N ALA A 38 -10.99 -0.50 -7.50
CA ALA A 38 -11.76 0.73 -7.45
C ALA A 38 -11.54 1.46 -6.14
N THR A 39 -11.99 0.85 -5.04
CA THR A 39 -11.84 1.44 -3.72
C THR A 39 -10.47 2.10 -3.56
N SER A 40 -9.46 1.48 -4.14
CA SER A 40 -8.10 2.00 -4.07
C SER A 40 -7.98 3.35 -4.78
N PHE A 41 -7.49 4.35 -4.06
CA PHE A 41 -7.34 5.69 -4.62
C PHE A 41 -5.89 6.13 -4.57
N GLU A 42 -5.54 7.13 -5.39
CA GLU A 42 -4.18 7.64 -5.44
C GLU A 42 -4.14 9.12 -5.09
N CYS A 43 -3.17 9.50 -4.27
CA CYS A 43 -3.01 10.89 -3.85
C CYS A 43 -1.82 11.54 -4.53
N ARG A 44 -1.81 12.87 -4.55
CA ARG A 44 -0.72 13.62 -5.16
C ARG A 44 0.63 13.14 -4.65
N CYS A 45 0.68 12.82 -3.36
CA CYS A 45 1.91 12.34 -2.74
C CYS A 45 2.31 10.97 -3.27
N GLY A 46 1.30 10.14 -3.53
CA GLY A 46 1.57 8.80 -4.04
C GLY A 46 1.28 7.72 -3.01
N ASN A 47 0.40 8.02 -2.07
CA ASN A 47 0.04 7.08 -1.03
C ASN A 47 -1.39 6.56 -1.23
N ASN A 48 -1.53 5.23 -1.26
CA ASN A 48 -2.84 4.61 -1.45
C ASN A 48 -3.64 4.61 -0.15
N PHE A 49 -4.80 5.25 -0.18
CA PHE A 49 -5.66 5.34 1.00
C PHE A 49 -7.06 4.83 0.67
N CYS A 50 -7.84 4.58 1.72
CA CYS A 50 -9.21 4.10 1.55
C CYS A 50 -10.16 5.24 1.24
N ALA A 51 -11.40 4.89 0.89
CA ALA A 51 -12.40 5.89 0.56
C ALA A 51 -12.57 6.89 1.69
N SER A 52 -12.35 6.44 2.92
CA SER A 52 -12.48 7.31 4.09
C SER A 52 -11.27 8.23 4.21
N HIS A 53 -10.09 7.71 3.86
CA HIS A 53 -8.86 8.49 3.94
C HIS A 53 -8.31 8.76 2.54
N ARG A 54 -9.18 8.76 1.55
CA ARG A 54 -8.78 9.00 0.17
C ARG A 54 -8.44 10.47 -0.05
N TYR A 55 -9.03 11.34 0.76
CA TYR A 55 -8.79 12.77 0.66
C TYR A 55 -7.42 13.13 1.22
N ALA A 56 -6.94 14.32 0.89
CA ALA A 56 -5.64 14.79 1.36
C ALA A 56 -5.68 15.10 2.85
N GLU A 57 -6.48 16.10 3.22
CA GLU A 57 -6.60 16.49 4.62
C GLU A 57 -6.84 15.28 5.51
N ALA A 58 -7.55 14.30 4.98
CA ALA A 58 -7.86 13.08 5.72
C ALA A 58 -6.59 12.45 6.29
N HIS A 59 -5.53 12.44 5.49
CA HIS A 59 -4.26 11.88 5.92
C HIS A 59 -3.18 12.95 5.98
N GLY A 60 -3.58 14.18 6.27
CA GLY A 60 -2.64 15.29 6.34
C GLY A 60 -1.56 15.19 5.28
N CYS A 61 -1.96 15.28 4.02
CA CYS A 61 -1.03 15.20 2.90
C CYS A 61 0.08 16.24 3.05
N ASN A 62 1.30 15.86 2.68
CA ASN A 62 2.44 16.77 2.77
C ASN A 62 2.60 17.58 1.48
N TYR A 63 2.24 16.96 0.36
CA TYR A 63 2.35 17.61 -0.93
C TYR A 63 1.93 19.08 -0.84
N ASP A 64 2.91 19.97 -0.94
CA ASP A 64 2.65 21.41 -0.86
C ASP A 64 1.61 21.82 -1.90
N TYR A 65 0.42 22.19 -1.42
CA TYR A 65 -0.67 22.60 -2.31
C TYR A 65 -0.69 24.11 -2.46
N LYS A 66 0.10 24.63 -3.40
CA LYS A 66 0.15 26.06 -3.65
C LYS A 66 0.49 26.34 -5.11
N SER A 67 -0.09 27.40 -5.65
CA SER A 67 0.14 27.78 -7.05
C SER A 67 0.22 26.55 -7.94
N ALA A 68 -0.68 25.60 -7.71
CA ALA A 68 -0.72 24.38 -8.49
C ALA A 68 -0.85 24.67 -9.98
N GLY A 69 -1.82 25.51 -10.32
CA GLY A 69 -2.03 25.87 -11.71
C GLY A 69 -2.36 27.34 -11.89
N ARG A 70 -1.40 28.20 -11.57
CA ARG A 70 -1.59 29.64 -11.69
C ARG A 70 -2.89 30.07 -11.02
N ARG A 71 -3.33 29.30 -10.03
CA ARG A 71 -4.56 29.61 -9.31
C ARG A 71 -4.30 30.61 -8.19
N TYR A 72 -3.41 30.24 -7.27
CA TYR A 72 -3.07 31.11 -6.15
C TYR A 72 -1.85 31.97 -6.48
N LEU A 73 -2.04 33.28 -6.43
CA LEU A 73 -0.96 34.22 -6.72
C LEU A 73 0.30 33.83 -5.97
N GLU A 74 1.44 33.85 -6.68
CA GLU A 74 2.71 33.50 -6.08
C GLU A 74 3.09 34.49 -4.98
N GLU A 75 2.54 34.29 -3.79
CA GLU A 75 2.83 35.18 -2.66
C GLU A 75 3.50 34.41 -1.53
N ALA A 76 4.46 33.57 -1.87
CA ALA A 76 5.17 32.77 -0.88
C ALA A 76 6.68 32.81 -1.13
N ASN A 77 7.43 33.32 -0.15
CA ASN A 77 8.88 33.41 -0.26
C ASN A 77 9.56 32.77 0.94
N PRO A 78 9.59 31.43 0.97
CA PRO A 78 10.22 30.67 2.06
C PRO A 78 11.73 30.81 2.07
N VAL A 79 12.23 31.80 2.81
CA VAL A 79 13.66 32.04 2.89
C VAL A 79 14.07 32.40 4.32
N SER A 80 14.80 31.51 4.97
CA SER A 80 15.24 31.72 6.34
C SER A 80 16.16 30.60 6.81
N GLY A 81 17.32 30.97 7.34
CA GLY A 81 18.27 29.97 7.81
C GLY A 81 19.71 30.39 7.57
N PRO A 82 20.48 30.50 8.66
CA PRO A 82 21.89 30.90 8.59
C PRO A 82 22.76 29.82 7.97
N SER A 83 24.07 30.03 7.99
CA SER A 83 25.02 29.08 7.43
C SER A 83 25.13 27.84 8.30
N SER A 84 24.89 26.67 7.70
CA SER A 84 24.97 25.41 8.43
C SER A 84 25.32 24.26 7.49
N GLY A 85 25.93 23.22 8.05
CA GLY A 85 26.31 22.07 7.25
C GLY A 85 27.76 21.67 7.46
ZN ZN B . -7.61 4.35 5.49
ZN ZN C . -1.27 12.63 -0.04
N GLY A 1 -6.19 -59.50 52.93
CA GLY A 1 -6.92 -58.40 52.35
C GLY A 1 -6.06 -57.56 51.42
N SER A 2 -6.59 -57.26 50.24
CA SER A 2 -5.86 -56.46 49.25
C SER A 2 -6.79 -55.98 48.15
N SER A 3 -6.51 -54.79 47.62
CA SER A 3 -7.32 -54.22 46.55
C SER A 3 -6.70 -52.92 46.04
N GLY A 4 -7.29 -52.36 44.98
CA GLY A 4 -6.78 -51.13 44.41
C GLY A 4 -6.80 -51.15 42.89
N SER A 5 -6.97 -49.98 42.30
CA SER A 5 -7.00 -49.85 40.84
C SER A 5 -7.06 -48.40 40.41
N SER A 6 -6.62 -48.12 39.19
CA SER A 6 -6.63 -46.76 38.66
C SER A 6 -6.25 -46.75 37.18
N GLY A 7 -6.69 -45.72 36.47
CA GLY A 7 -6.40 -45.61 35.05
C GLY A 7 -7.10 -44.43 34.41
N ILE A 8 -6.32 -43.50 33.86
CA ILE A 8 -6.88 -42.32 33.21
C ILE A 8 -6.04 -41.93 32.00
N HIS A 9 -6.70 -41.77 30.86
CA HIS A 9 -6.03 -41.38 29.63
C HIS A 9 -6.91 -40.49 28.77
N HIS A 10 -6.38 -39.34 28.36
CA HIS A 10 -7.13 -38.40 27.53
C HIS A 10 -6.20 -37.38 26.89
N LEU A 11 -6.60 -36.89 25.72
CA LEU A 11 -5.79 -35.91 25.00
C LEU A 11 -6.57 -35.31 23.84
N PRO A 12 -6.81 -33.99 23.89
CA PRO A 12 -7.55 -33.28 22.84
C PRO A 12 -6.76 -33.19 21.54
N PRO A 13 -7.45 -33.41 20.42
CA PRO A 13 -6.84 -33.37 19.07
C PRO A 13 -6.45 -31.95 18.67
N VAL A 14 -5.52 -31.84 17.71
CA VAL A 14 -5.07 -30.54 17.24
C VAL A 14 -5.24 -30.43 15.73
N LYS A 15 -5.79 -29.30 15.29
CA LYS A 15 -6.01 -29.06 13.86
C LYS A 15 -6.33 -27.58 13.60
N ALA A 16 -5.93 -27.10 12.44
CA ALA A 16 -6.18 -25.71 12.07
C ALA A 16 -6.16 -25.53 10.55
N PRO A 17 -7.23 -24.96 10.00
CA PRO A 17 -7.36 -24.71 8.56
C PRO A 17 -6.40 -23.64 8.07
N LEU A 18 -5.68 -23.94 7.01
CA LEU A 18 -4.73 -22.99 6.44
C LEU A 18 -4.65 -23.14 4.91
N GLN A 19 -5.08 -22.09 4.21
CA GLN A 19 -5.06 -22.11 2.75
C GLN A 19 -4.65 -20.76 2.19
N THR A 20 -4.33 -20.71 0.90
CA THR A 20 -3.92 -19.48 0.25
C THR A 20 -4.93 -19.05 -0.80
N LYS A 21 -4.94 -17.76 -1.10
CA LYS A 21 -5.86 -17.21 -2.09
C LYS A 21 -5.22 -16.06 -2.86
N LYS A 22 -5.64 -15.88 -4.11
CA LYS A 22 -5.10 -14.82 -4.95
C LYS A 22 -6.01 -13.59 -4.94
N LYS A 23 -5.42 -12.41 -4.90
CA LYS A 23 -6.19 -11.17 -4.89
C LYS A 23 -5.26 -9.96 -4.98
N ILE A 24 -5.81 -8.83 -5.39
CA ILE A 24 -5.03 -7.60 -5.52
C ILE A 24 -4.25 -7.31 -4.25
N MET A 25 -3.04 -6.78 -4.40
CA MET A 25 -2.19 -6.45 -3.27
C MET A 25 -2.08 -4.94 -3.09
N LYS A 26 -3.07 -4.35 -2.42
CA LYS A 26 -3.09 -2.92 -2.17
C LYS A 26 -3.99 -2.58 -0.98
N HIS A 27 -3.39 -1.98 0.04
CA HIS A 27 -4.14 -1.61 1.24
C HIS A 27 -3.75 -0.21 1.70
N CYS A 28 -4.74 0.57 2.15
CA CYS A 28 -4.48 1.93 2.62
C CYS A 28 -3.17 2.01 3.37
N PHE A 29 -2.55 3.18 3.35
CA PHE A 29 -1.28 3.39 4.03
C PHE A 29 -1.50 4.01 5.41
N LEU A 30 -2.58 4.77 5.55
CA LEU A 30 -2.89 5.41 6.82
C LEU A 30 -3.30 4.38 7.86
N CYS A 31 -4.49 3.81 7.69
CA CYS A 31 -4.99 2.80 8.62
C CYS A 31 -4.59 1.40 8.18
N GLY A 32 -4.78 1.10 6.90
CA GLY A 32 -4.43 -0.20 6.38
C GLY A 32 -5.63 -0.99 5.92
N LYS A 33 -6.71 -0.29 5.58
CA LYS A 33 -7.93 -0.94 5.13
C LYS A 33 -7.80 -1.42 3.69
N LYS A 34 -8.60 -2.40 3.31
CA LYS A 34 -8.58 -2.94 1.96
C LYS A 34 -8.88 -1.86 0.93
N THR A 35 -8.01 -1.76 -0.08
CA THR A 35 -8.19 -0.75 -1.13
C THR A 35 -8.09 -1.40 -2.51
N GLY A 36 -7.40 -2.53 -2.59
CA GLY A 36 -7.25 -3.22 -3.86
C GLY A 36 -8.42 -2.99 -4.79
N LEU A 37 -9.61 -3.30 -4.32
CA LEU A 37 -10.82 -3.13 -5.12
C LEU A 37 -10.83 -1.76 -5.80
N ALA A 38 -11.73 -1.60 -6.77
CA ALA A 38 -11.85 -0.33 -7.49
C ALA A 38 -11.69 0.85 -6.55
N THR A 39 -11.98 0.64 -5.27
CA THR A 39 -11.88 1.69 -4.27
C THR A 39 -10.50 2.36 -4.31
N SER A 40 -9.47 1.54 -4.47
CA SER A 40 -8.10 2.05 -4.52
C SER A 40 -8.05 3.42 -5.17
N PHE A 41 -7.65 4.43 -4.40
CA PHE A 41 -7.55 5.79 -4.91
C PHE A 41 -6.11 6.28 -4.92
N GLU A 42 -5.90 7.48 -5.45
CA GLU A 42 -4.55 8.05 -5.53
C GLU A 42 -4.56 9.49 -5.01
N CYS A 43 -3.55 9.81 -4.19
CA CYS A 43 -3.44 11.15 -3.63
C CYS A 43 -2.31 11.93 -4.32
N ARG A 44 -2.32 13.25 -4.14
CA ARG A 44 -1.31 14.10 -4.74
C ARG A 44 0.09 13.57 -4.45
N CYS A 45 0.28 13.02 -3.25
CA CYS A 45 1.57 12.47 -2.85
C CYS A 45 1.85 11.16 -3.58
N GLY A 46 0.81 10.35 -3.78
CA GLY A 46 0.97 9.08 -4.46
C GLY A 46 0.53 7.91 -3.61
N ASN A 47 0.71 8.02 -2.30
CA ASN A 47 0.33 6.96 -1.37
C ASN A 47 -1.13 6.56 -1.58
N ASN A 48 -1.40 5.27 -1.49
CA ASN A 48 -2.75 4.76 -1.67
C ASN A 48 -3.49 4.72 -0.33
N PHE A 49 -4.68 5.30 -0.30
CA PHE A 49 -5.49 5.33 0.91
C PHE A 49 -6.90 4.79 0.63
N CYS A 50 -7.64 4.54 1.71
CA CYS A 50 -9.01 4.03 1.59
C CYS A 50 -9.97 5.15 1.22
N ALA A 51 -11.18 4.76 0.80
CA ALA A 51 -12.20 5.73 0.43
C ALA A 51 -12.42 6.76 1.52
N SER A 52 -12.15 6.36 2.77
CA SER A 52 -12.33 7.25 3.91
C SER A 52 -11.11 8.17 4.07
N HIS A 53 -9.95 7.65 3.73
CA HIS A 53 -8.71 8.41 3.83
C HIS A 53 -8.14 8.73 2.44
N ARG A 54 -9.01 8.68 1.44
CA ARG A 54 -8.59 8.97 0.07
C ARG A 54 -8.28 10.45 -0.12
N TYR A 55 -8.87 11.27 0.75
CA TYR A 55 -8.65 12.72 0.67
C TYR A 55 -7.33 13.10 1.33
N ALA A 56 -6.61 14.01 0.69
CA ALA A 56 -5.32 14.46 1.21
C ALA A 56 -5.43 14.88 2.68
N GLU A 57 -6.34 15.80 2.95
CA GLU A 57 -6.54 16.28 4.32
C GLU A 57 -6.80 15.12 5.27
N ALA A 58 -7.59 14.15 4.82
CA ALA A 58 -7.91 12.98 5.64
C ALA A 58 -6.66 12.43 6.30
N HIS A 59 -5.56 12.42 5.56
CA HIS A 59 -4.29 11.90 6.09
C HIS A 59 -3.22 13.00 6.08
N GLY A 60 -3.64 14.23 6.36
CA GLY A 60 -2.71 15.34 6.39
C GLY A 60 -1.63 15.22 5.33
N CYS A 61 -2.06 15.08 4.07
CA CYS A 61 -1.12 14.96 2.97
C CYS A 61 0.09 15.86 3.17
N ASN A 62 1.27 15.34 2.84
CA ASN A 62 2.50 16.10 2.99
C ASN A 62 2.78 16.93 1.75
N TYR A 63 2.53 16.35 0.58
CA TYR A 63 2.75 17.04 -0.69
C TYR A 63 2.14 18.45 -0.66
N ASP A 64 3.00 19.45 -0.61
CA ASP A 64 2.56 20.84 -0.58
C ASP A 64 1.81 21.20 -1.86
N TYR A 65 0.54 21.56 -1.72
CA TYR A 65 -0.28 21.92 -2.87
C TYR A 65 -0.76 23.36 -2.76
N LYS A 66 0.18 24.30 -2.67
CA LYS A 66 -0.15 25.71 -2.56
C LYS A 66 -0.58 26.28 -3.91
N SER A 67 0.21 26.00 -4.95
CA SER A 67 -0.10 26.48 -6.29
C SER A 67 -1.46 25.97 -6.75
N ALA A 68 -1.98 24.96 -6.05
CA ALA A 68 -3.27 24.38 -6.40
C ALA A 68 -4.36 24.88 -5.45
N GLY A 69 -5.61 24.78 -5.90
CA GLY A 69 -6.72 25.23 -5.08
C GLY A 69 -6.60 24.79 -3.63
N ARG A 70 -7.08 23.58 -3.35
CA ARG A 70 -7.03 23.03 -2.01
C ARG A 70 -5.73 23.44 -1.31
N ARG A 71 -5.83 23.74 -0.01
CA ARG A 71 -4.67 24.14 0.77
C ARG A 71 -4.89 23.85 2.25
N TYR A 72 -3.89 23.25 2.88
CA TYR A 72 -3.97 22.92 4.30
C TYR A 72 -2.65 22.33 4.79
N LEU A 73 -2.43 22.43 6.10
CA LEU A 73 -1.21 21.91 6.71
C LEU A 73 -1.51 21.20 8.02
N GLU A 74 -0.54 20.41 8.49
CA GLU A 74 -0.71 19.66 9.73
C GLU A 74 0.61 19.58 10.50
N GLU A 75 0.52 19.55 11.82
CA GLU A 75 1.71 19.47 12.67
C GLU A 75 1.95 18.04 13.14
N ALA A 76 2.76 17.31 12.38
CA ALA A 76 3.08 15.93 12.73
C ALA A 76 4.33 15.45 11.99
N ASN A 77 5.05 14.51 12.61
CA ASN A 77 6.27 13.97 12.01
C ASN A 77 6.09 13.77 10.51
N PRO A 78 6.66 14.71 9.72
CA PRO A 78 6.59 14.66 8.26
C PRO A 78 7.41 13.52 7.67
N VAL A 79 6.74 12.59 7.00
CA VAL A 79 7.41 11.45 6.39
C VAL A 79 7.47 11.59 4.87
N SER A 80 8.64 11.32 4.30
CA SER A 80 8.82 11.42 2.86
C SER A 80 9.41 10.12 2.29
N GLY A 81 8.95 9.76 1.10
CA GLY A 81 9.43 8.54 0.46
C GLY A 81 9.58 8.69 -1.04
N PRO A 82 10.72 9.24 -1.47
CA PRO A 82 11.00 9.43 -2.90
C PRO A 82 11.23 8.13 -3.64
N SER A 83 10.75 8.07 -4.89
CA SER A 83 10.90 6.86 -5.69
C SER A 83 11.45 7.20 -7.07
N SER A 84 12.14 6.24 -7.69
CA SER A 84 12.73 6.44 -9.01
C SER A 84 12.10 5.49 -10.03
N GLY A 85 11.72 6.04 -11.18
CA GLY A 85 11.12 5.23 -12.22
C GLY A 85 10.40 6.07 -13.27
ZN ZN B . -7.33 4.24 5.57
ZN ZN C . -1.31 12.47 0.13
N GLY A 1 49.62 -59.81 -14.54
CA GLY A 1 48.57 -59.07 -13.84
C GLY A 1 47.84 -58.11 -14.76
N SER A 2 46.60 -57.80 -14.42
CA SER A 2 45.79 -56.89 -15.22
C SER A 2 44.61 -56.37 -14.42
N SER A 3 44.21 -55.13 -14.69
CA SER A 3 43.09 -54.52 -13.99
C SER A 3 42.71 -53.18 -14.63
N GLY A 4 41.54 -52.65 -14.25
CA GLY A 4 41.09 -51.38 -14.81
C GLY A 4 39.58 -51.26 -14.78
N SER A 5 39.11 -50.05 -14.48
CA SER A 5 37.67 -49.80 -14.42
C SER A 5 37.39 -48.31 -14.23
N SER A 6 36.30 -47.84 -14.81
CA SER A 6 35.91 -46.43 -14.69
C SER A 6 34.46 -46.22 -15.13
N GLY A 7 33.98 -44.99 -15.01
CA GLY A 7 32.63 -44.68 -15.40
C GLY A 7 31.88 -43.93 -14.32
N ILE A 8 31.78 -42.61 -14.48
CA ILE A 8 31.08 -41.77 -13.52
C ILE A 8 30.13 -40.80 -14.21
N HIS A 9 28.93 -40.66 -13.66
CA HIS A 9 27.93 -39.75 -14.23
C HIS A 9 26.80 -39.50 -13.22
N HIS A 10 26.46 -38.23 -13.05
CA HIS A 10 25.40 -37.85 -12.12
C HIS A 10 25.12 -36.35 -12.20
N LEU A 11 23.84 -36.00 -12.15
CA LEU A 11 23.44 -34.59 -12.22
C LEU A 11 22.12 -34.36 -11.48
N PRO A 12 22.15 -33.49 -10.47
CA PRO A 12 20.97 -33.17 -9.67
C PRO A 12 19.93 -32.37 -10.45
N PRO A 13 18.73 -32.93 -10.59
CA PRO A 13 17.63 -32.29 -11.32
C PRO A 13 17.08 -31.07 -10.58
N VAL A 14 16.61 -30.09 -11.34
CA VAL A 14 16.05 -28.87 -10.76
C VAL A 14 14.78 -28.45 -11.48
N LYS A 15 13.67 -28.46 -10.74
CA LYS A 15 12.38 -28.07 -11.31
C LYS A 15 11.59 -27.21 -10.34
N ALA A 16 10.88 -26.22 -10.86
CA ALA A 16 10.08 -25.33 -10.04
C ALA A 16 9.07 -24.54 -10.88
N PRO A 17 7.85 -24.41 -10.36
CA PRO A 17 6.77 -23.69 -11.06
C PRO A 17 7.01 -22.19 -11.10
N LEU A 18 6.15 -21.48 -11.81
CA LEU A 18 6.28 -20.02 -11.93
C LEU A 18 5.04 -19.33 -11.38
N GLN A 19 5.02 -19.11 -10.07
CA GLN A 19 3.90 -18.45 -9.42
C GLN A 19 4.26 -18.01 -8.01
N THR A 20 4.27 -16.70 -7.78
CA THR A 20 4.61 -16.15 -6.48
C THR A 20 3.41 -15.44 -5.85
N LYS A 21 2.81 -14.53 -6.60
CA LYS A 21 1.64 -13.79 -6.13
C LYS A 21 0.39 -14.19 -6.90
N LYS A 22 -0.76 -13.77 -6.39
CA LYS A 22 -2.04 -14.09 -7.02
C LYS A 22 -2.57 -12.89 -7.80
N LYS A 23 -2.52 -11.72 -7.18
CA LYS A 23 -3.00 -10.49 -7.82
C LYS A 23 -2.72 -9.28 -6.94
N ILE A 24 -2.31 -8.17 -7.56
CA ILE A 24 -2.03 -6.95 -6.82
C ILE A 24 -3.13 -6.63 -5.83
N MET A 25 -2.77 -6.60 -4.54
CA MET A 25 -3.74 -6.30 -3.49
C MET A 25 -3.30 -5.10 -2.67
N LYS A 26 -3.57 -3.91 -3.20
CA LYS A 26 -3.20 -2.66 -2.52
C LYS A 26 -4.08 -2.44 -1.29
N HIS A 27 -3.67 -1.49 -0.45
CA HIS A 27 -4.42 -1.18 0.77
C HIS A 27 -4.04 0.20 1.30
N CYS A 28 -4.98 0.84 1.98
CA CYS A 28 -4.75 2.18 2.53
C CYS A 28 -3.39 2.24 3.24
N PHE A 29 -2.81 3.43 3.29
CA PHE A 29 -1.53 3.63 3.93
C PHE A 29 -1.69 4.17 5.34
N LEU A 30 -2.77 4.92 5.57
CA LEU A 30 -3.04 5.50 6.87
C LEU A 30 -3.49 4.43 7.86
N CYS A 31 -4.70 3.91 7.66
CA CYS A 31 -5.23 2.87 8.53
C CYS A 31 -4.76 1.49 8.09
N GLY A 32 -4.86 1.22 6.80
CA GLY A 32 -4.44 -0.07 6.27
C GLY A 32 -5.61 -0.97 5.92
N LYS A 33 -6.73 -0.35 5.55
CA LYS A 33 -7.93 -1.10 5.19
C LYS A 33 -7.80 -1.67 3.78
N LYS A 34 -8.49 -2.78 3.53
CA LYS A 34 -8.46 -3.42 2.22
C LYS A 34 -9.04 -2.50 1.15
N THR A 35 -8.32 -2.38 0.04
CA THR A 35 -8.75 -1.52 -1.06
C THR A 35 -8.78 -2.29 -2.37
N GLY A 36 -7.68 -2.95 -2.70
CA GLY A 36 -7.60 -3.72 -3.93
C GLY A 36 -7.21 -2.87 -5.11
N LEU A 37 -8.12 -2.74 -6.08
CA LEU A 37 -7.86 -1.95 -7.27
C LEU A 37 -8.92 -0.87 -7.45
N ALA A 38 -10.19 -1.28 -7.42
CA ALA A 38 -11.30 -0.35 -7.58
C ALA A 38 -11.29 0.70 -6.47
N THR A 39 -11.42 0.24 -5.23
CA THR A 39 -11.44 1.15 -4.08
C THR A 39 -10.14 1.95 -4.00
N SER A 40 -9.01 1.24 -3.92
CA SER A 40 -7.72 1.88 -3.84
C SER A 40 -7.69 3.18 -4.64
N PHE A 41 -7.32 4.27 -3.98
CA PHE A 41 -7.26 5.58 -4.63
C PHE A 41 -5.84 6.14 -4.58
N GLU A 42 -5.52 7.00 -5.55
CA GLU A 42 -4.20 7.61 -5.62
C GLU A 42 -4.26 9.08 -5.21
N CYS A 43 -3.37 9.48 -4.31
CA CYS A 43 -3.32 10.86 -3.84
C CYS A 43 -2.22 11.64 -4.55
N ARG A 44 -2.38 12.96 -4.59
CA ARG A 44 -1.41 13.83 -5.25
C ARG A 44 0.01 13.48 -4.81
N CYS A 45 0.18 13.18 -3.53
CA CYS A 45 1.48 12.84 -2.98
C CYS A 45 1.95 11.49 -3.50
N GLY A 46 1.01 10.55 -3.63
CA GLY A 46 1.34 9.22 -4.12
C GLY A 46 0.83 8.13 -3.20
N ASN A 47 0.86 8.38 -1.91
CA ASN A 47 0.40 7.40 -0.93
C ASN A 47 -1.03 6.94 -1.24
N ASN A 48 -1.27 5.65 -1.09
CA ASN A 48 -2.60 5.09 -1.36
C ASN A 48 -3.43 5.01 -0.07
N PHE A 49 -4.65 5.50 -0.14
CA PHE A 49 -5.54 5.49 1.01
C PHE A 49 -6.92 4.95 0.63
N CYS A 50 -7.71 4.59 1.64
CA CYS A 50 -9.05 4.05 1.41
C CYS A 50 -10.02 5.17 1.04
N ALA A 51 -11.25 4.79 0.70
CA ALA A 51 -12.27 5.76 0.33
C ALA A 51 -12.52 6.76 1.46
N SER A 52 -12.35 6.28 2.69
CA SER A 52 -12.57 7.13 3.87
C SER A 52 -11.40 8.09 4.06
N HIS A 53 -10.19 7.61 3.75
CA HIS A 53 -8.98 8.42 3.90
C HIS A 53 -8.37 8.72 2.54
N ARG A 54 -9.20 8.71 1.50
CA ARG A 54 -8.73 8.98 0.15
C ARG A 54 -8.35 10.45 -0.01
N TYR A 55 -8.95 11.31 0.81
CA TYR A 55 -8.67 12.73 0.76
C TYR A 55 -7.27 13.03 1.28
N ALA A 56 -6.71 14.17 0.85
CA ALA A 56 -5.38 14.57 1.27
C ALA A 56 -5.34 14.86 2.77
N GLU A 57 -6.15 15.83 3.19
CA GLU A 57 -6.21 16.20 4.61
C GLU A 57 -6.51 14.99 5.47
N ALA A 58 -7.41 14.13 5.00
CA ALA A 58 -7.78 12.93 5.74
C ALA A 58 -6.55 12.23 6.32
N HIS A 59 -5.47 12.21 5.54
CA HIS A 59 -4.23 11.57 5.96
C HIS A 59 -3.09 12.59 6.05
N GLY A 60 -3.43 13.81 6.48
CA GLY A 60 -2.43 14.85 6.60
C GLY A 60 -1.43 14.83 5.46
N CYS A 61 -1.94 14.81 4.23
CA CYS A 61 -1.08 14.78 3.05
C CYS A 61 0.13 15.69 3.23
N ASN A 62 1.20 15.39 2.52
CA ASN A 62 2.43 16.18 2.60
C ASN A 62 2.89 16.61 1.22
N TYR A 63 1.93 16.84 0.32
CA TYR A 63 2.25 17.26 -1.04
C TYR A 63 2.65 18.72 -1.08
N ASP A 64 2.26 19.47 -0.05
CA ASP A 64 2.57 20.89 0.04
C ASP A 64 1.83 21.68 -1.03
N TYR A 65 0.51 21.53 -1.07
CA TYR A 65 -0.31 22.21 -2.05
C TYR A 65 -0.11 23.73 -1.97
N LYS A 66 0.55 24.17 -0.90
CA LYS A 66 0.80 25.58 -0.69
C LYS A 66 1.75 26.13 -1.76
N SER A 67 1.58 27.40 -2.11
CA SER A 67 2.42 28.03 -3.11
C SER A 67 2.50 27.17 -4.38
N ALA A 68 1.36 26.62 -4.78
CA ALA A 68 1.31 25.78 -5.97
C ALA A 68 0.32 26.34 -6.99
N GLY A 69 0.39 25.83 -8.22
CA GLY A 69 -0.49 26.30 -9.27
C GLY A 69 0.06 26.02 -10.65
N ARG A 70 -0.79 25.50 -11.53
CA ARG A 70 -0.39 25.18 -12.89
C ARG A 70 0.30 26.38 -13.54
N ARG A 71 1.04 26.13 -14.61
CA ARG A 71 1.75 27.18 -15.33
C ARG A 71 0.97 27.63 -16.56
N TYR A 72 0.56 28.89 -16.57
CA TYR A 72 -0.20 29.45 -17.68
C TYR A 72 0.23 28.81 -19.00
N LEU A 73 1.48 29.05 -19.38
CA LEU A 73 2.02 28.50 -20.62
C LEU A 73 2.28 27.01 -20.49
N GLU A 74 2.00 26.26 -21.55
CA GLU A 74 2.22 24.82 -21.55
C GLU A 74 3.61 24.47 -21.01
N GLU A 75 3.63 23.78 -19.88
CA GLU A 75 4.90 23.39 -19.27
C GLU A 75 5.60 22.31 -20.09
N ALA A 76 6.93 22.31 -20.04
CA ALA A 76 7.72 21.34 -20.78
C ALA A 76 7.84 20.03 -20.01
N ASN A 77 6.84 19.17 -20.14
CA ASN A 77 6.83 17.88 -19.45
C ASN A 77 7.91 16.96 -20.01
N PRO A 78 8.81 16.50 -19.13
CA PRO A 78 9.90 15.60 -19.52
C PRO A 78 9.41 14.21 -19.90
N VAL A 79 9.06 14.05 -21.17
CA VAL A 79 8.57 12.76 -21.67
C VAL A 79 9.51 12.19 -22.72
N SER A 80 9.98 10.98 -22.48
CA SER A 80 10.89 10.31 -23.42
C SER A 80 10.30 9.00 -23.92
N GLY A 81 10.10 8.91 -25.23
CA GLY A 81 9.54 7.71 -25.81
C GLY A 81 8.45 8.01 -26.83
N PRO A 82 7.62 7.00 -27.14
CA PRO A 82 6.53 7.15 -28.10
C PRO A 82 5.41 8.04 -27.58
N SER A 83 4.59 8.55 -28.50
CA SER A 83 3.48 9.41 -28.13
C SER A 83 2.20 8.98 -28.83
N SER A 84 1.38 8.20 -28.14
CA SER A 84 0.12 7.72 -28.69
C SER A 84 -0.68 6.95 -27.64
N GLY A 85 -1.87 7.45 -27.34
CA GLY A 85 -2.72 6.81 -26.35
C GLY A 85 -3.42 5.58 -26.90
ZN ZN B . -7.72 4.35 5.46
ZN ZN C . -1.49 12.59 -0.05
N GLY A 1 10.34 -70.89 17.93
CA GLY A 1 10.86 -69.72 17.23
C GLY A 1 10.69 -68.45 18.04
N SER A 2 10.69 -67.32 17.36
CA SER A 2 10.55 -66.02 18.01
C SER A 2 10.19 -64.94 17.00
N SER A 3 9.68 -63.81 17.51
CA SER A 3 9.29 -62.69 16.65
C SER A 3 8.93 -61.47 17.48
N GLY A 4 8.65 -60.37 16.81
CA GLY A 4 8.29 -59.14 17.50
C GLY A 4 7.69 -58.10 16.56
N SER A 5 7.15 -57.04 17.15
CA SER A 5 6.54 -55.97 16.36
C SER A 5 6.46 -54.67 17.17
N SER A 6 6.59 -53.54 16.48
CA SER A 6 6.54 -52.25 17.13
C SER A 6 5.25 -51.52 16.79
N GLY A 7 5.06 -51.21 15.51
CA GLY A 7 3.86 -50.51 15.07
C GLY A 7 4.08 -49.02 14.94
N ILE A 8 3.96 -48.52 13.71
CA ILE A 8 4.14 -47.10 13.44
C ILE A 8 3.09 -46.59 12.46
N HIS A 9 2.34 -45.58 12.87
CA HIS A 9 1.30 -45.00 12.03
C HIS A 9 1.10 -43.52 12.36
N HIS A 10 1.15 -42.67 11.34
CA HIS A 10 0.97 -41.24 11.51
C HIS A 10 0.94 -40.52 10.16
N LEU A 11 -0.19 -39.89 9.86
CA LEU A 11 -0.35 -39.17 8.60
C LEU A 11 -1.15 -37.89 8.80
N PRO A 12 -0.50 -36.74 8.59
CA PRO A 12 -1.12 -35.43 8.74
C PRO A 12 -2.17 -35.16 7.66
N PRO A 13 -2.98 -34.10 7.86
CA PRO A 13 -4.02 -33.72 6.91
C PRO A 13 -3.45 -33.14 5.63
N VAL A 14 -4.09 -33.44 4.51
CA VAL A 14 -3.65 -32.95 3.21
C VAL A 14 -4.73 -32.11 2.54
N LYS A 15 -4.37 -30.88 2.17
CA LYS A 15 -5.32 -29.98 1.51
C LYS A 15 -4.59 -29.05 0.56
N ALA A 16 -5.26 -28.70 -0.54
CA ALA A 16 -4.67 -27.81 -1.53
C ALA A 16 -5.62 -26.67 -1.86
N PRO A 17 -5.17 -25.42 -1.63
CA PRO A 17 -5.95 -24.22 -1.88
C PRO A 17 -6.15 -23.96 -3.37
N LEU A 18 -7.34 -23.52 -3.75
CA LEU A 18 -7.65 -23.23 -5.15
C LEU A 18 -8.66 -22.10 -5.25
N GLN A 19 -8.37 -21.12 -6.12
CA GLN A 19 -9.26 -19.99 -6.32
C GLN A 19 -8.79 -19.13 -7.49
N THR A 20 -9.62 -19.04 -8.53
CA THR A 20 -9.28 -18.25 -9.70
C THR A 20 -9.61 -16.77 -9.49
N LYS A 21 -9.34 -16.29 -8.28
CA LYS A 21 -9.61 -14.89 -7.94
C LYS A 21 -8.29 -14.13 -7.73
N LYS A 22 -7.81 -13.49 -8.79
CA LYS A 22 -6.56 -12.73 -8.71
C LYS A 22 -6.79 -11.29 -9.16
N LYS A 23 -6.14 -10.35 -8.49
CA LYS A 23 -6.26 -8.94 -8.83
C LYS A 23 -5.24 -8.10 -8.05
N ILE A 24 -4.87 -6.96 -8.62
CA ILE A 24 -3.91 -6.07 -7.98
C ILE A 24 -4.18 -5.95 -6.48
N MET A 25 -3.17 -6.28 -5.68
CA MET A 25 -3.28 -6.20 -4.23
C MET A 25 -2.86 -4.84 -3.71
N LYS A 26 -3.79 -4.15 -3.04
CA LYS A 26 -3.51 -2.82 -2.50
C LYS A 26 -4.22 -2.63 -1.16
N HIS A 27 -3.79 -1.63 -0.41
CA HIS A 27 -4.38 -1.33 0.89
C HIS A 27 -3.97 0.06 1.38
N CYS A 28 -4.86 0.70 2.12
CA CYS A 28 -4.58 2.04 2.65
C CYS A 28 -3.24 2.08 3.36
N PHE A 29 -2.55 3.21 3.25
CA PHE A 29 -1.24 3.38 3.89
C PHE A 29 -1.39 4.04 5.26
N LEU A 30 -2.49 4.75 5.44
CA LEU A 30 -2.75 5.43 6.71
C LEU A 30 -3.23 4.45 7.77
N CYS A 31 -4.43 3.90 7.57
CA CYS A 31 -4.99 2.93 8.50
C CYS A 31 -4.51 1.53 8.21
N GLY A 32 -4.58 1.14 6.94
CA GLY A 32 -4.15 -0.19 6.55
C GLY A 32 -5.29 -1.07 6.08
N LYS A 33 -6.40 -0.44 5.71
CA LYS A 33 -7.57 -1.17 5.25
C LYS A 33 -7.39 -1.62 3.80
N LYS A 34 -7.68 -2.90 3.54
CA LYS A 34 -7.56 -3.45 2.20
C LYS A 34 -8.37 -2.64 1.20
N THR A 35 -7.84 -2.51 -0.02
CA THR A 35 -8.52 -1.76 -1.07
C THR A 35 -8.49 -2.52 -2.39
N GLY A 36 -9.28 -3.59 -2.47
CA GLY A 36 -9.32 -4.39 -3.68
C GLY A 36 -10.38 -3.90 -4.65
N LEU A 37 -11.60 -3.72 -4.16
CA LEU A 37 -12.70 -3.25 -4.99
C LEU A 37 -12.31 -1.99 -5.76
N ALA A 38 -13.26 -1.45 -6.51
CA ALA A 38 -13.02 -0.24 -7.30
C ALA A 38 -13.07 1.00 -6.42
N THR A 39 -12.42 0.93 -5.27
CA THR A 39 -12.39 2.06 -4.34
C THR A 39 -10.99 2.64 -4.22
N SER A 40 -9.99 1.84 -4.59
CA SER A 40 -8.60 2.28 -4.52
C SER A 40 -8.43 3.66 -5.12
N PHE A 41 -7.89 4.58 -4.34
CA PHE A 41 -7.68 5.95 -4.81
C PHE A 41 -6.21 6.36 -4.67
N GLU A 42 -5.84 7.47 -5.29
CA GLU A 42 -4.47 7.95 -5.23
C GLU A 42 -4.43 9.42 -4.78
N CYS A 43 -3.40 9.76 -4.02
CA CYS A 43 -3.24 11.12 -3.52
C CYS A 43 -2.09 11.83 -4.22
N ARG A 44 -2.05 13.16 -4.10
CA ARG A 44 -0.99 13.95 -4.72
C ARG A 44 0.39 13.41 -4.34
N CYS A 45 0.51 12.93 -3.12
CA CYS A 45 1.77 12.39 -2.62
C CYS A 45 2.12 11.09 -3.34
N GLY A 46 1.11 10.29 -3.64
CA GLY A 46 1.33 9.03 -4.32
C GLY A 46 1.12 7.83 -3.41
N ASN A 47 0.29 8.00 -2.39
CA ASN A 47 0.01 6.93 -1.44
C ASN A 47 -1.42 6.43 -1.58
N ASN A 48 -1.58 5.11 -1.64
CA ASN A 48 -2.89 4.51 -1.78
C ASN A 48 -3.63 4.50 -0.44
N PHE A 49 -4.76 5.19 -0.38
CA PHE A 49 -5.55 5.26 0.83
C PHE A 49 -6.97 4.76 0.59
N CYS A 50 -7.69 4.47 1.67
CA CYS A 50 -9.06 3.98 1.57
C CYS A 50 -10.02 5.12 1.24
N ALA A 51 -11.25 4.76 0.89
CA ALA A 51 -12.27 5.75 0.55
C ALA A 51 -12.43 6.77 1.67
N SER A 52 -12.19 6.34 2.90
CA SER A 52 -12.32 7.21 4.06
C SER A 52 -11.12 8.16 4.17
N HIS A 53 -9.95 7.66 3.78
CA HIS A 53 -8.73 8.47 3.83
C HIS A 53 -8.18 8.71 2.43
N ARG A 54 -9.06 8.66 1.44
CA ARG A 54 -8.66 8.87 0.06
C ARG A 54 -8.29 10.34 -0.18
N TYR A 55 -8.89 11.23 0.59
CA TYR A 55 -8.61 12.65 0.47
C TYR A 55 -7.30 13.02 1.13
N ALA A 56 -6.64 14.06 0.62
CA ALA A 56 -5.37 14.51 1.17
C ALA A 56 -5.53 14.98 2.61
N GLU A 57 -6.45 15.92 2.82
CA GLU A 57 -6.71 16.45 4.16
C GLU A 57 -7.00 15.34 5.15
N ALA A 58 -7.79 14.36 4.69
CA ALA A 58 -8.16 13.22 5.54
C ALA A 58 -6.94 12.65 6.24
N HIS A 59 -5.81 12.58 5.52
CA HIS A 59 -4.58 12.04 6.08
C HIS A 59 -3.50 13.11 6.13
N GLY A 60 -3.91 14.35 6.41
CA GLY A 60 -2.96 15.45 6.49
C GLY A 60 -1.84 15.32 5.47
N CYS A 61 -2.22 15.26 4.19
CA CYS A 61 -1.24 15.14 3.12
C CYS A 61 0.00 15.99 3.40
N ASN A 62 1.12 15.59 2.82
CA ASN A 62 2.37 16.32 3.01
C ASN A 62 2.85 16.94 1.70
N TYR A 63 2.78 16.16 0.63
CA TYR A 63 3.19 16.63 -0.69
C TYR A 63 2.85 18.10 -0.89
N ASP A 64 3.88 18.91 -1.17
CA ASP A 64 3.68 20.33 -1.39
C ASP A 64 2.87 20.60 -2.64
N TYR A 65 1.56 20.78 -2.47
CA TYR A 65 0.67 21.03 -3.61
C TYR A 65 0.20 22.48 -3.60
N LYS A 66 1.11 23.39 -3.29
CA LYS A 66 0.79 24.82 -3.26
C LYS A 66 0.87 25.43 -4.65
N SER A 67 1.97 25.19 -5.34
CA SER A 67 2.17 25.71 -6.69
C SER A 67 2.15 24.59 -7.71
N ALA A 68 0.95 24.17 -8.11
CA ALA A 68 0.79 23.10 -9.08
C ALA A 68 -0.13 23.54 -10.22
N GLY A 69 0.00 24.79 -10.64
CA GLY A 69 -0.83 25.30 -11.72
C GLY A 69 -1.25 26.74 -11.49
N ARG A 70 -1.75 27.03 -10.29
CA ARG A 70 -2.20 28.37 -9.95
C ARG A 70 -1.00 29.32 -9.83
N ARG A 71 -1.20 30.57 -10.24
CA ARG A 71 -0.14 31.56 -10.17
C ARG A 71 1.06 31.15 -11.02
N TYR A 72 0.80 30.70 -12.24
CA TYR A 72 1.84 30.27 -13.15
C TYR A 72 2.44 31.46 -13.89
N LEU A 73 3.61 31.24 -14.51
CA LEU A 73 4.27 32.30 -15.26
C LEU A 73 3.74 32.38 -16.69
N GLU A 74 3.62 33.59 -17.20
CA GLU A 74 3.12 33.80 -18.56
C GLU A 74 4.27 34.04 -19.52
N GLU A 75 4.23 33.36 -20.67
CA GLU A 75 5.27 33.49 -21.67
C GLU A 75 5.17 34.84 -22.38
N ALA A 76 6.00 35.79 -21.95
CA ALA A 76 6.01 37.12 -22.54
C ALA A 76 6.28 37.05 -24.05
N ASN A 77 5.24 37.26 -24.83
CA ASN A 77 5.35 37.23 -26.30
C ASN A 77 4.95 38.56 -26.90
N PRO A 78 5.77 39.06 -27.84
CA PRO A 78 5.52 40.33 -28.52
C PRO A 78 4.33 40.25 -29.47
N VAL A 79 3.27 40.99 -29.16
CA VAL A 79 2.06 41.01 -29.98
C VAL A 79 1.09 42.08 -29.51
N SER A 80 0.39 42.70 -30.46
CA SER A 80 -0.57 43.75 -30.14
C SER A 80 -1.80 43.16 -29.45
N GLY A 81 -2.53 44.01 -28.75
CA GLY A 81 -3.73 43.56 -28.05
C GLY A 81 -4.66 42.75 -28.94
N PRO A 82 -5.41 41.83 -28.33
CA PRO A 82 -6.36 40.98 -29.05
C PRO A 82 -7.55 41.75 -29.60
N SER A 83 -8.05 41.35 -30.75
CA SER A 83 -9.19 42.01 -31.37
C SER A 83 -10.18 42.49 -30.32
N SER A 84 -10.69 43.71 -30.49
CA SER A 84 -11.65 44.28 -29.55
C SER A 84 -12.94 43.46 -29.53
N GLY A 85 -13.56 43.31 -30.68
CA GLY A 85 -14.79 42.55 -30.77
C GLY A 85 -15.87 43.28 -31.54
ZN ZN B . -7.47 4.54 5.46
ZN ZN C . -1.37 12.70 0.32
N GLY A 1 38.40 -46.03 35.80
CA GLY A 1 38.50 -45.95 34.35
C GLY A 1 37.30 -46.53 33.65
N SER A 2 37.05 -46.07 32.42
CA SER A 2 35.91 -46.56 31.65
C SER A 2 35.98 -46.04 30.21
N SER A 3 35.08 -46.53 29.36
CA SER A 3 35.04 -46.12 27.97
C SER A 3 33.77 -46.62 27.29
N GLY A 4 33.45 -46.05 26.14
CA GLY A 4 32.26 -46.44 25.42
C GLY A 4 31.64 -45.29 24.64
N SER A 5 31.08 -45.61 23.47
CA SER A 5 30.46 -44.59 22.63
C SER A 5 29.52 -45.23 21.61
N SER A 6 28.56 -44.45 21.13
CA SER A 6 27.61 -44.94 20.14
C SER A 6 26.77 -43.79 19.58
N GLY A 7 26.50 -43.86 18.28
CA GLY A 7 25.72 -42.82 17.63
C GLY A 7 25.28 -43.20 16.23
N ILE A 8 24.16 -42.65 15.78
CA ILE A 8 23.64 -42.94 14.46
C ILE A 8 22.84 -41.76 13.91
N HIS A 9 22.93 -41.56 12.60
CA HIS A 9 22.22 -40.46 11.95
C HIS A 9 21.72 -40.88 10.58
N HIS A 10 20.56 -40.33 10.18
CA HIS A 10 19.97 -40.65 8.89
C HIS A 10 18.82 -39.71 8.57
N LEU A 11 18.95 -38.98 7.46
CA LEU A 11 17.92 -38.04 7.04
C LEU A 11 17.09 -38.60 5.89
N PRO A 12 15.77 -38.64 6.08
CA PRO A 12 14.84 -39.17 5.08
C PRO A 12 14.73 -38.24 3.87
N PRO A 13 14.28 -38.80 2.74
CA PRO A 13 14.12 -38.05 1.49
C PRO A 13 12.97 -37.05 1.56
N VAL A 14 13.29 -35.83 1.96
CA VAL A 14 12.28 -34.78 2.07
C VAL A 14 12.56 -33.64 1.08
N LYS A 15 11.89 -33.68 -0.06
CA LYS A 15 12.05 -32.65 -1.09
C LYS A 15 10.72 -32.06 -1.49
N ALA A 16 10.46 -30.83 -1.05
CA ALA A 16 9.21 -30.15 -1.37
C ALA A 16 9.39 -29.19 -2.55
N PRO A 17 8.48 -29.25 -3.52
CA PRO A 17 8.51 -28.40 -4.71
C PRO A 17 8.21 -26.94 -4.39
N LEU A 18 8.16 -26.11 -5.42
CA LEU A 18 7.87 -24.69 -5.25
C LEU A 18 6.69 -24.26 -6.11
N GLN A 19 6.09 -23.13 -5.75
CA GLN A 19 4.94 -22.61 -6.50
C GLN A 19 5.29 -21.28 -7.17
N THR A 20 4.58 -20.96 -8.24
CA THR A 20 4.80 -19.72 -8.97
C THR A 20 3.50 -18.97 -9.21
N LYS A 21 3.26 -17.94 -8.41
CA LYS A 21 2.04 -17.14 -8.54
C LYS A 21 2.12 -15.88 -7.68
N LYS A 22 1.52 -14.81 -8.15
CA LYS A 22 1.52 -13.53 -7.43
C LYS A 22 0.29 -12.71 -7.79
N LYS A 23 -0.44 -12.27 -6.77
CA LYS A 23 -1.64 -11.46 -6.98
C LYS A 23 -1.51 -10.11 -6.28
N ILE A 24 -1.55 -9.04 -7.07
CA ILE A 24 -1.45 -7.69 -6.52
C ILE A 24 -2.16 -7.58 -5.18
N MET A 25 -1.41 -7.22 -4.14
CA MET A 25 -1.98 -7.07 -2.81
C MET A 25 -1.59 -5.73 -2.20
N LYS A 26 -2.53 -4.77 -2.24
CA LYS A 26 -2.28 -3.44 -1.69
C LYS A 26 -3.43 -3.01 -0.79
N HIS A 27 -3.22 -1.92 -0.05
CA HIS A 27 -4.24 -1.40 0.86
C HIS A 27 -3.85 -0.03 1.39
N CYS A 28 -4.82 0.68 1.95
CA CYS A 28 -4.58 2.01 2.49
C CYS A 28 -3.26 2.06 3.26
N PHE A 29 -2.60 3.20 3.22
CA PHE A 29 -1.32 3.37 3.92
C PHE A 29 -1.53 3.97 5.31
N LEU A 30 -2.61 4.72 5.46
CA LEU A 30 -2.94 5.36 6.74
C LEU A 30 -3.30 4.31 7.78
N CYS A 31 -4.48 3.70 7.62
CA CYS A 31 -4.96 2.69 8.54
C CYS A 31 -4.55 1.29 8.07
N GLY A 32 -4.80 1.01 6.80
CA GLY A 32 -4.46 -0.29 6.24
C GLY A 32 -5.66 -1.00 5.67
N LYS A 33 -6.72 -0.25 5.39
CA LYS A 33 -7.94 -0.83 4.83
C LYS A 33 -7.68 -1.48 3.48
N LYS A 34 -8.17 -2.70 3.31
CA LYS A 34 -7.99 -3.43 2.06
C LYS A 34 -8.76 -2.77 0.92
N THR A 35 -8.05 -2.08 0.03
CA THR A 35 -8.67 -1.40 -1.10
C THR A 35 -8.57 -2.25 -2.36
N GLY A 36 -9.03 -1.69 -3.48
CA GLY A 36 -8.98 -2.40 -4.74
C GLY A 36 -9.05 -1.47 -5.93
N LEU A 37 -9.26 -2.04 -7.12
CA LEU A 37 -9.34 -1.25 -8.34
C LEU A 37 -10.10 0.05 -8.10
N ALA A 38 -11.29 -0.06 -7.53
CA ALA A 38 -12.11 1.10 -7.24
C ALA A 38 -11.83 1.64 -5.85
N THR A 39 -12.19 0.86 -4.83
CA THR A 39 -11.98 1.27 -3.45
C THR A 39 -10.67 2.02 -3.29
N SER A 40 -9.63 1.53 -3.95
CA SER A 40 -8.31 2.16 -3.88
C SER A 40 -8.28 3.44 -4.70
N PHE A 41 -7.67 4.48 -4.14
CA PHE A 41 -7.57 5.77 -4.82
C PHE A 41 -6.14 6.29 -4.78
N GLU A 42 -5.92 7.42 -5.46
CA GLU A 42 -4.59 8.02 -5.51
C GLU A 42 -4.61 9.45 -4.96
N CYS A 43 -3.56 9.82 -4.26
CA CYS A 43 -3.46 11.16 -3.68
C CYS A 43 -2.32 11.95 -4.33
N ARG A 44 -2.37 13.27 -4.20
CA ARG A 44 -1.34 14.13 -4.77
C ARG A 44 0.05 13.60 -4.46
N CYS A 45 0.21 13.01 -3.28
CA CYS A 45 1.49 12.45 -2.87
C CYS A 45 1.75 11.12 -3.56
N GLY A 46 0.69 10.36 -3.80
CA GLY A 46 0.83 9.07 -4.44
C GLY A 46 0.36 7.92 -3.57
N ASN A 47 0.66 8.01 -2.27
CA ASN A 47 0.26 6.98 -1.33
C ASN A 47 -1.19 6.58 -1.53
N ASN A 48 -1.47 5.28 -1.38
CA ASN A 48 -2.82 4.76 -1.55
C ASN A 48 -3.57 4.77 -0.23
N PHE A 49 -4.76 5.36 -0.23
CA PHE A 49 -5.59 5.43 0.96
C PHE A 49 -7.00 4.92 0.69
N CYS A 50 -7.76 4.69 1.75
CA CYS A 50 -9.13 4.20 1.62
C CYS A 50 -10.08 5.34 1.25
N ALA A 51 -11.25 4.98 0.76
CA ALA A 51 -12.25 5.96 0.37
C ALA A 51 -12.46 7.00 1.47
N SER A 52 -12.19 6.60 2.70
CA SER A 52 -12.36 7.49 3.85
C SER A 52 -11.14 8.39 4.02
N HIS A 53 -9.97 7.86 3.69
CA HIS A 53 -8.73 8.62 3.79
C HIS A 53 -8.16 8.93 2.42
N ARG A 54 -9.00 8.84 1.40
CA ARG A 54 -8.59 9.11 0.02
C ARG A 54 -8.22 10.58 -0.15
N TYR A 55 -8.85 11.44 0.65
CA TYR A 55 -8.61 12.87 0.58
C TYR A 55 -7.33 13.24 1.33
N ALA A 56 -6.47 14.02 0.68
CA ALA A 56 -5.22 14.45 1.29
C ALA A 56 -5.43 14.85 2.75
N GLU A 57 -6.25 15.86 2.96
CA GLU A 57 -6.53 16.35 4.31
C GLU A 57 -6.86 15.18 5.24
N ALA A 58 -7.62 14.22 4.73
CA ALA A 58 -8.01 13.05 5.51
C ALA A 58 -6.80 12.44 6.21
N HIS A 59 -5.65 12.46 5.53
CA HIS A 59 -4.42 11.89 6.08
C HIS A 59 -3.32 12.95 6.14
N GLY A 60 -3.71 14.18 6.45
CA GLY A 60 -2.74 15.27 6.53
C GLY A 60 -1.65 15.15 5.47
N CYS A 61 -2.07 15.03 4.21
CA CYS A 61 -1.12 14.92 3.11
C CYS A 61 0.08 15.84 3.31
N ASN A 62 1.24 15.40 2.87
CA ASN A 62 2.47 16.19 3.00
C ASN A 62 2.80 16.89 1.69
N TYR A 63 2.67 16.16 0.59
CA TYR A 63 2.96 16.71 -0.74
C TYR A 63 2.50 18.15 -0.83
N ASP A 64 3.27 18.96 -1.57
CA ASP A 64 2.95 20.37 -1.75
C ASP A 64 2.08 20.58 -2.99
N TYR A 65 0.77 20.71 -2.79
CA TYR A 65 -0.16 20.91 -3.89
C TYR A 65 -0.68 22.34 -3.91
N LYS A 66 -1.39 22.69 -4.97
CA LYS A 66 -1.95 24.02 -5.12
C LYS A 66 -2.90 24.09 -6.32
N SER A 67 -4.14 24.49 -6.06
CA SER A 67 -5.14 24.59 -7.11
C SER A 67 -5.32 23.26 -7.82
N ALA A 68 -5.21 22.17 -7.07
CA ALA A 68 -5.36 20.83 -7.62
C ALA A 68 -6.82 20.38 -7.55
N GLY A 69 -7.58 20.71 -8.59
CA GLY A 69 -8.99 20.33 -8.62
C GLY A 69 -9.92 21.50 -8.39
N ARG A 70 -10.85 21.33 -7.47
CA ARG A 70 -11.82 22.39 -7.15
C ARG A 70 -11.22 23.38 -6.15
N ARG A 71 -11.84 24.56 -6.06
CA ARG A 71 -11.37 25.59 -5.15
C ARG A 71 -12.25 25.66 -3.91
N TYR A 72 -12.70 24.50 -3.44
CA TYR A 72 -13.55 24.43 -2.26
C TYR A 72 -12.91 25.14 -1.08
N LEU A 73 -13.74 25.68 -0.20
CA LEU A 73 -13.26 26.39 0.99
C LEU A 73 -13.57 25.61 2.26
N GLU A 74 -12.55 24.99 2.83
CA GLU A 74 -12.71 24.21 4.05
C GLU A 74 -12.89 25.13 5.26
N GLU A 75 -13.35 24.55 6.37
CA GLU A 75 -13.56 25.32 7.60
C GLU A 75 -12.24 25.67 8.25
N ALA A 76 -12.16 26.88 8.81
CA ALA A 76 -10.95 27.34 9.48
C ALA A 76 -10.72 26.58 10.77
N ASN A 77 -9.63 25.82 10.82
CA ASN A 77 -9.29 25.03 12.00
C ASN A 77 -8.30 25.79 12.89
N PRO A 78 -8.77 26.18 14.09
CA PRO A 78 -7.94 26.91 15.06
C PRO A 78 -6.83 26.05 15.65
N VAL A 79 -5.60 26.34 15.26
CA VAL A 79 -4.45 25.59 15.76
C VAL A 79 -3.92 26.19 17.06
N SER A 80 -3.83 25.35 18.09
CA SER A 80 -3.35 25.80 19.39
C SER A 80 -2.08 26.63 19.25
N GLY A 81 -1.77 27.40 20.28
CA GLY A 81 -0.59 28.24 20.25
C GLY A 81 -0.90 29.66 19.82
N PRO A 82 -0.42 30.04 18.62
CA PRO A 82 -0.63 31.39 18.07
C PRO A 82 -2.09 31.63 17.68
N SER A 83 -2.82 32.32 18.55
CA SER A 83 -4.22 32.62 18.29
C SER A 83 -4.55 34.06 18.66
N SER A 84 -5.78 34.48 18.37
CA SER A 84 -6.21 35.84 18.66
C SER A 84 -7.61 35.84 19.27
N GLY A 85 -8.02 36.99 19.81
CA GLY A 85 -9.34 37.10 20.41
C GLY A 85 -9.38 38.14 21.51
ZN ZN B . -7.41 4.21 5.61
ZN ZN C . -1.38 12.48 0.11
#